data_2N0S
#
_entry.id   2N0S
#
_cell.length_a   1.000
_cell.length_b   1.000
_cell.length_c   1.000
_cell.angle_alpha   90.00
_cell.angle_beta   90.00
_cell.angle_gamma   90.00
#
_symmetry.space_group_name_H-M   'P 1'
#
loop_
_entity.id
_entity.type
_entity.pdbx_description
1 polymer Fe-hydrogenase
2 polymer 'Ferredoxin, chloroplastic'
3 non-polymer 'IRON/SULFUR CLUSTER'
4 non-polymer 'FE2/S2 (INORGANIC) CLUSTER'
#
loop_
_entity_poly.entity_id
_entity_poly.type
_entity_poly.pdbx_seq_one_letter_code
_entity_poly.pdbx_strand_id
1 'polypeptide(L)'
;GAAPAAEAPLSHVQQALAELAKPKDDPTRKHVCVQVAPAVRVAIAETLGLAPGATTPKQLAEGLRRLGFDEVFDTLFGAD
LTIMEEGSELLHRLTEHLEAHPHSDEPLPMFTSCCPGWIAMLEKSYPDLIPYVSSCKSPQMMLAAMVKSYLAEKKGIAPK
DMVMVSIMPCTRKQSEADRDWFCVDADPTLRQLDHVITTVELGNIFKERGINLAELPEGEWDNPMGVGSGAGVLFGTTGG
VMEAALRTAYELFTGTPLPRLSLSEVRGMDGIKETNITMVPAPGSKFEELLKHRAAARAEAAAHGTPGPLAWDGGAGFTS
EDGRGGITLRVAVANGLGNAKKLITKMQAGEAKYDFVEIMACPAGCVGGGGQPRSTDKAITQKRQAALYNLDEKSTLRRS
HENPSIRELYDTYLGEPLGHKAHELLHTHYVAGGVEEKDEKK
;
A
2 'polypeptide(L)'
;YKVTLKTPSGDKTIECPADTYILDAAEEAGLDLPYSCRAGACSSCAGKVAAGTVDQSDQSFLDDAQMGNGFVLTCVAYPT
SDCTIQTHQEEALY
;
B
#
# COMPACT_ATOMS: atom_id res chain seq x y z
N LEU A 10 10.24 -11.10 -21.48
CA LEU A 10 9.80 -12.00 -20.38
C LEU A 10 9.26 -11.18 -19.23
N SER A 11 8.33 -11.77 -18.48
CA SER A 11 7.73 -11.08 -17.33
C SER A 11 8.78 -10.93 -16.21
N HIS A 12 8.58 -9.93 -15.35
CA HIS A 12 9.49 -9.69 -14.25
C HIS A 12 9.57 -10.90 -13.32
N VAL A 13 8.46 -11.61 -13.20
CA VAL A 13 8.39 -12.81 -12.36
C VAL A 13 9.28 -13.90 -12.94
N GLN A 14 9.18 -14.09 -14.26
CA GLN A 14 9.98 -15.10 -14.95
C GLN A 14 11.47 -14.80 -14.82
N GLN A 15 11.80 -13.51 -14.86
CA GLN A 15 13.19 -13.06 -14.74
C GLN A 15 13.79 -13.51 -13.42
N ALA A 16 12.97 -13.54 -12.38
CA ALA A 16 13.43 -13.97 -11.06
C ALA A 16 13.72 -15.45 -11.06
N LEU A 17 12.86 -16.21 -11.72
CA LEU A 17 13.00 -17.66 -11.81
C LEU A 17 14.26 -18.04 -12.58
N ALA A 18 14.67 -17.17 -13.50
CA ALA A 18 15.87 -17.41 -14.30
C ALA A 18 17.12 -17.41 -13.42
N GLU A 19 17.22 -16.41 -12.55
CA GLU A 19 18.37 -16.31 -11.64
C GLU A 19 18.32 -17.41 -10.59
N LEU A 20 17.12 -17.75 -10.16
CA LEU A 20 16.94 -18.80 -9.15
C LEU A 20 17.34 -20.16 -9.69
N ALA A 21 17.14 -20.36 -10.98
CA ALA A 21 17.48 -21.62 -11.63
C ALA A 21 19.00 -21.84 -11.64
N LYS A 22 19.75 -20.75 -11.59
CA LYS A 22 21.20 -20.83 -11.58
C LYS A 22 21.69 -21.34 -10.23
N PRO A 23 22.66 -22.26 -10.24
CA PRO A 23 23.22 -22.84 -9.01
C PRO A 23 23.74 -21.77 -8.06
N LYS A 24 23.74 -22.08 -6.77
CA LYS A 24 24.20 -21.14 -5.75
C LYS A 24 25.66 -20.77 -5.94
N ASP A 25 26.44 -21.74 -6.40
CA ASP A 25 27.87 -21.53 -6.62
C ASP A 25 28.18 -21.19 -8.08
N ASP A 26 27.15 -20.83 -8.84
CA ASP A 26 27.32 -20.48 -10.25
C ASP A 26 28.07 -19.16 -10.37
N PRO A 27 29.06 -19.10 -11.29
CA PRO A 27 29.87 -17.90 -11.51
C PRO A 27 29.07 -16.66 -11.93
N THR A 28 27.88 -16.87 -12.48
CA THR A 28 27.04 -15.75 -12.91
C THR A 28 25.84 -15.58 -11.98
N ARG A 29 25.81 -16.38 -10.93
CA ARG A 29 24.72 -16.33 -9.95
C ARG A 29 24.96 -15.21 -8.95
N LYS A 30 23.94 -14.40 -8.75
CA LYS A 30 24.02 -13.28 -7.81
C LYS A 30 23.17 -13.59 -6.58
N HIS A 31 23.17 -12.68 -5.62
CA HIS A 31 22.38 -12.88 -4.41
C HIS A 31 20.95 -12.42 -4.64
N VAL A 32 20.02 -13.36 -4.55
CA VAL A 32 18.62 -13.05 -4.77
C VAL A 32 17.86 -12.95 -3.45
N CYS A 33 17.60 -11.74 -3.03
CA CYS A 33 16.88 -11.47 -1.79
C CYS A 33 15.41 -11.21 -2.11
N VAL A 34 14.52 -11.66 -1.24
CA VAL A 34 13.09 -11.46 -1.47
C VAL A 34 12.41 -10.89 -0.23
N GLN A 35 11.46 -10.00 -0.46
CA GLN A 35 10.70 -9.39 0.63
C GLN A 35 9.21 -9.67 0.44
N VAL A 36 8.57 -10.21 1.45
CA VAL A 36 7.15 -10.54 1.38
C VAL A 36 6.35 -9.61 2.27
N ALA A 37 5.07 -9.43 1.94
CA ALA A 37 4.19 -8.59 2.72
C ALA A 37 3.24 -9.43 3.56
N PRO A 38 2.90 -8.96 4.78
CA PRO A 38 1.98 -9.67 5.68
C PRO A 38 0.64 -9.95 5.03
N ALA A 39 0.20 -9.04 4.16
CA ALA A 39 -1.07 -9.19 3.45
C ALA A 39 -1.03 -10.39 2.51
N VAL A 40 0.17 -10.78 2.09
CA VAL A 40 0.33 -11.92 1.21
C VAL A 40 0.39 -13.21 2.01
N ARG A 41 1.08 -13.14 3.15
CA ARG A 41 1.24 -14.29 4.03
C ARG A 41 -0.10 -14.86 4.50
N VAL A 42 -1.10 -14.00 4.63
CA VAL A 42 -2.42 -14.44 5.08
C VAL A 42 -3.27 -15.05 3.95
N ALA A 43 -3.19 -14.46 2.76
CA ALA A 43 -3.99 -14.93 1.63
C ALA A 43 -3.31 -16.03 0.82
N ILE A 44 -2.00 -16.22 1.03
CA ILE A 44 -1.25 -17.23 0.29
C ILE A 44 -1.83 -18.64 0.51
N ALA A 45 -2.53 -18.84 1.62
CA ALA A 45 -3.13 -20.13 1.93
C ALA A 45 -4.28 -20.45 0.98
N GLU A 46 -4.99 -19.42 0.54
CA GLU A 46 -6.12 -19.61 -0.37
C GLU A 46 -5.66 -20.15 -1.71
N THR A 47 -4.43 -19.80 -2.10
CA THR A 47 -3.87 -20.27 -3.37
C THR A 47 -3.63 -21.77 -3.34
N LEU A 48 -3.62 -22.35 -2.14
CA LEU A 48 -3.42 -23.78 -1.96
C LEU A 48 -4.73 -24.45 -1.60
N GLY A 49 -5.81 -23.67 -1.57
CA GLY A 49 -7.11 -24.20 -1.23
C GLY A 49 -7.28 -24.39 0.27
N LEU A 50 -6.80 -23.42 1.04
CA LEU A 50 -6.89 -23.48 2.48
C LEU A 50 -7.57 -22.23 3.03
N ALA A 51 -7.72 -22.19 4.35
CA ALA A 51 -8.34 -21.05 5.01
C ALA A 51 -7.36 -19.90 5.18
N PRO A 52 -7.82 -18.65 5.05
CA PRO A 52 -6.97 -17.47 5.20
C PRO A 52 -6.30 -17.42 6.57
N GLY A 53 -4.97 -17.43 6.58
CA GLY A 53 -4.25 -17.38 7.83
C GLY A 53 -3.75 -18.74 8.29
N ALA A 54 -4.02 -19.78 7.50
CA ALA A 54 -3.57 -21.13 7.84
C ALA A 54 -2.05 -21.26 7.72
N THR A 55 -1.49 -20.57 6.74
CA THR A 55 -0.06 -20.60 6.51
C THR A 55 0.67 -19.66 7.46
N THR A 56 1.65 -20.19 8.18
CA THR A 56 2.41 -19.40 9.12
C THR A 56 3.50 -18.61 8.40
N PRO A 57 3.97 -17.50 9.00
CA PRO A 57 5.03 -16.68 8.40
C PRO A 57 6.31 -17.48 8.22
N LYS A 58 6.55 -18.39 9.16
CA LYS A 58 7.74 -19.23 9.12
C LYS A 58 7.66 -20.22 7.96
N GLN A 59 6.48 -20.79 7.74
CA GLN A 59 6.27 -21.75 6.65
C GLN A 59 6.53 -21.08 5.31
N LEU A 60 6.04 -19.85 5.17
CA LEU A 60 6.23 -19.09 3.94
C LEU A 60 7.71 -18.86 3.66
N ALA A 61 8.42 -18.40 4.68
CA ALA A 61 9.86 -18.13 4.56
C ALA A 61 10.61 -19.40 4.19
N GLU A 62 10.23 -20.51 4.82
CA GLU A 62 10.86 -21.80 4.56
C GLU A 62 10.68 -22.20 3.10
N GLY A 63 9.47 -21.98 2.60
CA GLY A 63 9.17 -22.31 1.22
C GLY A 63 9.94 -21.44 0.25
N LEU A 64 9.98 -20.15 0.53
CA LEU A 64 10.70 -19.20 -0.32
C LEU A 64 12.19 -19.51 -0.37
N ARG A 65 12.75 -19.84 0.79
CA ARG A 65 14.18 -20.16 0.87
C ARG A 65 14.49 -21.40 0.06
N ARG A 66 13.53 -22.31 -0.02
CA ARG A 66 13.71 -23.55 -0.77
C ARG A 66 13.48 -23.35 -2.27
N LEU A 67 12.97 -22.17 -2.63
CA LEU A 67 12.73 -21.85 -4.03
C LEU A 67 14.03 -21.47 -4.72
N GLY A 68 15.05 -21.18 -3.93
CA GLY A 68 16.34 -20.80 -4.47
C GLY A 68 16.78 -19.43 -4.01
N PHE A 69 15.95 -18.77 -3.21
CA PHE A 69 16.27 -17.44 -2.70
C PHE A 69 17.44 -17.50 -1.74
N ASP A 70 18.09 -16.36 -1.54
CA ASP A 70 19.24 -16.29 -0.65
C ASP A 70 18.89 -15.63 0.67
N GLU A 71 18.15 -14.53 0.60
CA GLU A 71 17.74 -13.80 1.79
C GLU A 71 16.23 -13.52 1.74
N VAL A 72 15.54 -13.81 2.83
CA VAL A 72 14.09 -13.58 2.89
C VAL A 72 13.75 -12.54 3.95
N PHE A 73 13.26 -11.39 3.51
CA PHE A 73 12.90 -10.31 4.42
C PHE A 73 11.39 -10.05 4.37
N ASP A 74 10.90 -9.30 5.34
CA ASP A 74 9.48 -8.97 5.40
C ASP A 74 9.29 -7.46 5.21
N THR A 75 8.18 -7.08 4.60
CA THR A 75 7.87 -5.69 4.34
C THR A 75 7.68 -4.90 5.64
N LEU A 76 7.41 -5.60 6.74
CA LEU A 76 7.22 -4.96 8.03
C LEU A 76 8.43 -4.12 8.43
N PHE A 77 9.63 -4.60 8.09
CA PHE A 77 10.85 -3.87 8.40
C PHE A 77 10.91 -2.57 7.61
N GLY A 78 10.50 -2.64 6.36
CA GLY A 78 10.48 -1.46 5.52
C GLY A 78 9.44 -0.48 5.97
N ALA A 79 8.30 -1.01 6.43
CA ALA A 79 7.20 -0.19 6.93
C ALA A 79 7.62 0.55 8.19
N ASP A 80 8.45 -0.09 9.00
CA ASP A 80 8.95 0.51 10.24
C ASP A 80 9.71 1.79 9.92
N LEU A 81 10.38 1.79 8.78
CA LEU A 81 11.14 2.95 8.33
C LEU A 81 10.19 4.03 7.82
N THR A 82 9.17 3.60 7.07
CA THR A 82 8.18 4.51 6.52
C THR A 82 7.47 5.27 7.63
N ILE A 83 7.10 4.55 8.68
CA ILE A 83 6.42 5.14 9.82
C ILE A 83 7.25 6.27 10.43
N MET A 84 8.55 6.05 10.52
CA MET A 84 9.46 7.04 11.08
C MET A 84 9.58 8.26 10.17
N GLU A 85 9.85 8.03 8.89
CA GLU A 85 10.00 9.11 7.92
C GLU A 85 8.71 9.90 7.73
N GLU A 86 7.62 9.20 7.41
CA GLU A 86 6.33 9.84 7.18
C GLU A 86 5.86 10.56 8.45
N GLY A 87 6.09 9.92 9.59
CA GLY A 87 5.71 10.52 10.86
C GLY A 87 6.46 11.81 11.11
N SER A 88 7.75 11.81 10.78
CA SER A 88 8.58 13.00 10.96
C SER A 88 8.15 14.11 10.01
N GLU A 89 7.83 13.74 8.77
CA GLU A 89 7.39 14.72 7.79
C GLU A 89 6.07 15.34 8.23
N LEU A 90 5.20 14.49 8.78
CA LEU A 90 3.90 14.93 9.28
C LEU A 90 4.09 15.90 10.44
N LEU A 91 4.93 15.52 11.39
CA LEU A 91 5.22 16.36 12.54
C LEU A 91 5.82 17.68 12.09
N HIS A 92 6.66 17.60 11.06
CA HIS A 92 7.29 18.78 10.50
C HIS A 92 6.23 19.73 9.94
N ARG A 93 5.31 19.18 9.15
CA ARG A 93 4.24 19.98 8.55
C ARG A 93 3.39 20.67 9.62
N LEU A 94 3.14 19.95 10.71
CA LEU A 94 2.34 20.49 11.81
C LEU A 94 3.09 21.60 12.54
N THR A 95 4.28 21.29 13.02
CA THR A 95 5.10 22.24 13.77
C THR A 95 5.36 23.52 12.97
N GLU A 96 5.66 23.37 11.68
CA GLU A 96 5.93 24.52 10.83
C GLU A 96 4.72 25.43 10.71
N HIS A 97 3.53 24.84 10.69
CA HIS A 97 2.29 25.62 10.59
C HIS A 97 2.02 26.36 11.90
N LEU A 98 2.51 25.79 13.00
CA LEU A 98 2.35 26.39 14.31
C LEU A 98 3.43 27.44 14.54
N GLU A 99 4.45 27.43 13.69
CA GLU A 99 5.53 28.39 13.78
C GLU A 99 5.20 29.60 12.92
N ALA A 100 4.68 29.34 11.72
CA ALA A 100 4.30 30.37 10.77
C ALA A 100 5.48 31.28 10.46
N GLU A 106 6.22 22.50 2.53
CA GLU A 106 5.12 21.51 2.42
C GLU A 106 3.93 21.90 3.28
N PRO A 107 2.81 22.29 2.63
CA PRO A 107 1.60 22.70 3.32
C PRO A 107 0.70 21.53 3.70
N LEU A 108 -0.57 21.85 3.95
CA LEU A 108 -1.56 20.85 4.34
C LEU A 108 -2.81 21.06 3.47
N PRO A 109 -3.70 20.07 3.38
CA PRO A 109 -3.60 18.78 4.06
C PRO A 109 -2.47 17.91 3.51
N MET A 110 -2.19 16.83 4.23
CA MET A 110 -1.13 15.89 3.85
C MET A 110 -1.74 14.56 3.47
N PHE A 111 -1.30 14.00 2.34
CA PHE A 111 -1.80 12.72 1.87
C PHE A 111 -0.72 11.64 1.95
N THR A 112 -1.14 10.41 2.25
CA THR A 112 -0.23 9.28 2.34
C THR A 112 0.15 8.80 0.94
N SER A 113 1.41 8.42 0.75
CA SER A 113 1.90 7.97 -0.54
C SER A 113 2.19 6.55 -1.04
N CYS A 114 1.64 5.61 -0.26
CA CYS A 114 2.01 4.20 -0.36
C CYS A 114 1.33 3.44 -1.50
N CYS A 115 0.13 4.17 -1.50
CA CYS A 115 -0.52 3.50 -2.62
C CYS A 115 -0.08 4.00 -3.99
N PRO A 116 0.40 3.09 -4.84
CA PRO A 116 0.87 3.43 -6.20
C PRO A 116 -0.28 3.84 -7.11
N GLY A 117 -1.49 3.43 -6.78
CA GLY A 117 -2.65 3.78 -7.58
C GLY A 117 -3.04 5.22 -7.33
N TRP A 118 -2.81 5.67 -6.11
CA TRP A 118 -3.14 7.03 -5.73
C TRP A 118 -2.14 8.02 -6.31
N ILE A 119 -0.86 7.69 -6.22
CA ILE A 119 0.19 8.56 -6.75
C ILE A 119 0.02 8.82 -8.25
N ALA A 120 -0.45 7.81 -8.98
CA ALA A 120 -0.67 7.94 -10.41
C ALA A 120 -1.77 8.97 -10.70
N MET A 121 -2.76 9.01 -9.82
CA MET A 121 -3.87 9.95 -9.98
C MET A 121 -3.41 11.38 -9.73
N LEU A 122 -2.56 11.57 -8.72
CA LEU A 122 -2.07 12.91 -8.41
C LEU A 122 -1.02 13.38 -9.41
N GLU A 123 -0.54 12.46 -10.23
CA GLU A 123 0.46 12.80 -11.23
C GLU A 123 -0.16 13.06 -12.59
N LYS A 124 -1.27 12.39 -12.89
CA LYS A 124 -1.93 12.55 -14.18
C LYS A 124 -3.25 13.31 -14.10
N SER A 125 -4.07 13.02 -13.09
CA SER A 125 -5.36 13.67 -12.97
C SER A 125 -5.33 14.95 -12.14
N TYR A 126 -4.64 14.93 -11.00
CA TYR A 126 -4.57 16.09 -10.13
C TYR A 126 -3.12 16.46 -9.79
N PRO A 127 -2.35 17.00 -10.75
CA PRO A 127 -0.94 17.36 -10.53
C PRO A 127 -0.79 18.65 -9.72
N ASP A 128 -1.90 19.11 -9.14
CA ASP A 128 -1.91 20.33 -8.34
C ASP A 128 -1.82 19.98 -6.86
N LEU A 129 -1.90 18.70 -6.56
CA LEU A 129 -1.86 18.23 -5.17
C LEU A 129 -0.53 17.55 -4.86
N ILE A 130 0.45 17.75 -5.72
CA ILE A 130 1.78 17.15 -5.54
C ILE A 130 2.42 17.48 -4.18
N PRO A 131 2.54 18.78 -3.81
CA PRO A 131 3.15 19.18 -2.52
C PRO A 131 2.30 18.79 -1.31
N TYR A 132 1.08 18.35 -1.57
CA TYR A 132 0.17 17.96 -0.50
C TYR A 132 0.45 16.54 -0.04
N VAL A 133 1.02 15.74 -0.93
CA VAL A 133 1.34 14.35 -0.62
C VAL A 133 2.73 14.27 0.00
N SER A 134 2.99 13.21 0.76
CA SER A 134 4.28 13.02 1.40
C SER A 134 5.36 12.69 0.38
N SER A 135 6.60 13.00 0.71
CA SER A 135 7.71 12.73 -0.20
C SER A 135 8.38 11.42 0.18
N CYS A 136 7.82 10.74 1.18
CA CYS A 136 8.35 9.47 1.64
C CYS A 136 8.02 8.34 0.68
N LYS A 137 8.94 7.40 0.55
CA LYS A 137 8.75 6.25 -0.33
C LYS A 137 8.01 5.14 0.38
N SER A 138 7.50 4.19 -0.40
CA SER A 138 6.76 3.06 0.13
C SER A 138 7.68 2.10 0.90
N PRO A 139 7.12 1.37 1.89
CA PRO A 139 7.86 0.41 2.72
C PRO A 139 8.79 -0.51 1.93
N GLN A 140 8.25 -1.19 0.93
CA GLN A 140 9.03 -2.12 0.11
C GLN A 140 10.15 -1.39 -0.64
N MET A 141 9.86 -0.19 -1.10
CA MET A 141 10.84 0.60 -1.84
C MET A 141 11.91 1.14 -0.91
N MET A 142 11.58 1.26 0.36
CA MET A 142 12.53 1.73 1.37
C MET A 142 13.50 0.62 1.71
N LEU A 143 12.94 -0.55 2.02
CA LEU A 143 13.73 -1.71 2.37
C LEU A 143 14.64 -2.13 1.22
N ALA A 144 14.10 -2.10 0.00
CA ALA A 144 14.84 -2.46 -1.20
C ALA A 144 16.06 -1.57 -1.37
N ALA A 145 15.88 -0.28 -1.11
CA ALA A 145 16.96 0.68 -1.24
C ALA A 145 17.97 0.50 -0.10
N MET A 146 17.47 0.15 1.07
CA MET A 146 18.31 -0.06 2.25
C MET A 146 19.22 -1.27 2.09
N VAL A 147 18.66 -2.37 1.60
CA VAL A 147 19.42 -3.60 1.42
C VAL A 147 20.45 -3.47 0.30
N LYS A 148 20.16 -2.67 -0.70
CA LYS A 148 21.08 -2.49 -1.82
C LYS A 148 22.12 -1.41 -1.54
N SER A 149 22.13 -0.90 -0.31
CA SER A 149 23.09 0.12 0.08
C SER A 149 23.79 -0.27 1.39
N TYR A 150 23.11 -0.03 2.51
CA TYR A 150 23.64 -0.35 3.83
C TYR A 150 24.00 -1.83 3.94
N LEU A 151 23.08 -2.70 3.55
CA LEU A 151 23.32 -4.13 3.61
C LEU A 151 24.43 -4.55 2.66
N ALA A 152 24.43 -3.94 1.47
CA ALA A 152 25.44 -4.24 0.46
C ALA A 152 26.83 -3.88 0.98
N GLU A 153 26.95 -2.70 1.56
CA GLU A 153 28.21 -2.23 2.11
C GLU A 153 28.63 -3.05 3.31
N LYS A 154 27.68 -3.36 4.19
CA LYS A 154 27.95 -4.14 5.39
C LYS A 154 28.37 -5.56 5.06
N LYS A 155 27.64 -6.22 4.16
CA LYS A 155 27.96 -7.59 3.78
C LYS A 155 29.20 -7.64 2.88
N GLY A 156 29.44 -6.56 2.16
CA GLY A 156 30.59 -6.49 1.28
C GLY A 156 30.29 -7.03 -0.10
N ILE A 157 29.14 -6.66 -0.64
CA ILE A 157 28.72 -7.11 -1.96
C ILE A 157 28.37 -5.91 -2.82
N ALA A 158 28.66 -6.00 -4.12
CA ALA A 158 28.36 -4.93 -5.04
C ALA A 158 26.86 -4.89 -5.34
N PRO A 159 26.29 -3.68 -5.48
CA PRO A 159 24.85 -3.51 -5.75
C PRO A 159 24.40 -4.21 -7.04
N LYS A 160 25.34 -4.46 -7.93
CA LYS A 160 25.04 -5.12 -9.19
C LYS A 160 24.99 -6.65 -9.03
N ASP A 161 25.48 -7.13 -7.90
CA ASP A 161 25.50 -8.56 -7.62
C ASP A 161 24.36 -8.92 -6.68
N MET A 162 23.45 -7.97 -6.50
CA MET A 162 22.31 -8.17 -5.61
C MET A 162 21.00 -7.95 -6.36
N VAL A 163 20.19 -9.01 -6.41
CA VAL A 163 18.90 -8.96 -7.07
C VAL A 163 17.83 -9.09 -6.01
N MET A 164 16.80 -8.25 -6.06
CA MET A 164 15.75 -8.29 -5.08
C MET A 164 14.37 -8.49 -5.69
N VAL A 165 13.62 -9.40 -5.09
CA VAL A 165 12.27 -9.69 -5.52
C VAL A 165 11.31 -9.34 -4.39
N SER A 166 10.08 -9.00 -4.71
CA SER A 166 9.10 -8.65 -3.71
C SER A 166 7.77 -9.30 -4.03
N ILE A 167 7.08 -9.74 -2.99
CA ILE A 167 5.77 -10.36 -3.16
C ILE A 167 4.70 -9.38 -2.72
N MET A 168 4.00 -8.80 -3.67
CA MET A 168 2.98 -7.82 -3.40
C MET A 168 1.60 -8.30 -3.85
N PRO A 169 0.55 -7.91 -3.12
CA PRO A 169 -0.83 -8.31 -3.43
C PRO A 169 -1.48 -7.40 -4.47
N CYS A 170 -0.68 -6.61 -5.17
CA CYS A 170 -1.20 -5.70 -6.19
C CYS A 170 -0.29 -5.62 -7.40
N THR A 171 -0.90 -5.61 -8.58
CA THR A 171 -0.17 -5.54 -9.84
C THR A 171 0.50 -4.18 -10.04
N ARG A 172 -0.12 -3.14 -9.49
CA ARG A 172 0.38 -1.78 -9.61
C ARG A 172 1.72 -1.58 -8.92
N LYS A 173 2.11 -2.53 -8.08
CA LYS A 173 3.37 -2.41 -7.35
C LYS A 173 4.58 -2.57 -8.27
N GLN A 174 4.40 -3.30 -9.37
CA GLN A 174 5.49 -3.49 -10.32
C GLN A 174 5.82 -2.16 -10.99
N SER A 175 4.77 -1.43 -11.40
CA SER A 175 4.95 -0.13 -12.03
C SER A 175 5.59 0.85 -11.06
N GLU A 176 5.32 0.65 -9.76
CA GLU A 176 5.87 1.50 -8.72
C GLU A 176 7.38 1.33 -8.66
N ALA A 177 7.82 0.07 -8.71
CA ALA A 177 9.24 -0.25 -8.67
C ALA A 177 9.89 -0.01 -10.03
N ASP A 178 9.06 0.18 -11.05
CA ASP A 178 9.54 0.41 -12.41
C ASP A 178 9.81 1.88 -12.67
N ARG A 179 9.63 2.72 -11.65
CA ARG A 179 9.87 4.16 -11.79
C ARG A 179 11.35 4.43 -12.07
N ASP A 180 11.61 5.04 -13.21
CA ASP A 180 12.97 5.35 -13.69
C ASP A 180 13.95 5.80 -12.61
N TRP A 181 13.63 6.90 -11.93
CA TRP A 181 14.50 7.47 -10.90
C TRP A 181 14.67 6.61 -9.64
N PHE A 182 13.99 5.46 -9.59
CA PHE A 182 14.11 4.57 -8.43
C PHE A 182 15.30 3.62 -8.63
N CYS A 183 16.46 4.22 -8.86
CA CYS A 183 17.68 3.45 -9.08
C CYS A 183 18.65 3.58 -7.91
N VAL A 184 19.69 2.75 -7.93
CA VAL A 184 20.70 2.78 -6.89
C VAL A 184 21.86 3.65 -7.33
N ASP A 185 22.45 4.39 -6.39
CA ASP A 185 23.58 5.28 -6.67
C ASP A 185 23.13 6.43 -7.59
N THR A 189 22.49 -0.09 -15.16
CA THR A 189 21.21 0.30 -14.53
C THR A 189 20.95 -0.52 -13.28
C LEU A 190 19.56 -0.25 -10.30
N ARG A 191 18.69 -1.25 -10.26
CA ARG A 191 17.34 -1.05 -9.75
C ARG A 191 17.28 -1.36 -8.26
N GLN A 192 16.53 -0.56 -7.51
CA GLN A 192 16.38 -0.80 -6.07
C GLN A 192 15.55 -2.06 -5.88
N LEU A 193 14.51 -2.18 -6.70
CA LEU A 193 13.63 -3.34 -6.68
C LEU A 193 13.56 -3.85 -8.11
N ASP A 194 14.04 -5.05 -8.34
CA ASP A 194 14.09 -5.61 -9.69
C ASP A 194 12.83 -6.35 -10.10
N HIS A 195 12.31 -7.22 -9.24
CA HIS A 195 11.13 -8.00 -9.62
C HIS A 195 10.06 -8.01 -8.53
N VAL A 196 8.81 -7.98 -8.98
CA VAL A 196 7.66 -8.02 -8.08
C VAL A 196 6.74 -9.17 -8.52
N ILE A 197 6.36 -10.02 -7.58
CA ILE A 197 5.49 -11.16 -7.87
C ILE A 197 4.22 -11.05 -7.04
N THR A 198 3.09 -11.41 -7.61
CA THR A 198 1.83 -11.35 -6.89
C THR A 198 1.54 -12.66 -6.15
N THR A 199 0.60 -12.61 -5.22
CA THR A 199 0.21 -13.77 -4.42
C THR A 199 -0.22 -14.93 -5.32
N VAL A 200 -1.07 -14.65 -6.30
CA VAL A 200 -1.56 -15.67 -7.22
C VAL A 200 -0.42 -16.35 -7.98
N GLU A 201 0.53 -15.55 -8.45
CA GLU A 201 1.67 -16.08 -9.19
C GLU A 201 2.57 -16.91 -8.29
N LEU A 202 2.91 -16.37 -7.13
CA LEU A 202 3.77 -17.06 -6.18
C LEU A 202 3.17 -18.41 -5.78
N GLY A 203 1.87 -18.40 -5.47
CA GLY A 203 1.19 -19.62 -5.08
C GLY A 203 1.20 -20.65 -6.18
N ASN A 204 1.12 -20.19 -7.43
CA ASN A 204 1.12 -21.11 -8.56
C ASN A 204 2.51 -21.72 -8.77
N ILE A 205 3.55 -20.93 -8.47
CA ILE A 205 4.92 -21.39 -8.60
C ILE A 205 5.18 -22.53 -7.62
N PHE A 206 4.69 -22.36 -6.39
CA PHE A 206 4.85 -23.38 -5.35
C PHE A 206 4.22 -24.70 -5.80
N LYS A 207 3.01 -24.62 -6.33
CA LYS A 207 2.29 -25.79 -6.81
C LYS A 207 2.95 -26.38 -8.04
N GLU A 208 3.59 -25.53 -8.83
CA GLU A 208 4.27 -25.97 -10.04
C GLU A 208 5.52 -26.79 -9.71
N ARG A 209 6.21 -26.40 -8.65
CA ARG A 209 7.41 -27.09 -8.22
C ARG A 209 7.08 -28.27 -7.31
N GLY A 210 5.84 -28.34 -6.87
CA GLY A 210 5.41 -29.41 -6.00
C GLY A 210 5.80 -29.16 -4.55
N ILE A 211 5.65 -27.92 -4.11
CA ILE A 211 5.99 -27.54 -2.75
C ILE A 211 4.77 -26.97 -2.04
N ASN A 212 4.22 -27.74 -1.11
CA ASN A 212 3.05 -27.30 -0.36
C ASN A 212 3.46 -26.63 0.94
N LEU A 213 3.12 -25.35 1.08
CA LEU A 213 3.45 -24.57 2.27
C LEU A 213 2.81 -25.16 3.52
N ALA A 214 1.65 -25.80 3.35
CA ALA A 214 0.94 -26.39 4.47
C ALA A 214 1.63 -27.67 4.95
N GLU A 215 2.67 -28.07 4.23
CA GLU A 215 3.43 -29.26 4.57
C GLU A 215 4.90 -28.93 4.75
N LEU A 216 5.17 -27.68 5.12
CA LEU A 216 6.53 -27.23 5.35
C LEU A 216 6.73 -26.87 6.81
N PRO A 217 7.96 -27.07 7.33
CA PRO A 217 8.28 -26.75 8.72
C PRO A 217 8.41 -25.24 8.95
N GLU A 218 8.54 -24.85 10.19
CA GLU A 218 8.69 -23.44 10.54
C GLU A 218 10.09 -22.95 10.18
N GLY A 219 10.19 -22.24 9.06
CA GLY A 219 11.46 -21.70 8.62
C GLY A 219 11.91 -20.50 9.41
N GLU A 220 12.62 -19.60 8.77
CA GLU A 220 13.11 -18.40 9.44
C GLU A 220 13.29 -17.24 8.47
N TRP A 221 13.22 -16.03 9.00
CA TRP A 221 13.38 -14.83 8.20
C TRP A 221 14.79 -14.28 8.36
N ASP A 222 15.20 -13.43 7.43
CA ASP A 222 16.53 -12.82 7.48
C ASP A 222 16.43 -11.41 8.00
N ASN A 223 17.48 -10.95 8.65
CA ASN A 223 17.50 -9.59 9.18
C ASN A 223 18.18 -8.65 8.20
N PRO A 224 17.45 -7.62 7.72
CA PRO A 224 17.97 -6.65 6.76
C PRO A 224 19.18 -5.88 7.31
N MET A 225 19.38 -5.96 8.62
CA MET A 225 20.50 -5.28 9.27
C MET A 225 21.80 -6.02 9.00
N GLY A 226 21.68 -7.25 8.52
CA GLY A 226 22.85 -8.06 8.22
C GLY A 226 23.30 -8.92 9.38
N VAL A 227 22.85 -8.56 10.58
CA VAL A 227 23.20 -9.30 11.78
C VAL A 227 21.96 -9.54 12.63
N GLY A 228 22.03 -10.55 13.48
CA GLY A 228 20.90 -10.87 14.35
C GLY A 228 19.95 -11.87 13.71
N SER A 229 19.23 -12.59 14.53
CA SER A 229 18.28 -13.58 14.05
C SER A 229 16.86 -13.02 14.09
N GLY A 230 16.15 -13.15 12.98
CA GLY A 230 14.79 -12.66 12.90
C GLY A 230 14.60 -11.72 11.74
N ALA A 231 13.38 -11.26 11.53
CA ALA A 231 13.08 -10.34 10.43
C ALA A 231 13.44 -8.91 10.79
N GLY A 232 13.93 -8.71 12.00
CA GLY A 232 14.29 -7.37 12.45
C GLY A 232 13.11 -6.60 13.02
N VAL A 233 11.98 -7.29 13.14
CA VAL A 233 10.77 -6.67 13.66
C VAL A 233 10.48 -7.22 15.06
N LEU A 234 10.12 -6.34 15.98
CA LEU A 234 9.82 -6.75 17.35
C LEU A 234 8.38 -7.26 17.44
N PHE A 235 8.12 -8.03 18.49
CA PHE A 235 6.79 -8.59 18.70
C PHE A 235 5.79 -7.49 19.04
N GLY A 236 4.87 -7.24 18.12
CA GLY A 236 3.87 -6.21 18.33
C GLY A 236 3.44 -5.56 17.03
N THR A 237 2.16 -5.26 16.92
CA THR A 237 1.64 -4.63 15.72
C THR A 237 1.81 -3.11 15.77
N THR A 238 1.85 -2.49 14.61
CA THR A 238 2.01 -1.05 14.50
C THR A 238 0.65 -0.38 14.28
N GLY A 239 -0.33 -1.18 13.89
CA GLY A 239 -1.67 -0.66 13.65
C GLY A 239 -1.84 -0.14 12.23
N GLY A 240 -0.74 -0.08 11.50
CA GLY A 240 -0.77 0.40 10.14
C GLY A 240 0.18 1.56 9.96
N VAL A 241 0.58 1.82 8.73
CA VAL A 241 1.51 2.91 8.43
C VAL A 241 0.95 4.25 8.90
N MET A 242 -0.25 4.58 8.41
CA MET A 242 -0.90 5.83 8.76
C MET A 242 -1.08 5.98 10.27
N GLU A 243 -1.58 4.92 10.90
CA GLU A 243 -1.83 4.95 12.34
C GLU A 243 -0.54 5.10 13.14
N ALA A 244 0.48 4.31 12.81
CA ALA A 244 1.75 4.38 13.51
C ALA A 244 2.42 5.73 13.30
N ALA A 245 2.25 6.30 12.11
CA ALA A 245 2.84 7.61 11.81
C ALA A 245 2.16 8.67 12.66
N LEU A 246 0.83 8.63 12.70
CA LEU A 246 0.06 9.56 13.50
C LEU A 246 0.40 9.39 14.98
N ARG A 247 0.53 8.13 15.38
CA ARG A 247 0.86 7.80 16.76
C ARG A 247 2.19 8.40 17.17
N THR A 248 3.21 8.20 16.35
CA THR A 248 4.53 8.73 16.63
C THR A 248 4.49 10.26 16.79
N ALA A 249 3.77 10.93 15.91
CA ALA A 249 3.64 12.38 15.97
C ALA A 249 2.84 12.80 17.20
N TYR A 250 1.75 12.09 17.46
CA TYR A 250 0.89 12.39 18.59
C TYR A 250 1.62 12.20 19.93
N GLU A 251 2.30 11.07 20.08
CA GLU A 251 3.01 10.76 21.31
C GLU A 251 4.16 11.72 21.60
N LEU A 252 4.73 12.31 20.55
CA LEU A 252 5.83 13.26 20.72
C LEU A 252 5.30 14.67 20.95
N PHE A 253 4.10 14.93 20.44
CA PHE A 253 3.48 16.24 20.56
C PHE A 253 2.72 16.38 21.88
N THR A 254 2.10 15.29 22.31
CA THR A 254 1.30 15.30 23.54
C THR A 254 2.04 14.69 24.72
N GLY A 255 2.89 13.71 24.45
CA GLY A 255 3.61 13.04 25.52
C GLY A 255 2.79 11.90 26.10
N THR A 256 1.61 11.70 25.53
CA THR A 256 0.71 10.64 25.97
C THR A 256 0.64 9.54 24.91
N PRO A 257 0.50 8.28 25.35
CA PRO A 257 0.42 7.13 24.43
C PRO A 257 -0.89 7.11 23.64
N LEU A 258 -0.83 6.64 22.40
CA LEU A 258 -2.00 6.59 21.55
C LEU A 258 -2.36 5.14 21.22
N PRO A 259 -3.59 4.72 21.53
CA PRO A 259 -4.07 3.36 21.26
C PRO A 259 -4.49 3.21 19.80
N ARG A 260 -5.34 2.22 19.52
CA ARG A 260 -5.82 1.98 18.16
C ARG A 260 -6.91 2.96 17.80
N LEU A 261 -6.88 3.44 16.56
CA LEU A 261 -7.88 4.40 16.09
C LEU A 261 -9.06 3.70 15.44
N SER A 262 -10.26 4.03 15.88
CA SER A 262 -11.47 3.43 15.34
C SER A 262 -12.08 4.31 14.24
N LEU A 263 -11.70 4.02 13.01
CA LEU A 263 -12.18 4.78 11.85
C LEU A 263 -13.70 4.61 11.66
N SER A 264 -14.42 5.72 11.67
CA SER A 264 -15.86 5.69 11.51
C SER A 264 -16.25 6.16 10.11
N GLU A 265 -17.23 5.48 9.50
CA GLU A 265 -17.69 5.83 8.16
C GLU A 265 -18.35 7.20 8.12
N VAL A 266 -18.15 7.91 7.03
CA VAL A 266 -18.72 9.24 6.85
C VAL A 266 -20.05 9.14 6.10
N ARG A 267 -21.11 9.66 6.70
CA ARG A 267 -22.44 9.64 6.10
C ARG A 267 -22.45 10.51 4.85
N GLY A 268 -22.74 9.90 3.71
CA GLY A 268 -22.78 10.62 2.45
C GLY A 268 -21.68 10.19 1.52
N MET A 269 -20.62 9.64 2.08
CA MET A 269 -19.49 9.17 1.29
C MET A 269 -19.17 7.72 1.64
N ASP A 270 -19.64 6.80 0.81
CA ASP A 270 -19.42 5.38 1.02
C ASP A 270 -17.95 5.01 0.81
N GLY A 271 -17.39 4.24 1.73
CA GLY A 271 -16.00 3.84 1.62
C GLY A 271 -15.06 4.82 2.28
N ILE A 272 -15.60 5.96 2.72
CA ILE A 272 -14.81 6.98 3.37
C ILE A 272 -14.98 6.92 4.88
N LYS A 273 -13.87 6.86 5.60
CA LYS A 273 -13.90 6.80 7.05
C LYS A 273 -13.09 7.96 7.62
N GLU A 274 -13.56 8.53 8.72
CA GLU A 274 -12.86 9.65 9.35
C GLU A 274 -12.57 9.37 10.81
N THR A 275 -11.67 10.16 11.37
CA THR A 275 -11.29 10.06 12.77
C THR A 275 -10.71 11.39 13.25
N ASN A 276 -11.19 11.86 14.38
CA ASN A 276 -10.71 13.11 14.96
C ASN A 276 -9.80 12.81 16.16
N ILE A 277 -8.57 13.28 16.09
CA ILE A 277 -7.60 13.06 17.16
C ILE A 277 -7.31 14.35 17.93
N THR A 278 -7.75 14.39 19.18
CA THR A 278 -7.53 15.55 20.03
C THR A 278 -6.07 15.62 20.47
N MET A 279 -5.31 16.53 19.85
CA MET A 279 -3.90 16.69 20.16
C MET A 279 -3.67 17.85 21.12
N VAL A 280 -3.19 17.53 22.31
CA VAL A 280 -2.92 18.52 23.33
C VAL A 280 -1.41 18.65 23.51
N PRO A 281 -0.87 19.88 23.38
CA PRO A 281 0.57 20.14 23.53
C PRO A 281 1.11 19.71 24.89
N ALA A 282 2.20 18.95 24.87
CA ALA A 282 2.83 18.47 26.09
C ALA A 282 3.33 19.64 26.93
N PRO A 283 3.03 19.63 28.23
CA PRO A 283 3.45 20.69 29.15
C PRO A 283 4.97 20.77 29.28
N GLY A 284 5.53 21.90 28.89
CA GLY A 284 6.97 22.08 28.98
C GLY A 284 7.67 21.76 27.68
N SER A 285 6.95 21.79 26.58
CA SER A 285 7.53 21.50 25.27
C SER A 285 7.38 22.71 24.35
N LYS A 286 8.13 22.71 23.25
CA LYS A 286 8.06 23.80 22.29
C LYS A 286 6.67 23.85 21.67
N PHE A 287 6.05 22.69 21.54
CA PHE A 287 4.71 22.57 20.97
C PHE A 287 3.70 23.36 21.78
N GLU A 288 3.87 23.36 23.10
CA GLU A 288 2.98 24.08 23.99
C GLU A 288 3.16 25.58 23.83
N GLU A 289 4.41 25.99 23.61
CA GLU A 289 4.73 27.39 23.46
C GLU A 289 4.24 27.93 22.11
N LEU A 290 4.16 27.05 21.13
CA LEU A 290 3.72 27.44 19.78
C LEU A 290 2.32 28.05 19.80
N LEU A 291 1.36 27.32 20.38
CA LEU A 291 -0.02 27.78 20.45
C LEU A 291 -0.23 28.84 21.52
N LYS A 292 0.82 29.17 22.25
CA LYS A 292 0.75 30.16 23.30
C LYS A 292 1.39 31.47 22.86
N HIS A 293 2.47 31.36 22.08
CA HIS A 293 3.18 32.53 21.60
C HIS A 293 2.42 33.18 20.44
N ARG A 294 1.65 32.37 19.73
CA ARG A 294 0.88 32.85 18.59
C ARG A 294 -0.42 32.07 18.46
N ALA A 295 -1.34 32.59 17.66
CA ALA A 295 -2.62 31.95 17.44
C ALA A 295 -3.02 32.00 15.97
N ALA A 296 -3.10 33.22 15.44
CA ALA A 296 -3.45 33.43 14.04
C ALA A 296 -2.23 33.87 13.26
N GLY A 308 -2.11 27.30 -2.95
CA GLY A 308 -2.54 25.93 -3.34
C GLY A 308 -4.03 25.85 -3.56
N PRO A 309 -4.53 24.79 -4.22
CA PRO A 309 -5.95 24.61 -4.49
C PRO A 309 -6.74 24.33 -3.20
N LEU A 310 -6.05 23.79 -2.20
CA LEU A 310 -6.66 23.48 -0.92
C LEU A 310 -6.06 24.37 0.15
N ALA A 311 -6.81 25.36 0.57
CA ALA A 311 -6.36 26.29 1.59
C ALA A 311 -6.76 25.79 2.97
N TRP A 312 -5.75 25.55 3.82
CA TRP A 312 -5.98 25.09 5.18
C TRP A 312 -6.90 26.07 5.91
N ASP A 313 -7.85 25.53 6.65
CA ASP A 313 -8.82 26.35 7.38
C ASP A 313 -8.21 26.89 8.68
N GLY A 314 -7.07 26.35 9.06
CA GLY A 314 -6.42 26.79 10.27
C GLY A 314 -6.39 25.68 11.31
N GLY A 315 -7.14 24.62 11.04
CA GLY A 315 -7.19 23.50 11.96
C GLY A 315 -8.29 23.66 12.99
N ALA A 316 -8.95 22.56 13.31
CA ALA A 316 -10.01 22.58 14.30
C ALA A 316 -9.44 22.64 15.71
N GLY A 317 -9.34 23.84 16.25
CA GLY A 317 -8.79 24.02 17.57
C GLY A 317 -9.86 24.26 18.63
N PHE A 318 -9.47 24.08 19.88
CA PHE A 318 -10.38 24.28 21.01
C PHE A 318 -9.60 24.80 22.20
N THR A 319 -10.27 25.51 23.09
CA THR A 319 -9.62 26.05 24.26
C THR A 319 -10.56 26.03 25.46
N SER A 320 -9.99 26.13 26.65
CA SER A 320 -10.77 26.13 27.88
C SER A 320 -10.71 27.51 28.52
N GLU A 321 -11.60 27.75 29.49
CA GLU A 321 -11.66 29.05 30.16
C GLU A 321 -10.48 29.27 31.12
N ASP A 322 -9.52 28.36 31.09
CA ASP A 322 -8.35 28.47 31.94
C ASP A 322 -7.14 28.92 31.12
N GLY A 323 -7.26 28.81 29.80
CA GLY A 323 -6.19 29.22 28.91
C GLY A 323 -5.46 28.06 28.26
N ARG A 324 -5.82 26.84 28.63
CA ARG A 324 -5.19 25.66 28.06
C ARG A 324 -6.15 24.93 27.12
N GLY A 325 -5.72 24.79 25.87
CA GLY A 325 -6.55 24.12 24.89
C GLY A 325 -5.74 23.15 24.04
N GLY A 326 -6.11 23.04 22.77
CA GLY A 326 -5.41 22.15 21.87
C GLY A 326 -6.02 22.17 20.49
N ILE A 327 -5.67 21.19 19.67
CA ILE A 327 -6.18 21.10 18.31
C ILE A 327 -6.53 19.66 17.97
N THR A 328 -7.65 19.46 17.31
CA THR A 328 -8.06 18.12 16.93
C THR A 328 -7.76 17.86 15.45
N LEU A 329 -6.92 16.87 15.21
CA LEU A 329 -6.51 16.50 13.85
C LEU A 329 -7.59 15.70 13.15
N ARG A 330 -7.99 16.16 11.97
CA ARG A 330 -9.02 15.49 11.18
C ARG A 330 -8.38 14.55 10.16
N VAL A 331 -8.46 13.26 10.42
CA VAL A 331 -7.90 12.26 9.53
C VAL A 331 -9.01 11.52 8.79
N ALA A 332 -8.80 11.26 7.51
CA ALA A 332 -9.78 10.56 6.69
C ALA A 332 -9.11 9.51 5.81
N VAL A 333 -9.81 8.41 5.60
CA VAL A 333 -9.30 7.32 4.78
C VAL A 333 -10.23 7.07 3.60
N ALA A 334 -9.66 7.09 2.40
CA ALA A 334 -10.43 6.87 1.18
C ALA A 334 -10.06 5.52 0.58
N ASN A 335 -11.04 4.64 0.45
CA ASN A 335 -10.81 3.31 -0.09
C ASN A 335 -11.24 3.22 -1.55
N GLY A 336 -10.27 3.26 -2.45
CA GLY A 336 -10.57 3.14 -3.86
C GLY A 336 -10.28 4.40 -4.67
N LEU A 337 -9.87 4.21 -5.91
CA LEU A 337 -9.55 5.32 -6.81
C LEU A 337 -10.83 6.02 -7.23
N GLY A 338 -11.91 5.25 -7.32
CA GLY A 338 -13.20 5.81 -7.69
C GLY A 338 -13.81 6.55 -6.53
N ASN A 339 -13.21 6.37 -5.36
CA ASN A 339 -13.67 7.02 -4.15
C ASN A 339 -12.96 8.36 -3.97
N ALA A 340 -11.72 8.40 -4.45
CA ALA A 340 -10.91 9.61 -4.36
C ALA A 340 -11.52 10.73 -5.18
N LYS A 341 -12.05 10.38 -6.36
CA LYS A 341 -12.69 11.36 -7.24
C LYS A 341 -13.84 12.07 -6.55
N LYS A 342 -14.64 11.33 -5.79
CA LYS A 342 -15.78 11.91 -5.10
C LYS A 342 -15.40 12.54 -3.76
N LEU A 343 -14.17 12.29 -3.32
CA LEU A 343 -13.68 12.85 -2.05
C LEU A 343 -12.97 14.17 -2.28
N ILE A 344 -12.05 14.19 -3.24
CA ILE A 344 -11.28 15.40 -3.55
C ILE A 344 -12.20 16.55 -3.93
N THR A 345 -13.28 16.24 -4.65
CA THR A 345 -14.23 17.24 -5.10
C THR A 345 -14.95 17.88 -3.90
N LYS A 346 -15.06 17.13 -2.81
CA LYS A 346 -15.70 17.62 -1.60
C LYS A 346 -14.75 18.53 -0.84
N MET A 347 -13.46 18.21 -0.93
CA MET A 347 -12.43 19.01 -0.26
C MET A 347 -12.21 20.31 -1.02
N GLN A 348 -12.28 20.23 -2.34
CA GLN A 348 -12.10 21.39 -3.21
C GLN A 348 -13.19 22.42 -2.97
N ALA A 349 -14.39 21.95 -2.67
CA ALA A 349 -15.53 22.83 -2.43
C ALA A 349 -15.48 23.41 -1.01
N GLY A 350 -14.62 22.85 -0.17
CA GLY A 350 -14.49 23.31 1.19
C GLY A 350 -15.52 22.68 2.11
N GLU A 351 -16.15 21.60 1.65
CA GLU A 351 -17.15 20.91 2.44
C GLU A 351 -16.48 19.94 3.41
N ALA A 352 -15.61 19.10 2.86
CA ALA A 352 -14.90 18.12 3.67
C ALA A 352 -13.53 18.66 4.09
N LYS A 353 -13.45 19.14 5.32
CA LYS A 353 -12.21 19.68 5.85
C LYS A 353 -11.45 18.63 6.64
N TYR A 354 -10.27 18.26 6.13
CA TYR A 354 -9.42 17.27 6.80
C TYR A 354 -7.98 17.73 6.75
N ASP A 355 -7.15 17.18 7.63
CA ASP A 355 -5.74 17.54 7.70
C ASP A 355 -4.86 16.43 7.15
N PHE A 356 -5.23 15.18 7.45
CA PHE A 356 -4.46 14.04 6.98
C PHE A 356 -5.42 13.06 6.29
N VAL A 357 -5.13 12.73 5.05
CA VAL A 357 -5.99 11.81 4.30
C VAL A 357 -5.18 10.68 3.66
N GLU A 358 -5.59 9.46 3.93
CA GLU A 358 -4.94 8.28 3.37
C GLU A 358 -5.80 7.70 2.25
N ILE A 359 -5.22 7.56 1.07
CA ILE A 359 -5.95 7.03 -0.08
C ILE A 359 -5.42 5.65 -0.46
N MET A 360 -6.30 4.66 -0.45
CA MET A 360 -5.95 3.30 -0.81
C MET A 360 -6.49 2.97 -2.20
N ALA A 361 -5.82 2.05 -2.89
CA ALA A 361 -6.24 1.63 -4.22
C ALA A 361 -6.97 0.31 -4.17
N CYS A 362 -7.27 -0.15 -2.96
CA CYS A 362 -7.96 -1.41 -2.77
C CYS A 362 -9.37 -1.15 -2.22
N PRO A 363 -10.28 -2.13 -2.35
CA PRO A 363 -11.66 -2.00 -1.86
C PRO A 363 -11.72 -1.84 -0.34
N ALA A 364 -10.82 -2.51 0.37
CA ALA A 364 -10.79 -2.44 1.81
C ALA A 364 -9.42 -2.84 2.33
N GLY A 365 -8.62 -1.84 2.67
CA GLY A 365 -7.30 -2.09 3.19
C GLY A 365 -6.29 -2.46 2.12
N CYS A 366 -5.53 -3.50 2.36
CA CYS A 366 -4.51 -3.95 1.41
C CYS A 366 -4.63 -5.45 1.15
N VAL A 367 -5.48 -6.12 1.93
CA VAL A 367 -5.66 -7.56 1.81
C VAL A 367 -6.60 -7.94 0.65
N GLY A 368 -7.04 -6.95 -0.12
CA GLY A 368 -7.94 -7.23 -1.22
C GLY A 368 -7.47 -6.64 -2.52
N GLY A 369 -6.22 -6.86 -2.85
CA GLY A 369 -5.67 -6.34 -4.09
C GLY A 369 -5.90 -7.29 -5.25
N GLY A 370 -5.65 -6.82 -6.47
CA GLY A 370 -5.84 -7.65 -7.65
C GLY A 370 -4.86 -8.80 -7.74
N GLY A 371 -3.79 -8.75 -6.95
CA GLY A 371 -2.81 -9.81 -6.96
C GLY A 371 -3.14 -10.90 -5.97
N GLN A 372 -4.19 -10.68 -5.19
CA GLN A 372 -4.62 -11.63 -4.19
C GLN A 372 -5.49 -12.71 -4.84
N PRO A 373 -5.59 -13.90 -4.22
CA PRO A 373 -6.40 -15.00 -4.74
C PRO A 373 -7.89 -14.65 -4.73
N ARG A 374 -8.67 -15.37 -5.51
CA ARG A 374 -10.09 -15.12 -5.59
C ARG A 374 -10.89 -16.31 -5.09
N SER A 375 -11.48 -16.15 -3.92
CA SER A 375 -12.28 -17.20 -3.33
C SER A 375 -13.76 -16.83 -3.38
N THR A 376 -14.62 -17.81 -3.21
CA THR A 376 -16.06 -17.57 -3.24
C THR A 376 -16.55 -16.92 -1.95
N ASP A 377 -16.37 -15.61 -1.86
CA ASP A 377 -16.78 -14.84 -0.70
C ASP A 377 -16.79 -13.36 -1.02
N LYS A 378 -17.92 -12.70 -0.80
CA LYS A 378 -18.03 -11.27 -1.08
C LYS A 378 -17.37 -10.46 0.03
N ALA A 379 -17.11 -11.12 1.15
CA ALA A 379 -16.49 -10.47 2.29
C ALA A 379 -15.23 -11.22 2.71
N ILE A 380 -14.47 -11.69 1.73
CA ILE A 380 -13.23 -12.41 1.98
C ILE A 380 -12.15 -11.46 2.49
N THR A 381 -12.35 -10.18 2.26
CA THR A 381 -11.41 -9.15 2.68
C THR A 381 -11.30 -9.08 4.20
N GLN A 382 -12.44 -9.16 4.87
CA GLN A 382 -12.49 -9.10 6.33
C GLN A 382 -11.76 -10.28 6.96
N LYS A 383 -11.88 -11.45 6.35
CA LYS A 383 -11.24 -12.65 6.87
C LYS A 383 -9.73 -12.51 6.87
N ARG A 384 -9.19 -12.00 5.76
CA ARG A 384 -7.75 -11.81 5.64
C ARG A 384 -7.25 -10.72 6.58
N GLN A 385 -8.07 -9.69 6.76
CA GLN A 385 -7.73 -8.58 7.64
C GLN A 385 -7.66 -9.05 9.10
N ALA A 386 -8.59 -9.92 9.47
CA ALA A 386 -8.64 -10.44 10.83
C ALA A 386 -7.52 -11.45 11.09
N ALA A 387 -7.11 -12.15 10.04
CA ALA A 387 -6.06 -13.15 10.16
C ALA A 387 -4.67 -12.56 9.90
N LEU A 388 -4.61 -11.25 9.81
CA LEU A 388 -3.35 -10.56 9.58
C LEU A 388 -2.41 -10.73 10.77
N TYR A 389 -2.97 -10.63 11.96
CA TYR A 389 -2.18 -10.76 13.19
C TYR A 389 -2.93 -11.64 14.19
N ASN A 390 -2.18 -12.28 15.07
CA ASN A 390 -2.76 -13.14 16.09
C ASN A 390 -3.29 -12.31 17.26
N LEU A 391 -3.96 -12.96 18.21
CA LEU A 391 -4.53 -12.29 19.37
C LEU A 391 -3.46 -11.56 20.19
N ASP A 392 -2.31 -12.20 20.33
CA ASP A 392 -1.20 -11.63 21.10
C ASP A 392 -0.58 -10.44 20.36
N GLU A 393 -0.33 -10.61 19.07
CA GLU A 393 0.26 -9.55 18.24
C GLU A 393 -0.63 -8.31 18.20
N LYS A 394 -1.94 -8.52 18.21
CA LYS A 394 -2.90 -7.42 18.18
C LYS A 394 -2.91 -6.65 19.50
N SER A 395 -2.83 -7.39 20.60
CA SER A 395 -2.86 -6.80 21.92
C SER A 395 -1.55 -6.10 22.26
N THR A 396 -0.45 -6.63 21.72
CA THR A 396 0.87 -6.05 21.97
C THR A 396 1.17 -4.94 20.97
N LEU A 397 1.15 -3.70 21.46
CA LEU A 397 1.43 -2.55 20.62
C LEU A 397 2.95 -2.31 20.57
N ARG A 398 3.46 -2.03 19.38
CA ARG A 398 4.89 -1.80 19.21
C ARG A 398 5.12 -0.74 18.13
N ARG A 399 5.85 0.30 18.47
CA ARG A 399 6.14 1.35 17.50
C ARG A 399 7.55 1.19 16.94
N SER A 400 7.78 1.77 15.78
CA SER A 400 9.05 1.69 15.10
C SER A 400 10.19 2.37 15.86
N HIS A 401 9.88 3.34 16.71
CA HIS A 401 10.92 4.04 17.45
C HIS A 401 11.45 3.26 18.67
N GLU A 402 10.98 2.03 18.83
CA GLU A 402 11.44 1.18 19.91
C GLU A 402 12.23 0.01 19.35
N ASN A 403 12.28 -0.07 18.03
CA ASN A 403 13.00 -1.15 17.35
C ASN A 403 14.50 -0.90 17.38
N PRO A 404 15.27 -1.80 18.01
CA PRO A 404 16.73 -1.69 18.10
C PRO A 404 17.38 -1.65 16.72
N SER A 405 16.85 -2.44 15.79
CA SER A 405 17.38 -2.49 14.44
C SER A 405 17.16 -1.15 13.74
N ILE A 406 15.96 -0.61 13.87
CA ILE A 406 15.62 0.68 13.26
C ILE A 406 16.45 1.79 13.90
N ARG A 407 16.56 1.75 15.22
CA ARG A 407 17.33 2.74 15.96
C ARG A 407 18.78 2.74 15.49
N GLU A 408 19.35 1.55 15.34
CA GLU A 408 20.72 1.39 14.91
C GLU A 408 20.90 1.93 13.49
N LEU A 409 20.02 1.51 12.58
CA LEU A 409 20.09 1.96 11.20
C LEU A 409 20.03 3.49 11.12
N TYR A 410 19.20 4.08 11.95
CA TYR A 410 19.05 5.53 12.00
C TYR A 410 20.21 6.20 12.71
N ASP A 411 21.20 5.42 13.10
CA ASP A 411 22.36 5.95 13.81
C ASP A 411 23.65 5.74 13.04
N THR A 412 23.92 4.48 12.68
CA THR A 412 25.15 4.15 11.97
C THR A 412 25.10 4.51 10.48
N TYR A 413 23.92 4.59 9.88
CA TYR A 413 23.83 4.89 8.46
C TYR A 413 22.92 6.07 8.11
N LEU A 414 21.70 6.07 8.63
CA LEU A 414 20.74 7.13 8.32
C LEU A 414 21.07 8.46 9.01
N GLY A 415 21.51 8.39 10.25
CA GLY A 415 21.85 9.60 10.99
C GLY A 415 20.65 10.23 11.67
N GLU A 416 19.65 10.62 10.88
CA GLU A 416 18.44 11.24 11.41
C GLU A 416 17.33 11.26 10.36
N PRO A 417 16.06 11.24 10.80
CA PRO A 417 14.91 11.27 9.89
C PRO A 417 14.90 12.53 9.05
N LEU A 418 14.50 12.40 7.79
CA LEU A 418 14.45 13.53 6.85
C LEU A 418 15.84 14.09 6.58
N GLY A 419 16.87 13.31 6.93
CA GLY A 419 18.24 13.74 6.71
C GLY A 419 18.68 13.58 5.27
N HIS A 420 19.97 13.73 5.02
CA HIS A 420 20.52 13.61 3.68
C HIS A 420 20.24 12.23 3.08
N LYS A 421 20.76 11.19 3.74
CA LYS A 421 20.58 9.82 3.28
C LYS A 421 19.09 9.45 3.21
N ALA A 422 18.32 9.97 4.15
CA ALA A 422 16.89 9.71 4.20
C ALA A 422 16.21 10.32 2.98
N HIS A 423 16.61 11.52 2.61
CA HIS A 423 16.05 12.20 1.45
C HIS A 423 16.46 11.50 0.17
N GLU A 424 17.61 10.84 0.21
CA GLU A 424 18.14 10.13 -0.94
C GLU A 424 17.37 8.85 -1.27
N LEU A 425 17.42 7.88 -0.37
CA LEU A 425 16.80 6.58 -0.62
C LEU A 425 15.43 6.39 0.03
N LEU A 426 15.09 7.21 1.01
CA LEU A 426 13.81 7.07 1.69
C LEU A 426 12.76 8.07 1.18
N HIS A 427 13.20 9.05 0.41
CA HIS A 427 12.29 10.05 -0.13
C HIS A 427 12.36 10.08 -1.65
N THR A 428 11.36 10.69 -2.29
CA THR A 428 11.31 10.76 -3.72
C THR A 428 10.48 11.97 -4.18
N HIS A 429 10.22 12.05 -5.49
CA HIS A 429 9.45 13.14 -6.07
C HIS A 429 8.41 12.60 -7.04
N TYR A 430 7.48 13.45 -7.45
CA TYR A 430 6.43 13.06 -8.38
C TYR A 430 6.65 13.72 -9.74
N VAL A 431 6.03 13.16 -10.77
CA VAL A 431 6.17 13.71 -12.12
C VAL A 431 4.84 14.21 -12.65
N ALA A 432 4.79 15.49 -12.98
CA ALA A 432 3.58 16.08 -13.53
C ALA A 432 3.32 15.54 -14.92
N GLY A 433 2.31 14.69 -15.02
CA GLY A 433 1.96 14.08 -16.30
C GLY A 433 2.06 12.58 -16.23
N GLY A 434 2.56 12.08 -15.10
CA GLY A 434 2.70 10.65 -14.91
C GLY A 434 4.09 10.17 -15.24
N VAL A 435 4.32 8.87 -15.09
CA VAL A 435 5.63 8.27 -15.37
C VAL A 435 5.78 8.04 -16.87
N TYR B 1 -31.18 -7.75 -19.40
CA TYR B 1 -30.35 -7.53 -20.61
C TYR B 1 -29.29 -8.60 -20.71
N LYS B 2 -29.17 -9.21 -21.88
CA LYS B 2 -28.17 -10.26 -22.09
C LYS B 2 -26.83 -9.64 -22.43
N VAL B 3 -25.87 -9.82 -21.53
CA VAL B 3 -24.55 -9.27 -21.73
C VAL B 3 -23.51 -10.36 -21.95
N THR B 4 -22.75 -10.24 -23.02
CA THR B 4 -21.71 -11.19 -23.35
C THR B 4 -20.43 -10.81 -22.60
N LEU B 5 -20.27 -11.32 -21.40
CA LEU B 5 -19.10 -11.04 -20.60
C LEU B 5 -17.88 -11.81 -21.09
N LYS B 6 -16.94 -11.09 -21.67
CA LYS B 6 -15.72 -11.69 -22.18
C LYS B 6 -14.75 -11.93 -21.03
N THR B 7 -14.34 -13.17 -20.88
CA THR B 7 -13.41 -13.54 -19.82
C THR B 7 -12.23 -14.31 -20.40
N PRO B 8 -11.14 -14.50 -19.64
CA PRO B 8 -9.97 -15.23 -20.11
C PRO B 8 -10.34 -16.68 -20.43
N SER B 9 -11.43 -17.13 -19.84
CA SER B 9 -11.93 -18.49 -20.04
C SER B 9 -12.97 -18.56 -21.15
N GLY B 10 -13.14 -17.47 -21.89
CA GLY B 10 -14.09 -17.46 -22.98
C GLY B 10 -15.10 -16.34 -22.90
N ASP B 11 -16.37 -16.68 -22.87
CA ASP B 11 -17.44 -15.70 -22.80
C ASP B 11 -18.59 -16.22 -21.96
N LYS B 12 -19.40 -15.31 -21.44
CA LYS B 12 -20.54 -15.68 -20.63
C LYS B 12 -21.71 -14.74 -20.91
N THR B 13 -22.63 -15.16 -21.75
CA THR B 13 -23.79 -14.34 -22.06
C THR B 13 -24.89 -14.63 -21.05
N ILE B 14 -24.94 -13.84 -19.99
CA ILE B 14 -25.95 -14.03 -18.96
C ILE B 14 -26.93 -12.86 -18.91
N GLU B 15 -27.96 -13.00 -18.09
CA GLU B 15 -28.96 -11.96 -17.95
C GLU B 15 -28.61 -10.99 -16.82
N CYS B 16 -28.42 -9.74 -17.19
CA CYS B 16 -28.08 -8.71 -16.23
C CYS B 16 -29.26 -7.77 -16.07
N PRO B 17 -29.72 -7.57 -14.83
CA PRO B 17 -30.84 -6.68 -14.54
C PRO B 17 -30.45 -5.22 -14.77
N ALA B 18 -31.43 -4.38 -15.04
CA ALA B 18 -31.18 -2.97 -15.29
C ALA B 18 -30.94 -2.20 -13.99
N ASP B 19 -31.28 -2.81 -12.87
CA ASP B 19 -31.11 -2.19 -11.56
C ASP B 19 -29.93 -2.78 -10.81
N THR B 20 -29.33 -3.82 -11.36
CA THR B 20 -28.22 -4.48 -10.71
C THR B 20 -26.95 -4.42 -11.55
N TYR B 21 -25.83 -4.10 -10.92
CA TYR B 21 -24.56 -4.01 -11.60
C TYR B 21 -24.12 -5.38 -12.12
N ILE B 22 -23.55 -5.38 -13.33
CA ILE B 22 -23.10 -6.61 -13.98
C ILE B 22 -22.17 -7.43 -13.11
N LEU B 23 -21.34 -6.75 -12.32
CA LEU B 23 -20.37 -7.40 -11.45
C LEU B 23 -21.03 -8.44 -10.54
N ASP B 24 -22.11 -8.04 -9.87
CA ASP B 24 -22.83 -8.93 -8.96
C ASP B 24 -23.43 -10.11 -9.71
N ALA B 25 -24.07 -9.83 -10.83
CA ALA B 25 -24.70 -10.86 -11.64
C ALA B 25 -23.69 -11.85 -12.21
N ALA B 26 -22.48 -11.37 -12.47
CA ALA B 26 -21.42 -12.21 -13.02
C ALA B 26 -21.00 -13.30 -12.05
N GLU B 27 -20.60 -12.91 -10.85
CA GLU B 27 -20.17 -13.86 -9.83
C GLU B 27 -21.33 -14.72 -9.34
N GLU B 28 -22.51 -14.11 -9.23
CA GLU B 28 -23.70 -14.81 -8.79
C GLU B 28 -24.06 -15.94 -9.78
N ALA B 29 -23.67 -15.74 -11.03
CA ALA B 29 -23.91 -16.73 -12.08
C ALA B 29 -22.77 -17.74 -12.15
N GLY B 30 -21.54 -17.24 -12.05
CA GLY B 30 -20.39 -18.11 -12.10
C GLY B 30 -19.29 -17.57 -12.99
N LEU B 31 -18.49 -16.65 -12.46
CA LEU B 31 -17.40 -16.06 -13.22
C LEU B 31 -16.25 -15.66 -12.31
N ASP B 32 -15.09 -15.44 -12.91
CA ASP B 32 -13.89 -15.06 -12.17
C ASP B 32 -13.76 -13.54 -12.14
N LEU B 33 -14.18 -12.94 -11.04
CA LEU B 33 -14.11 -11.49 -10.87
C LEU B 33 -14.00 -11.12 -9.39
N PRO B 34 -13.33 -10.00 -9.06
CA PRO B 34 -13.17 -9.55 -7.68
C PRO B 34 -14.39 -8.75 -7.20
N TYR B 35 -15.06 -9.27 -6.19
CA TYR B 35 -16.25 -8.61 -5.65
C TYR B 35 -16.13 -8.39 -4.13
N SER B 36 -16.37 -7.16 -3.70
CA SER B 36 -16.27 -6.80 -2.28
C SER B 36 -16.85 -5.41 -2.00
N CYS B 37 -16.31 -4.40 -2.68
CA CYS B 37 -16.75 -3.02 -2.48
C CYS B 37 -17.98 -2.64 -3.31
N ARG B 38 -17.82 -2.64 -4.63
CA ARG B 38 -18.90 -2.31 -5.58
C ARG B 38 -19.09 -0.79 -5.75
N ALA B 39 -18.82 -0.02 -4.69
CA ALA B 39 -18.97 1.45 -4.72
C ALA B 39 -17.90 2.15 -5.55
N GLY B 40 -17.30 1.43 -6.50
CA GLY B 40 -16.26 2.00 -7.34
C GLY B 40 -14.99 2.27 -6.58
N ALA B 41 -14.25 1.21 -6.27
CA ALA B 41 -12.99 1.36 -5.54
C ALA B 41 -11.80 1.00 -6.42
N CYS B 42 -11.59 -0.30 -6.62
CA CYS B 42 -10.48 -0.77 -7.43
C CYS B 42 -10.80 -0.70 -8.92
N SER B 43 -9.79 -0.42 -9.73
CA SER B 43 -9.96 -0.31 -11.16
C SER B 43 -9.75 -1.66 -11.85
N SER B 44 -9.44 -2.67 -11.05
CA SER B 44 -9.21 -4.02 -11.57
C SER B 44 -10.52 -4.66 -12.03
N CYS B 45 -11.63 -4.09 -11.56
CA CYS B 45 -12.95 -4.59 -11.90
C CYS B 45 -13.58 -3.71 -12.98
N ALA B 46 -12.75 -3.16 -13.84
CA ALA B 46 -13.21 -2.31 -14.92
C ALA B 46 -13.39 -3.13 -16.19
N GLY B 47 -14.59 -3.10 -16.74
CA GLY B 47 -14.87 -3.85 -17.95
C GLY B 47 -14.55 -3.07 -19.19
N LYS B 48 -14.47 -3.75 -20.32
CA LYS B 48 -14.16 -3.13 -21.59
C LYS B 48 -15.39 -3.13 -22.50
N VAL B 49 -15.88 -1.94 -22.82
CA VAL B 49 -17.04 -1.81 -23.69
C VAL B 49 -16.68 -2.14 -25.12
N ALA B 50 -16.99 -3.36 -25.54
CA ALA B 50 -16.69 -3.79 -26.91
C ALA B 50 -17.72 -3.23 -27.87
N ALA B 51 -18.97 -3.19 -27.42
CA ALA B 51 -20.07 -2.69 -28.22
C ALA B 51 -21.26 -2.41 -27.31
N GLY B 52 -22.34 -1.94 -27.91
CA GLY B 52 -23.55 -1.66 -27.14
C GLY B 52 -23.47 -0.35 -26.40
N THR B 53 -24.11 -0.29 -25.24
CA THR B 53 -24.13 0.91 -24.43
C THR B 53 -24.21 0.57 -22.95
N VAL B 54 -23.41 1.27 -22.15
CA VAL B 54 -23.38 1.07 -20.71
C VAL B 54 -23.56 2.42 -20.03
N ASP B 55 -24.05 2.41 -18.79
CA ASP B 55 -24.26 3.64 -18.06
C ASP B 55 -23.49 3.67 -16.75
N GLN B 56 -22.60 4.65 -16.62
CA GLN B 56 -21.82 4.83 -15.42
C GLN B 56 -21.80 6.31 -15.05
N SER B 57 -22.03 6.61 -13.78
CA SER B 57 -22.06 7.99 -13.31
C SER B 57 -20.96 8.24 -12.29
N ASP B 58 -20.98 7.47 -11.21
CA ASP B 58 -19.99 7.59 -10.16
C ASP B 58 -18.90 6.55 -10.38
N GLN B 59 -17.78 6.99 -10.95
CA GLN B 59 -16.67 6.10 -11.25
C GLN B 59 -15.32 6.69 -10.89
N SER B 60 -14.26 6.16 -11.49
CA SER B 60 -12.91 6.62 -11.24
C SER B 60 -12.49 7.68 -12.25
N PHE B 61 -11.19 7.69 -12.59
CA PHE B 61 -10.67 8.67 -13.55
C PHE B 61 -11.09 8.35 -14.98
N LEU B 62 -11.57 7.14 -15.20
CA LEU B 62 -12.02 6.73 -16.53
C LEU B 62 -13.38 7.33 -16.84
N ASP B 63 -13.37 8.54 -17.36
CA ASP B 63 -14.59 9.27 -17.68
C ASP B 63 -15.11 8.97 -19.08
N ASP B 64 -15.84 9.93 -19.65
CA ASP B 64 -16.45 9.79 -20.97
C ASP B 64 -15.44 9.42 -22.05
N ALA B 65 -14.28 10.07 -22.03
CA ALA B 65 -13.23 9.80 -23.02
C ALA B 65 -12.84 8.32 -23.02
N GLN B 66 -12.81 7.74 -21.83
CA GLN B 66 -12.46 6.34 -21.69
C GLN B 66 -13.66 5.46 -21.97
N MET B 67 -14.83 5.91 -21.53
CA MET B 67 -16.08 5.17 -21.74
C MET B 67 -16.36 4.99 -23.22
N GLY B 68 -16.17 6.07 -23.99
CA GLY B 68 -16.39 6.02 -25.42
C GLY B 68 -15.36 5.19 -26.15
N ASN B 69 -14.25 4.90 -25.48
CA ASN B 69 -13.19 4.09 -26.05
C ASN B 69 -13.41 2.62 -25.74
N GLY B 70 -13.95 2.36 -24.55
CA GLY B 70 -14.23 1.00 -24.13
C GLY B 70 -13.80 0.71 -22.71
N PHE B 71 -13.98 1.67 -21.82
CA PHE B 71 -13.62 1.50 -20.42
C PHE B 71 -14.77 1.89 -19.50
N VAL B 72 -15.26 0.93 -18.73
CA VAL B 72 -16.39 1.18 -17.82
C VAL B 72 -16.23 0.40 -16.51
N LEU B 73 -16.64 1.01 -15.40
CA LEU B 73 -16.57 0.36 -14.10
C LEU B 73 -17.82 -0.48 -13.89
N THR B 74 -17.73 -1.77 -14.19
CA THR B 74 -18.85 -2.69 -14.09
C THR B 74 -19.43 -2.84 -12.67
N CYS B 75 -18.76 -2.27 -11.68
CA CYS B 75 -19.23 -2.35 -10.31
C CYS B 75 -20.30 -1.30 -10.04
N VAL B 76 -20.26 -0.22 -10.81
CA VAL B 76 -21.23 0.86 -10.64
C VAL B 76 -21.84 1.22 -11.99
N ALA B 77 -21.88 0.24 -12.88
CA ALA B 77 -22.43 0.44 -14.22
C ALA B 77 -23.26 -0.76 -14.65
N TYR B 78 -24.25 -0.48 -15.48
CA TYR B 78 -25.13 -1.52 -16.00
C TYR B 78 -25.29 -1.32 -17.50
N PRO B 79 -25.61 -2.39 -18.25
CA PRO B 79 -25.79 -2.32 -19.68
C PRO B 79 -27.15 -1.73 -20.05
N THR B 80 -27.12 -0.57 -20.70
CA THR B 80 -28.35 0.09 -21.12
C THR B 80 -29.02 -0.73 -22.22
N SER B 81 -28.22 -1.59 -22.85
CA SER B 81 -28.69 -2.45 -23.91
C SER B 81 -27.79 -3.69 -23.98
N ASP B 82 -28.29 -4.77 -24.57
CA ASP B 82 -27.53 -6.02 -24.69
C ASP B 82 -26.25 -5.75 -25.48
N CYS B 83 -25.13 -6.30 -25.01
CA CYS B 83 -23.86 -6.08 -25.68
C CYS B 83 -22.76 -7.00 -25.13
N THR B 84 -21.57 -6.87 -25.69
CA THR B 84 -20.41 -7.65 -25.28
C THR B 84 -19.47 -6.77 -24.48
N ILE B 85 -19.05 -7.23 -23.31
CA ILE B 85 -18.17 -6.46 -22.44
C ILE B 85 -17.02 -7.33 -21.91
N GLN B 86 -15.79 -6.87 -22.07
CA GLN B 86 -14.63 -7.60 -21.57
C GLN B 86 -14.50 -7.34 -20.06
N THR B 87 -13.72 -8.17 -19.37
CA THR B 87 -13.58 -8.01 -17.93
C THR B 87 -12.13 -7.75 -17.49
N HIS B 88 -11.37 -8.82 -17.31
CA HIS B 88 -9.99 -8.75 -16.84
C HIS B 88 -9.07 -7.99 -17.80
N GLN B 89 -8.78 -6.74 -17.46
CA GLN B 89 -7.89 -5.88 -18.26
C GLN B 89 -7.79 -4.49 -17.63
N GLU B 90 -6.85 -4.31 -16.71
CA GLU B 90 -6.68 -3.02 -16.06
C GLU B 90 -5.46 -2.28 -16.61
N GLU B 91 -4.72 -2.95 -17.49
CA GLU B 91 -3.51 -2.37 -18.07
C GLU B 91 -3.83 -1.42 -19.22
N ALA B 92 -4.93 -1.69 -19.92
CA ALA B 92 -5.34 -0.87 -21.08
C ALA B 92 -5.80 0.53 -20.67
N LEU B 93 -5.95 0.76 -19.37
CA LEU B 93 -6.38 2.06 -18.89
C LEU B 93 -5.26 2.78 -18.13
N TYR B 94 -4.05 2.26 -18.28
CA TYR B 94 -2.91 2.85 -17.63
C TYR B 94 -1.96 3.46 -18.65
N LEU A 10 10.54 -11.15 -21.40
CA LEU A 10 10.40 -12.11 -20.28
C LEU A 10 9.55 -11.51 -19.18
N SER A 11 8.65 -12.29 -18.62
CA SER A 11 7.80 -11.82 -17.53
C SER A 11 8.67 -11.48 -16.32
N HIS A 12 8.17 -10.59 -15.47
CA HIS A 12 8.93 -10.18 -14.28
C HIS A 12 9.15 -11.35 -13.33
N VAL A 13 8.29 -12.36 -13.43
CA VAL A 13 8.41 -13.55 -12.63
C VAL A 13 9.58 -14.39 -13.14
N GLN A 14 9.64 -14.54 -14.46
CA GLN A 14 10.71 -15.30 -15.11
C GLN A 14 12.05 -14.62 -14.86
N GLN A 15 12.00 -13.29 -14.77
CA GLN A 15 13.19 -12.48 -14.53
C GLN A 15 13.82 -12.83 -13.18
N ALA A 16 13.03 -13.45 -12.31
CA ALA A 16 13.51 -13.84 -11.00
C ALA A 16 13.90 -15.31 -11.00
N LEU A 17 13.01 -16.14 -11.55
CA LEU A 17 13.23 -17.58 -11.62
C LEU A 17 14.50 -17.93 -12.42
N ALA A 18 14.87 -17.06 -13.34
CA ALA A 18 16.07 -17.27 -14.16
C ALA A 18 17.32 -17.36 -13.27
N GLU A 19 17.49 -16.38 -12.39
CA GLU A 19 18.64 -16.36 -11.50
C GLU A 19 18.48 -17.38 -10.38
N LEU A 20 17.23 -17.69 -10.05
CA LEU A 20 16.92 -18.67 -9.00
C LEU A 20 17.29 -20.08 -9.44
N ALA A 21 17.20 -20.33 -10.75
CA ALA A 21 17.54 -21.63 -11.31
C ALA A 21 19.05 -21.83 -11.29
N LYS A 22 19.78 -20.73 -11.30
CA LYS A 22 21.24 -20.78 -11.28
C LYS A 22 21.72 -21.24 -9.91
N PRO A 23 22.63 -22.23 -9.90
CA PRO A 23 23.19 -22.77 -8.66
C PRO A 23 23.78 -21.68 -7.76
N LYS A 24 23.83 -21.94 -6.46
CA LYS A 24 24.37 -20.99 -5.51
C LYS A 24 25.85 -20.74 -5.78
N ASP A 25 26.48 -21.73 -6.40
CA ASP A 25 27.89 -21.66 -6.74
C ASP A 25 28.10 -21.33 -8.21
N ASP A 26 27.06 -20.84 -8.86
CA ASP A 26 27.13 -20.47 -10.28
C ASP A 26 28.03 -19.24 -10.46
N PRO A 27 28.90 -19.25 -11.48
CA PRO A 27 29.81 -18.14 -11.75
C PRO A 27 29.08 -16.83 -12.03
N THR A 28 27.84 -16.92 -12.48
CA THR A 28 27.05 -15.74 -12.79
C THR A 28 25.91 -15.56 -11.77
N ARG A 29 25.97 -16.34 -10.70
CA ARG A 29 24.95 -16.28 -9.66
C ARG A 29 25.07 -15.00 -8.84
N LYS A 30 23.93 -14.40 -8.55
CA LYS A 30 23.88 -13.18 -7.77
C LYS A 30 23.08 -13.43 -6.50
N HIS A 31 23.04 -12.45 -5.61
CA HIS A 31 22.30 -12.58 -4.37
C HIS A 31 20.87 -12.12 -4.59
N VAL A 32 19.94 -13.06 -4.54
CA VAL A 32 18.54 -12.75 -4.75
C VAL A 32 17.80 -12.63 -3.43
N CYS A 33 17.51 -11.40 -3.04
CA CYS A 33 16.80 -11.13 -1.81
C CYS A 33 15.32 -10.93 -2.11
N VAL A 34 14.45 -11.44 -1.24
CA VAL A 34 13.02 -11.32 -1.44
C VAL A 34 12.33 -10.75 -0.20
N GLN A 35 11.37 -9.87 -0.42
CA GLN A 35 10.60 -9.27 0.67
C GLN A 35 9.12 -9.59 0.48
N VAL A 36 8.51 -10.17 1.50
CA VAL A 36 7.11 -10.54 1.44
C VAL A 36 6.27 -9.68 2.38
N ALA A 37 5.06 -9.34 1.96
CA ALA A 37 4.16 -8.53 2.76
C ALA A 37 3.24 -9.43 3.59
N PRO A 38 2.88 -8.98 4.81
CA PRO A 38 2.00 -9.73 5.72
C PRO A 38 0.65 -10.06 5.08
N ALA A 39 0.20 -9.19 4.18
CA ALA A 39 -1.07 -9.39 3.49
C ALA A 39 -1.02 -10.60 2.57
N VAL A 40 0.19 -10.96 2.15
CA VAL A 40 0.39 -12.11 1.28
C VAL A 40 0.36 -13.39 2.10
N ARG A 41 0.95 -13.33 3.28
CA ARG A 41 1.01 -14.48 4.19
C ARG A 41 -0.39 -14.99 4.56
N VAL A 42 -1.36 -14.08 4.59
CA VAL A 42 -2.71 -14.46 4.94
C VAL A 42 -3.51 -14.98 3.75
N ALA A 43 -3.25 -14.44 2.56
CA ALA A 43 -3.98 -14.84 1.36
C ALA A 43 -3.30 -15.97 0.60
N ILE A 44 -2.03 -16.22 0.88
CA ILE A 44 -1.27 -17.28 0.21
C ILE A 44 -1.90 -18.65 0.46
N ALA A 45 -2.69 -18.75 1.52
CA ALA A 45 -3.36 -19.99 1.86
C ALA A 45 -4.45 -20.31 0.85
N GLU A 46 -5.15 -19.28 0.39
CA GLU A 46 -6.24 -19.45 -0.58
C GLU A 46 -5.73 -19.98 -1.91
N THR A 47 -4.48 -19.65 -2.23
CA THR A 47 -3.86 -20.11 -3.47
C THR A 47 -3.60 -21.62 -3.42
N LEU A 48 -3.66 -22.18 -2.22
CA LEU A 48 -3.45 -23.61 -2.03
C LEU A 48 -4.77 -24.29 -1.67
N GLY A 49 -5.81 -23.49 -1.48
CA GLY A 49 -7.11 -24.02 -1.13
C GLY A 49 -7.29 -24.14 0.37
N LEU A 50 -6.60 -23.30 1.11
CA LEU A 50 -6.68 -23.30 2.57
C LEU A 50 -7.34 -22.04 3.08
N ALA A 51 -7.76 -22.05 4.33
CA ALA A 51 -8.40 -20.90 4.95
C ALA A 51 -7.39 -19.78 5.18
N PRO A 52 -7.80 -18.52 4.97
CA PRO A 52 -6.93 -17.36 5.14
C PRO A 52 -6.33 -17.30 6.55
N GLY A 53 -5.00 -17.34 6.61
CA GLY A 53 -4.32 -17.29 7.90
C GLY A 53 -3.88 -18.65 8.40
N ALA A 54 -4.14 -19.69 7.63
CA ALA A 54 -3.74 -21.05 8.01
C ALA A 54 -2.23 -21.23 7.92
N THR A 55 -1.64 -20.63 6.89
CA THR A 55 -0.21 -20.69 6.68
C THR A 55 0.54 -19.82 7.68
N THR A 56 1.57 -20.39 8.31
CA THR A 56 2.34 -19.63 9.28
C THR A 56 3.41 -18.80 8.58
N PRO A 57 3.90 -17.72 9.24
CA PRO A 57 4.93 -16.85 8.67
C PRO A 57 6.21 -17.64 8.39
N LYS A 58 6.51 -18.60 9.25
CA LYS A 58 7.71 -19.41 9.10
C LYS A 58 7.60 -20.39 7.94
N GLN A 59 6.41 -20.93 7.72
CA GLN A 59 6.19 -21.87 6.62
C GLN A 59 6.45 -21.20 5.28
N LEU A 60 5.99 -19.96 5.16
CA LEU A 60 6.17 -19.19 3.94
C LEU A 60 7.66 -18.93 3.70
N ALA A 61 8.36 -18.50 4.75
CA ALA A 61 9.79 -18.22 4.66
C ALA A 61 10.57 -19.46 4.24
N GLU A 62 10.20 -20.60 4.82
CA GLU A 62 10.84 -21.87 4.52
C GLU A 62 10.65 -22.23 3.05
N GLY A 63 9.43 -22.00 2.56
CA GLY A 63 9.13 -22.30 1.17
C GLY A 63 9.89 -21.39 0.22
N LEU A 64 9.92 -20.10 0.55
CA LEU A 64 10.62 -19.11 -0.27
C LEU A 64 12.10 -19.41 -0.35
N ARG A 65 12.68 -19.83 0.78
CA ARG A 65 14.09 -20.15 0.84
C ARG A 65 14.41 -21.34 -0.07
N ARG A 66 13.44 -22.23 -0.24
CA ARG A 66 13.62 -23.41 -1.07
C ARG A 66 13.42 -23.09 -2.55
N LEU A 67 12.93 -21.89 -2.83
CA LEU A 67 12.70 -21.47 -4.22
C LEU A 67 14.00 -21.05 -4.88
N GLY A 68 15.06 -20.96 -4.08
CA GLY A 68 16.35 -20.57 -4.60
C GLY A 68 16.77 -19.19 -4.14
N PHE A 69 15.92 -18.55 -3.34
CA PHE A 69 16.22 -17.22 -2.83
C PHE A 69 17.39 -17.25 -1.85
N ASP A 70 18.02 -16.11 -1.64
CA ASP A 70 19.15 -16.03 -0.73
C ASP A 70 18.74 -15.45 0.61
N GLU A 71 18.22 -14.23 0.58
CA GLU A 71 17.78 -13.56 1.79
C GLU A 71 16.27 -13.32 1.77
N VAL A 72 15.59 -13.80 2.80
CA VAL A 72 14.14 -13.63 2.90
C VAL A 72 13.80 -12.57 3.93
N PHE A 73 13.32 -11.43 3.46
CA PHE A 73 12.97 -10.32 4.34
C PHE A 73 11.46 -10.11 4.35
N ASP A 74 11.01 -9.29 5.28
CA ASP A 74 9.59 -8.97 5.42
C ASP A 74 9.35 -7.49 5.16
N THR A 75 8.13 -7.13 4.76
CA THR A 75 7.79 -5.74 4.45
C THR A 75 7.59 -4.89 5.71
N LEU A 76 7.29 -5.52 6.84
CA LEU A 76 7.08 -4.79 8.09
C LEU A 76 8.33 -4.02 8.50
N PHE A 77 9.49 -4.63 8.26
CA PHE A 77 10.77 -3.98 8.58
C PHE A 77 10.89 -2.68 7.78
N GLY A 78 10.44 -2.73 6.53
CA GLY A 78 10.49 -1.57 5.68
C GLY A 78 9.44 -0.55 6.10
N ALA A 79 8.30 -1.06 6.55
CA ALA A 79 7.21 -0.21 6.99
C ALA A 79 7.60 0.55 8.25
N ASP A 80 8.41 -0.11 9.09
CA ASP A 80 8.89 0.49 10.33
C ASP A 80 9.67 1.77 10.00
N LEU A 81 10.40 1.73 8.89
CA LEU A 81 11.17 2.88 8.43
C LEU A 81 10.22 3.97 7.92
N THR A 82 9.21 3.54 7.17
CA THR A 82 8.23 4.45 6.60
C THR A 82 7.50 5.20 7.71
N ILE A 83 7.15 4.48 8.76
CA ILE A 83 6.45 5.05 9.90
C ILE A 83 7.29 6.16 10.54
N MET A 84 8.59 5.92 10.63
CA MET A 84 9.50 6.90 11.22
C MET A 84 9.58 8.17 10.38
N GLU A 85 9.83 7.99 9.08
CA GLU A 85 9.94 9.13 8.18
C GLU A 85 8.61 9.86 8.02
N GLU A 86 7.53 9.11 7.85
CA GLU A 86 6.20 9.68 7.68
C GLU A 86 5.79 10.48 8.92
N GLY A 87 6.06 9.91 10.09
CA GLY A 87 5.74 10.58 11.34
C GLY A 87 6.50 11.88 11.46
N SER A 88 7.75 11.87 11.01
CA SER A 88 8.59 13.05 11.04
C SER A 88 8.09 14.10 10.05
N GLU A 89 7.73 13.66 8.84
CA GLU A 89 7.22 14.55 7.82
C GLU A 89 5.94 15.25 8.32
N LEU A 90 5.05 14.44 8.89
CA LEU A 90 3.79 14.94 9.42
C LEU A 90 4.03 15.97 10.52
N LEU A 91 4.82 15.60 11.53
CA LEU A 91 5.12 16.49 12.63
C LEU A 91 5.81 17.75 12.14
N HIS A 92 6.69 17.58 11.16
CA HIS A 92 7.43 18.69 10.57
C HIS A 92 6.46 19.67 9.91
N ARG A 93 5.61 19.16 9.03
CA ARG A 93 4.64 20.01 8.32
C ARG A 93 3.71 20.72 9.29
N LEU A 94 3.30 20.03 10.35
CA LEU A 94 2.41 20.61 11.35
C LEU A 94 3.11 21.73 12.10
N THR A 95 4.31 21.44 12.61
CA THR A 95 5.08 22.41 13.38
C THR A 95 5.38 23.67 12.58
N GLU A 96 5.78 23.50 11.31
CA GLU A 96 6.09 24.63 10.44
C GLU A 96 4.90 25.57 10.30
N HIS A 97 3.69 25.01 10.37
CA HIS A 97 2.48 25.80 10.25
C HIS A 97 2.16 26.51 11.55
N LEU A 98 2.41 25.83 12.66
CA LEU A 98 2.14 26.39 13.99
C LEU A 98 3.10 27.53 14.29
N GLU A 99 4.31 27.43 13.79
CA GLU A 99 5.32 28.46 14.01
C GLU A 99 5.11 29.65 13.08
N ALA A 100 4.17 29.51 12.14
CA ALA A 100 3.83 30.55 11.18
C ALA A 100 5.04 30.93 10.34
N GLU A 106 5.94 22.65 2.17
CA GLU A 106 5.08 21.52 2.58
C GLU A 106 3.80 22.03 3.25
N PRO A 107 2.71 22.13 2.48
CA PRO A 107 1.43 22.62 2.98
C PRO A 107 0.55 21.49 3.51
N LEU A 108 -0.70 21.85 3.83
CA LEU A 108 -1.69 20.91 4.34
C LEU A 108 -3.00 21.13 3.60
N PRO A 109 -3.90 20.14 3.54
CA PRO A 109 -3.73 18.81 4.16
C PRO A 109 -2.57 18.00 3.57
N MET A 110 -2.22 16.93 4.27
CA MET A 110 -1.15 16.05 3.85
C MET A 110 -1.69 14.67 3.48
N PHE A 111 -1.23 14.15 2.36
CA PHE A 111 -1.64 12.83 1.90
C PHE A 111 -0.49 11.84 1.98
N THR A 112 -0.79 10.59 2.31
CA THR A 112 0.23 9.56 2.44
C THR A 112 0.62 8.96 1.08
N SER A 113 1.82 8.41 1.00
CA SER A 113 2.30 7.80 -0.23
C SER A 113 2.40 6.28 -0.07
N CYS A 114 1.31 5.66 0.34
CA CYS A 114 1.27 4.23 0.57
C CYS A 114 0.85 3.46 -0.70
N CYS A 115 -0.11 4.00 -1.42
CA CYS A 115 -0.61 3.34 -2.63
C CYS A 115 -0.13 4.01 -3.90
N PRO A 116 0.63 3.27 -4.73
CA PRO A 116 1.16 3.77 -6.01
C PRO A 116 0.04 4.10 -6.99
N GLY A 117 -1.08 3.38 -6.88
CA GLY A 117 -2.21 3.60 -7.75
C GLY A 117 -2.79 4.99 -7.57
N TRP A 118 -2.86 5.44 -6.32
CA TRP A 118 -3.38 6.76 -6.03
C TRP A 118 -2.38 7.83 -6.48
N ILE A 119 -1.11 7.54 -6.32
CA ILE A 119 -0.04 8.45 -6.72
C ILE A 119 -0.10 8.67 -8.24
N ALA A 120 -0.26 7.57 -8.98
CA ALA A 120 -0.34 7.63 -10.43
C ALA A 120 -1.55 8.43 -10.87
N MET A 121 -2.67 8.27 -10.15
CA MET A 121 -3.88 9.00 -10.45
C MET A 121 -3.70 10.47 -10.13
N LEU A 122 -2.93 10.73 -9.09
CA LEU A 122 -2.64 12.10 -8.66
C LEU A 122 -1.85 12.84 -9.73
N GLU A 123 -0.74 12.26 -10.14
CA GLU A 123 0.13 12.87 -11.14
C GLU A 123 -0.57 13.11 -12.48
N LYS A 124 -1.62 12.33 -12.75
CA LYS A 124 -2.35 12.45 -14.00
C LYS A 124 -3.59 13.33 -13.90
N SER A 125 -4.45 13.03 -12.94
CA SER A 125 -5.70 13.76 -12.78
C SER A 125 -5.59 15.06 -11.98
N TYR A 126 -4.88 15.05 -10.86
CA TYR A 126 -4.75 16.25 -10.04
C TYR A 126 -3.30 16.54 -9.64
N PRO A 127 -2.48 17.02 -10.59
CA PRO A 127 -1.06 17.33 -10.32
C PRO A 127 -0.92 18.55 -9.40
N ASP A 128 -2.02 19.26 -9.21
CA ASP A 128 -2.04 20.45 -8.36
C ASP A 128 -1.95 20.07 -6.89
N LEU A 129 -2.21 18.81 -6.58
CA LEU A 129 -2.18 18.34 -5.21
C LEU A 129 -0.87 17.65 -4.84
N ILE A 130 0.11 17.73 -5.74
CA ILE A 130 1.42 17.10 -5.51
C ILE A 130 2.10 17.54 -4.20
N PRO A 131 2.24 18.86 -3.95
CA PRO A 131 2.89 19.36 -2.72
C PRO A 131 2.14 18.95 -1.45
N TYR A 132 0.87 18.65 -1.58
CA TYR A 132 0.04 18.26 -0.45
C TYR A 132 0.34 16.82 -0.03
N VAL A 133 0.93 16.05 -0.94
CA VAL A 133 1.27 14.66 -0.65
C VAL A 133 2.66 14.60 0.00
N SER A 134 2.93 13.50 0.70
CA SER A 134 4.20 13.31 1.36
C SER A 134 5.32 13.11 0.34
N SER A 135 6.55 13.18 0.81
CA SER A 135 7.69 13.00 -0.07
C SER A 135 8.34 11.64 0.18
N CYS A 136 7.69 10.82 1.01
CA CYS A 136 8.21 9.50 1.35
C CYS A 136 7.93 8.48 0.26
N LYS A 137 8.38 7.25 0.47
CA LYS A 137 8.18 6.16 -0.46
C LYS A 137 7.44 5.02 0.23
N SER A 138 6.99 4.04 -0.54
CA SER A 138 6.29 2.90 0.05
C SER A 138 7.25 2.05 0.88
N PRO A 139 6.73 1.34 1.90
CA PRO A 139 7.54 0.49 2.79
C PRO A 139 8.47 -0.45 2.03
N GLN A 140 7.95 -1.10 1.00
CA GLN A 140 8.74 -2.04 0.21
C GLN A 140 9.83 -1.31 -0.58
N MET A 141 9.53 -0.11 -1.05
CA MET A 141 10.49 0.67 -1.82
C MET A 141 11.57 1.25 -0.90
N MET A 142 11.26 1.31 0.38
CA MET A 142 12.19 1.80 1.37
C MET A 142 13.18 0.70 1.73
N LEU A 143 12.64 -0.48 2.01
CA LEU A 143 13.46 -1.63 2.35
C LEU A 143 14.37 -2.01 1.20
N ALA A 144 13.82 -1.99 -0.02
CA ALA A 144 14.58 -2.33 -1.22
C ALA A 144 15.79 -1.42 -1.39
N ALA A 145 15.60 -0.13 -1.08
CA ALA A 145 16.69 0.83 -1.19
C ALA A 145 17.68 0.67 -0.04
N MET A 146 17.18 0.22 1.10
CA MET A 146 18.02 0.02 2.28
C MET A 146 18.93 -1.20 2.13
N VAL A 147 18.37 -2.30 1.63
CA VAL A 147 19.14 -3.52 1.46
C VAL A 147 20.18 -3.40 0.34
N LYS A 148 19.90 -2.55 -0.64
CA LYS A 148 20.81 -2.35 -1.76
C LYS A 148 21.88 -1.30 -1.43
N SER A 149 21.84 -0.77 -0.22
CA SER A 149 22.81 0.22 0.20
C SER A 149 23.56 -0.24 1.45
N TYR A 150 22.92 -0.09 2.61
CA TYR A 150 23.51 -0.48 3.88
C TYR A 150 23.96 -1.94 3.88
N LEU A 151 23.04 -2.84 3.53
CA LEU A 151 23.34 -4.26 3.51
C LEU A 151 24.45 -4.57 2.50
N ALA A 152 24.38 -3.94 1.35
CA ALA A 152 25.37 -4.13 0.28
C ALA A 152 26.76 -3.73 0.76
N GLU A 153 26.87 -2.53 1.32
CA GLU A 153 28.14 -2.02 1.81
C GLU A 153 28.63 -2.81 3.02
N LYS A 154 27.70 -3.21 3.88
CA LYS A 154 28.03 -3.96 5.09
C LYS A 154 28.61 -5.33 4.73
N LYS A 155 27.92 -6.04 3.85
CA LYS A 155 28.37 -7.37 3.44
C LYS A 155 29.52 -7.29 2.45
N GLY A 156 29.72 -6.09 1.89
CA GLY A 156 30.80 -5.90 0.93
C GLY A 156 30.49 -6.53 -0.40
N ILE A 157 29.22 -6.46 -0.78
CA ILE A 157 28.76 -7.02 -2.05
C ILE A 157 28.27 -5.90 -2.94
N ALA A 158 28.67 -5.93 -4.21
CA ALA A 158 28.26 -4.93 -5.17
C ALA A 158 26.77 -5.03 -5.45
N PRO A 159 26.05 -3.88 -5.45
CA PRO A 159 24.60 -3.84 -5.70
C PRO A 159 24.24 -4.40 -7.07
N LYS A 160 25.24 -4.51 -7.95
CA LYS A 160 25.04 -5.04 -9.30
C LYS A 160 24.79 -6.55 -9.25
N ASP A 161 25.24 -7.18 -8.17
CA ASP A 161 25.09 -8.62 -8.01
C ASP A 161 24.05 -8.91 -6.94
N MET A 162 23.15 -7.95 -6.74
CA MET A 162 22.09 -8.09 -5.76
C MET A 162 20.74 -7.84 -6.42
N VAL A 163 19.92 -8.88 -6.46
CA VAL A 163 18.60 -8.79 -7.06
C VAL A 163 17.55 -8.71 -5.96
N MET A 164 16.63 -7.77 -6.09
CA MET A 164 15.59 -7.59 -5.10
C MET A 164 14.23 -7.94 -5.66
N VAL A 165 13.58 -8.92 -5.05
CA VAL A 165 12.26 -9.36 -5.47
C VAL A 165 11.28 -9.10 -4.34
N SER A 166 10.11 -8.57 -4.68
CA SER A 166 9.11 -8.28 -3.67
C SER A 166 7.78 -8.95 -3.98
N ILE A 167 7.18 -9.54 -2.96
CA ILE A 167 5.90 -10.20 -3.13
C ILE A 167 4.80 -9.26 -2.63
N MET A 168 4.10 -8.64 -3.56
CA MET A 168 3.06 -7.68 -3.23
C MET A 168 1.69 -8.17 -3.64
N PRO A 169 0.66 -7.78 -2.88
CA PRO A 169 -0.73 -8.17 -3.14
C PRO A 169 -1.41 -7.29 -4.18
N CYS A 170 -0.61 -6.59 -4.98
CA CYS A 170 -1.14 -5.71 -6.01
C CYS A 170 -0.25 -5.70 -7.24
N THR A 171 -0.85 -5.90 -8.39
CA THR A 171 -0.14 -5.92 -9.66
C THR A 171 0.38 -4.52 -10.02
N ARG A 172 -0.32 -3.50 -9.53
CA ARG A 172 0.06 -2.11 -9.80
C ARG A 172 1.19 -1.64 -8.87
N LYS A 173 1.89 -2.58 -8.25
CA LYS A 173 2.99 -2.25 -7.36
C LYS A 173 4.31 -2.13 -8.11
N GLN A 174 4.47 -2.94 -9.16
CA GLN A 174 5.68 -2.90 -9.97
C GLN A 174 5.81 -1.57 -10.68
N SER A 175 4.66 -0.97 -11.00
CA SER A 175 4.61 0.31 -11.68
C SER A 175 5.28 1.42 -10.88
N GLU A 176 5.33 1.26 -9.56
CA GLU A 176 5.97 2.25 -8.70
C GLU A 176 7.48 2.13 -8.80
N ALA A 177 7.95 0.89 -8.71
CA ALA A 177 9.39 0.61 -8.79
C ALA A 177 9.90 0.76 -10.22
N ASP A 178 8.98 0.99 -11.14
CA ASP A 178 9.33 1.16 -12.56
C ASP A 178 9.89 2.56 -12.81
N ARG A 179 9.63 3.47 -11.87
CA ARG A 179 10.11 4.84 -11.99
C ARG A 179 11.64 4.91 -12.07
N ASP A 180 12.11 5.43 -13.20
CA ASP A 180 13.55 5.56 -13.49
C ASP A 180 14.40 6.02 -12.30
N TRP A 181 13.98 7.08 -11.61
CA TRP A 181 14.74 7.63 -10.50
C TRP A 181 14.94 6.67 -9.31
N PHE A 182 14.25 5.53 -9.32
CA PHE A 182 14.40 4.56 -8.25
C PHE A 182 15.57 3.64 -8.51
N CYS A 183 16.74 4.23 -8.69
CA CYS A 183 17.96 3.49 -8.96
C CYS A 183 18.90 3.57 -7.75
N VAL A 184 19.97 2.78 -7.78
CA VAL A 184 20.93 2.78 -6.69
C VAL A 184 22.03 3.81 -6.94
N ASP A 185 21.73 5.07 -6.62
CA ASP A 185 22.66 6.18 -6.79
C ASP A 185 23.06 6.40 -8.24
N THR A 189 22.59 0.19 -15.24
CA THR A 189 21.35 0.66 -14.59
C THR A 189 20.95 -0.26 -13.43
C LEU A 190 19.66 -0.11 -10.39
N ARG A 191 18.69 -1.00 -10.27
CA ARG A 191 17.40 -0.65 -9.70
C ARG A 191 17.36 -0.95 -8.21
N GLN A 192 16.59 -0.17 -7.46
CA GLN A 192 16.43 -0.40 -6.03
C GLN A 192 15.61 -1.66 -5.83
N LEU A 193 14.63 -1.81 -6.69
CA LEU A 193 13.75 -2.97 -6.70
C LEU A 193 13.68 -3.44 -8.15
N ASP A 194 14.07 -4.69 -8.39
CA ASP A 194 14.10 -5.22 -9.74
C ASP A 194 12.85 -5.99 -10.13
N HIS A 195 12.37 -6.87 -9.25
CA HIS A 195 11.21 -7.68 -9.60
C HIS A 195 10.13 -7.66 -8.53
N VAL A 196 8.88 -7.64 -8.97
CA VAL A 196 7.72 -7.65 -8.08
C VAL A 196 6.77 -8.77 -8.53
N ILE A 197 6.46 -9.67 -7.62
CA ILE A 197 5.58 -10.79 -7.91
C ILE A 197 4.36 -10.72 -6.99
N THR A 198 3.20 -11.03 -7.54
CA THR A 198 1.96 -10.99 -6.76
C THR A 198 1.67 -12.33 -6.10
N THR A 199 0.72 -12.31 -5.16
CA THR A 199 0.32 -13.50 -4.43
C THR A 199 -0.13 -14.62 -5.35
N VAL A 200 -0.96 -14.28 -6.34
CA VAL A 200 -1.47 -15.27 -7.29
C VAL A 200 -0.34 -15.90 -8.10
N GLU A 201 0.64 -15.10 -8.49
CA GLU A 201 1.77 -15.59 -9.26
C GLU A 201 2.64 -16.51 -8.41
N LEU A 202 2.96 -16.06 -7.19
CA LEU A 202 3.78 -16.82 -6.27
C LEU A 202 3.12 -18.15 -5.90
N GLY A 203 1.82 -18.11 -5.63
CA GLY A 203 1.09 -19.30 -5.27
C GLY A 203 1.14 -20.36 -6.35
N ASN A 204 1.11 -19.91 -7.60
CA ASN A 204 1.17 -20.83 -8.74
C ASN A 204 2.54 -21.48 -8.83
N ILE A 205 3.58 -20.71 -8.54
CA ILE A 205 4.96 -21.21 -8.57
C ILE A 205 5.11 -22.38 -7.59
N PHE A 206 4.58 -22.19 -6.39
CA PHE A 206 4.64 -23.21 -5.36
C PHE A 206 3.95 -24.49 -5.82
N LYS A 207 2.77 -24.35 -6.40
CA LYS A 207 2.01 -25.49 -6.89
C LYS A 207 2.74 -26.21 -8.02
N GLU A 208 3.23 -25.44 -8.99
CA GLU A 208 3.93 -26.01 -10.14
C GLU A 208 5.26 -26.65 -9.73
N ARG A 209 5.88 -26.12 -8.69
CA ARG A 209 7.15 -26.65 -8.20
C ARG A 209 6.92 -27.87 -7.32
N GLY A 210 5.67 -28.08 -6.93
CA GLY A 210 5.33 -29.21 -6.08
C GLY A 210 5.68 -28.95 -4.63
N ILE A 211 5.62 -27.68 -4.23
CA ILE A 211 5.94 -27.31 -2.86
C ILE A 211 4.70 -26.80 -2.15
N ASN A 212 4.28 -27.54 -1.12
CA ASN A 212 3.11 -27.14 -0.35
C ASN A 212 3.54 -26.56 0.98
N LEU A 213 3.13 -25.32 1.24
CA LEU A 213 3.48 -24.64 2.49
C LEU A 213 2.96 -25.38 3.71
N ALA A 214 1.82 -26.04 3.56
CA ALA A 214 1.20 -26.78 4.65
C ALA A 214 2.00 -28.02 5.02
N GLU A 215 2.89 -28.43 4.12
CA GLU A 215 3.73 -29.61 4.35
C GLU A 215 5.14 -29.20 4.73
N LEU A 216 5.36 -27.90 4.85
CA LEU A 216 6.68 -27.38 5.19
C LEU A 216 6.79 -27.09 6.68
N PRO A 217 8.02 -27.20 7.22
CA PRO A 217 8.28 -26.92 8.63
C PRO A 217 8.38 -25.42 8.89
N GLU A 218 8.61 -25.06 10.14
CA GLU A 218 8.75 -23.66 10.51
C GLU A 218 10.14 -23.14 10.19
N GLY A 219 10.24 -22.37 9.10
CA GLY A 219 11.51 -21.81 8.69
C GLY A 219 11.85 -20.57 9.48
N GLU A 220 12.63 -19.67 8.88
CA GLU A 220 13.02 -18.43 9.55
C GLU A 220 13.26 -17.32 8.53
N TRP A 221 13.18 -16.08 9.00
CA TRP A 221 13.40 -14.92 8.15
C TRP A 221 14.82 -14.40 8.34
N ASP A 222 15.25 -13.52 7.44
CA ASP A 222 16.58 -12.94 7.51
C ASP A 222 16.50 -11.49 7.97
N ASN A 223 17.55 -11.02 8.61
CA ASN A 223 17.59 -9.65 9.10
C ASN A 223 18.34 -8.73 8.14
N PRO A 224 17.66 -7.69 7.64
CA PRO A 224 18.25 -6.71 6.72
C PRO A 224 19.38 -5.92 7.37
N MET A 225 19.45 -5.95 8.69
CA MET A 225 20.50 -5.26 9.42
C MET A 225 21.78 -6.06 9.44
N GLY A 226 21.70 -7.30 9.00
CA GLY A 226 22.87 -8.16 8.96
C GLY A 226 22.84 -9.21 10.06
N VAL A 227 22.94 -8.74 11.29
CA VAL A 227 22.94 -9.64 12.45
C VAL A 227 21.60 -9.58 13.17
N GLY A 228 21.36 -10.56 14.04
CA GLY A 228 20.12 -10.62 14.78
C GLY A 228 19.16 -11.65 14.22
N SER A 229 18.82 -12.64 15.03
CA SER A 229 17.91 -13.70 14.62
C SER A 229 16.51 -13.16 14.33
N GLY A 230 15.95 -13.58 13.21
CA GLY A 230 14.63 -13.13 12.82
C GLY A 230 14.69 -12.07 11.75
N ALA A 231 13.57 -11.41 11.49
CA ALA A 231 13.53 -10.36 10.48
C ALA A 231 13.95 -9.01 11.06
N GLY A 232 14.12 -8.96 12.38
CA GLY A 232 14.52 -7.74 13.03
C GLY A 232 13.34 -6.91 13.49
N VAL A 233 12.14 -7.40 13.20
CA VAL A 233 10.91 -6.71 13.58
C VAL A 233 10.50 -7.16 14.97
N LEU A 234 10.22 -6.20 15.85
CA LEU A 234 9.82 -6.50 17.22
C LEU A 234 8.39 -7.02 17.25
N PHE A 235 8.13 -7.96 18.15
CA PHE A 235 6.80 -8.55 18.30
C PHE A 235 5.78 -7.48 18.66
N GLY A 236 4.69 -7.46 17.91
CA GLY A 236 3.64 -6.49 18.15
C GLY A 236 3.27 -5.75 16.88
N THR A 237 2.03 -5.32 16.79
CA THR A 237 1.54 -4.60 15.62
C THR A 237 1.69 -3.10 15.81
N THR A 238 1.98 -2.40 14.73
CA THR A 238 2.15 -0.95 14.78
C THR A 238 0.80 -0.28 14.54
N GLY A 239 -0.20 -1.08 14.15
CA GLY A 239 -1.53 -0.57 13.91
C GLY A 239 -1.73 -0.12 12.47
N GLY A 240 -0.65 -0.03 11.73
CA GLY A 240 -0.71 0.38 10.35
C GLY A 240 0.15 1.60 10.10
N VAL A 241 0.42 1.90 8.83
CA VAL A 241 1.25 3.03 8.47
C VAL A 241 0.68 4.34 9.00
N MET A 242 -0.53 4.67 8.57
CA MET A 242 -1.22 5.89 9.01
C MET A 242 -1.25 6.02 10.54
N GLU A 243 -1.79 5.01 11.20
CA GLU A 243 -1.92 5.01 12.65
C GLU A 243 -0.58 5.19 13.36
N ALA A 244 0.41 4.38 13.00
CA ALA A 244 1.72 4.45 13.62
C ALA A 244 2.41 5.78 13.39
N ALA A 245 2.22 6.34 12.19
CA ALA A 245 2.81 7.63 11.85
C ALA A 245 2.21 8.73 12.73
N LEU A 246 0.88 8.73 12.82
CA LEU A 246 0.17 9.71 13.63
C LEU A 246 0.54 9.55 15.10
N ARG A 247 0.63 8.30 15.53
CA ARG A 247 0.97 7.97 16.90
C ARG A 247 2.33 8.53 17.28
N THR A 248 3.34 8.27 16.45
CA THR A 248 4.68 8.75 16.70
C THR A 248 4.73 10.27 16.90
N ALA A 249 3.96 10.99 16.10
CA ALA A 249 3.91 12.43 16.20
C ALA A 249 3.14 12.86 17.45
N TYR A 250 2.04 12.18 17.71
CA TYR A 250 1.18 12.48 18.85
C TYR A 250 1.92 12.25 20.18
N GLU A 251 2.57 11.10 20.30
CA GLU A 251 3.28 10.74 21.53
C GLU A 251 4.49 11.64 21.80
N LEU A 252 4.83 12.49 20.85
CA LEU A 252 5.94 13.41 21.00
C LEU A 252 5.44 14.84 21.18
N PHE A 253 4.42 15.19 20.40
CA PHE A 253 3.82 16.53 20.45
C PHE A 253 3.04 16.72 21.74
N THR A 254 2.32 15.67 22.15
CA THR A 254 1.49 15.74 23.34
C THR A 254 2.16 15.04 24.52
N GLY A 255 3.12 14.17 24.23
CA GLY A 255 3.80 13.43 25.28
C GLY A 255 3.00 12.20 25.69
N THR A 256 1.68 12.33 25.67
CA THR A 256 0.80 11.25 26.03
C THR A 256 0.75 10.21 24.90
N PRO A 257 0.61 8.93 25.26
CA PRO A 257 0.56 7.84 24.27
C PRO A 257 -0.77 7.80 23.53
N LEU A 258 -0.74 7.22 22.34
CA LEU A 258 -1.94 7.12 21.51
C LEU A 258 -2.33 5.65 21.32
N PRO A 259 -3.58 5.28 21.65
CA PRO A 259 -4.07 3.91 21.51
C PRO A 259 -4.40 3.59 20.05
N ARG A 260 -5.27 2.59 19.85
CA ARG A 260 -5.67 2.21 18.50
C ARG A 260 -6.73 3.18 18.00
N LEU A 261 -6.58 3.62 16.76
CA LEU A 261 -7.51 4.57 16.18
C LEU A 261 -8.79 3.89 15.70
N SER A 262 -9.92 4.47 16.08
CA SER A 262 -11.21 3.92 15.69
C SER A 262 -11.80 4.77 14.57
N LEU A 263 -11.70 4.29 13.35
CA LEU A 263 -12.21 5.01 12.19
C LEU A 263 -13.73 4.99 12.14
N SER A 264 -14.31 6.16 11.91
CA SER A 264 -15.74 6.29 11.81
C SER A 264 -16.14 6.51 10.36
N GLU A 265 -17.26 5.92 9.96
CA GLU A 265 -17.74 6.05 8.59
C GLU A 265 -18.32 7.43 8.32
N VAL A 266 -18.06 7.95 7.14
CA VAL A 266 -18.55 9.27 6.75
C VAL A 266 -19.81 9.11 5.89
N ARG A 267 -20.95 9.44 6.46
CA ARG A 267 -22.22 9.32 5.76
C ARG A 267 -22.25 10.27 4.56
N GLY A 268 -22.69 9.74 3.43
CA GLY A 268 -22.76 10.53 2.22
C GLY A 268 -21.77 10.01 1.19
N MET A 269 -20.67 9.45 1.67
CA MET A 269 -19.65 8.89 0.79
C MET A 269 -19.25 7.52 1.30
N ASP A 270 -19.96 6.51 0.83
CA ASP A 270 -19.72 5.13 1.23
C ASP A 270 -18.31 4.67 0.87
N GLY A 271 -17.45 4.62 1.88
CA GLY A 271 -16.08 4.20 1.66
C GLY A 271 -15.10 5.14 2.32
N ILE A 272 -15.56 6.34 2.64
CA ILE A 272 -14.74 7.34 3.28
C ILE A 272 -14.91 7.24 4.79
N LYS A 273 -13.79 7.22 5.50
CA LYS A 273 -13.81 7.15 6.95
C LYS A 273 -13.04 8.32 7.54
N GLU A 274 -13.27 8.63 8.80
CA GLU A 274 -12.57 9.74 9.45
C GLU A 274 -12.36 9.46 10.94
N THR A 275 -11.49 10.25 11.54
CA THR A 275 -11.19 10.14 12.96
C THR A 275 -10.63 11.47 13.46
N ASN A 276 -10.95 11.82 14.69
CA ASN A 276 -10.48 13.06 15.27
C ASN A 276 -9.52 12.80 16.42
N ILE A 277 -8.33 13.37 16.32
CA ILE A 277 -7.32 13.20 17.34
C ILE A 277 -7.05 14.52 18.07
N THR A 278 -7.55 14.63 19.29
CA THR A 278 -7.37 15.84 20.08
C THR A 278 -5.93 15.93 20.57
N MET A 279 -5.13 16.75 19.90
CA MET A 279 -3.73 16.90 20.25
C MET A 279 -3.51 18.02 21.26
N VAL A 280 -3.28 17.63 22.50
CA VAL A 280 -3.02 18.60 23.57
C VAL A 280 -1.52 18.63 23.84
N PRO A 281 -0.86 19.75 23.51
CA PRO A 281 0.59 19.92 23.69
C PRO A 281 1.08 19.56 25.09
N ALA A 282 2.26 18.94 25.14
CA ALA A 282 2.86 18.55 26.41
C ALA A 282 3.35 19.78 27.17
N PRO A 283 3.06 19.85 28.48
CA PRO A 283 3.46 20.97 29.32
C PRO A 283 4.99 21.12 29.38
N GLY A 284 5.49 22.26 28.95
CA GLY A 284 6.92 22.51 28.98
C GLY A 284 7.60 22.18 27.67
N SER A 285 6.83 22.12 26.60
CA SER A 285 7.39 21.83 25.28
C SER A 285 7.32 23.06 24.40
N LYS A 286 8.07 23.05 23.31
CA LYS A 286 8.06 24.17 22.39
C LYS A 286 6.72 24.19 21.65
N PHE A 287 6.13 23.01 21.52
CA PHE A 287 4.85 22.86 20.85
C PHE A 287 3.77 23.59 21.63
N GLU A 288 3.83 23.46 22.95
CA GLU A 288 2.88 24.13 23.84
C GLU A 288 3.02 25.64 23.71
N GLU A 289 4.27 26.08 23.63
CA GLU A 289 4.58 27.50 23.52
C GLU A 289 4.18 28.08 22.16
N LEU A 290 4.13 27.24 21.15
CA LEU A 290 3.77 27.69 19.80
C LEU A 290 2.39 28.35 19.80
N LEU A 291 1.39 27.61 20.24
CA LEU A 291 0.02 28.12 20.29
C LEU A 291 -0.17 29.13 21.42
N LYS A 292 0.83 29.22 22.28
CA LYS A 292 0.79 30.14 23.41
C LYS A 292 1.37 31.50 23.01
N HIS A 293 2.40 31.46 22.17
CA HIS A 293 3.06 32.68 21.70
C HIS A 293 2.32 33.28 20.51
N ARG A 294 1.69 32.41 19.71
CA ARG A 294 0.95 32.85 18.55
C ARG A 294 -0.32 32.03 18.36
N ALA A 295 -1.47 32.69 18.44
CA ALA A 295 -2.76 32.04 18.29
C ALA A 295 -3.39 32.44 16.96
N ALA A 296 -2.68 33.26 16.22
CA ALA A 296 -3.15 33.75 14.93
C ALA A 296 -1.99 34.40 14.18
N GLY A 308 -3.40 28.00 -4.17
CA GLY A 308 -3.54 26.68 -3.52
C GLY A 308 -4.96 26.14 -3.64
N PRO A 309 -5.13 24.99 -4.30
CA PRO A 309 -6.46 24.37 -4.49
C PRO A 309 -7.09 23.97 -3.16
N LEU A 310 -6.25 23.67 -2.18
CA LEU A 310 -6.72 23.28 -0.86
C LEU A 310 -6.31 24.31 0.17
N ALA A 311 -7.20 25.26 0.42
CA ALA A 311 -6.94 26.32 1.38
C ALA A 311 -7.17 25.81 2.80
N TRP A 312 -6.10 25.71 3.57
CA TRP A 312 -6.18 25.25 4.94
C TRP A 312 -6.98 26.25 5.78
N ASP A 313 -7.85 25.74 6.62
CA ASP A 313 -8.68 26.58 7.48
C ASP A 313 -7.95 26.99 8.74
N GLY A 314 -6.77 26.42 8.94
CA GLY A 314 -5.99 26.73 10.12
C GLY A 314 -6.02 25.62 11.13
N GLY A 315 -6.86 24.62 10.87
CA GLY A 315 -6.98 23.50 11.79
C GLY A 315 -8.08 23.74 12.80
N ALA A 316 -8.60 22.66 13.36
CA ALA A 316 -9.66 22.78 14.36
C ALA A 316 -9.05 22.84 15.75
N GLY A 317 -8.71 24.05 16.18
CA GLY A 317 -8.12 24.23 17.49
C GLY A 317 -9.15 24.43 18.57
N PHE A 318 -8.77 24.14 19.81
CA PHE A 318 -9.65 24.29 20.94
C PHE A 318 -8.90 24.96 22.10
N THR A 319 -9.63 25.67 22.94
CA THR A 319 -9.03 26.35 24.08
C THR A 319 -10.06 26.55 25.19
N SER A 320 -9.73 26.10 26.39
CA SER A 320 -10.61 26.24 27.54
C SER A 320 -10.36 27.58 28.23
N GLU A 321 -11.30 27.96 29.11
CA GLU A 321 -11.19 29.22 29.84
C GLU A 321 -9.99 29.26 30.77
N ASP A 322 -9.40 28.11 31.03
CA ASP A 322 -8.24 28.01 31.91
C ASP A 322 -6.94 28.39 31.19
N GLY A 323 -7.01 28.51 29.87
CA GLY A 323 -5.84 28.88 29.12
C GLY A 323 -5.19 27.74 28.36
N ARG A 324 -5.75 26.54 28.46
CA ARG A 324 -5.21 25.39 27.76
C ARG A 324 -5.61 25.41 26.29
N GLY A 325 -4.62 25.39 25.41
CA GLY A 325 -4.88 25.41 24.00
C GLY A 325 -4.38 24.16 23.30
N GLY A 326 -5.17 23.65 22.37
CA GLY A 326 -4.78 22.47 21.63
C GLY A 326 -5.44 22.45 20.28
N ILE A 327 -5.23 21.38 19.51
CA ILE A 327 -5.81 21.28 18.18
C ILE A 327 -6.20 19.83 17.88
N THR A 328 -7.34 19.64 17.25
CA THR A 328 -7.79 18.30 16.91
C THR A 328 -7.49 18.00 15.44
N LEU A 329 -6.71 16.96 15.23
CA LEU A 329 -6.31 16.56 13.88
C LEU A 329 -7.42 15.80 13.20
N ARG A 330 -7.85 16.30 12.05
CA ARG A 330 -8.90 15.66 11.28
C ARG A 330 -8.30 14.71 10.25
N VAL A 331 -8.34 13.42 10.55
CA VAL A 331 -7.79 12.41 9.67
C VAL A 331 -8.91 11.71 8.91
N ALA A 332 -8.70 11.48 7.62
CA ALA A 332 -9.68 10.82 6.78
C ALA A 332 -9.03 9.68 6.01
N VAL A 333 -9.81 8.65 5.74
CA VAL A 333 -9.33 7.50 5.01
C VAL A 333 -10.20 7.24 3.79
N ALA A 334 -9.58 7.20 2.62
CA ALA A 334 -10.30 6.97 1.37
C ALA A 334 -9.98 5.58 0.83
N ASN A 335 -11.00 4.76 0.70
CA ASN A 335 -10.81 3.40 0.19
C ASN A 335 -11.36 3.25 -1.22
N GLY A 336 -10.47 3.17 -2.18
CA GLY A 336 -10.87 3.02 -3.57
C GLY A 336 -10.60 4.27 -4.38
N LEU A 337 -10.03 4.09 -5.56
CA LEU A 337 -9.72 5.21 -6.45
C LEU A 337 -11.00 5.95 -6.85
N GLY A 338 -12.07 5.18 -7.04
CA GLY A 338 -13.34 5.77 -7.42
C GLY A 338 -13.91 6.58 -6.28
N ASN A 339 -13.57 6.20 -5.06
CA ASN A 339 -14.03 6.90 -3.88
C ASN A 339 -13.18 8.14 -3.65
N ALA A 340 -11.89 8.01 -3.93
CA ALA A 340 -10.96 9.12 -3.78
C ALA A 340 -11.36 10.26 -4.70
N LYS A 341 -11.78 9.91 -5.92
CA LYS A 341 -12.23 10.90 -6.88
C LYS A 341 -13.38 11.73 -6.31
N LYS A 342 -14.34 11.04 -5.71
CA LYS A 342 -15.50 11.69 -5.12
C LYS A 342 -15.08 12.58 -3.95
N LEU A 343 -14.24 12.03 -3.08
CA LEU A 343 -13.75 12.75 -1.91
C LEU A 343 -12.95 13.99 -2.30
N ILE A 344 -11.98 13.82 -3.19
CA ILE A 344 -11.13 14.93 -3.64
C ILE A 344 -11.97 16.08 -4.18
N THR A 345 -12.99 15.74 -4.97
CA THR A 345 -13.86 16.76 -5.54
C THR A 345 -14.57 17.56 -4.44
N LYS A 346 -15.04 16.86 -3.42
CA LYS A 346 -15.73 17.50 -2.30
C LYS A 346 -14.76 18.30 -1.45
N MET A 347 -13.51 17.86 -1.41
CA MET A 347 -12.48 18.55 -0.64
C MET A 347 -12.14 19.88 -1.29
N GLN A 348 -12.06 19.89 -2.62
CA GLN A 348 -11.76 21.09 -3.39
C GLN A 348 -12.88 22.11 -3.26
N ALA A 349 -14.09 21.62 -3.02
CA ALA A 349 -15.26 22.47 -2.87
C ALA A 349 -15.34 23.03 -1.45
N GLY A 350 -14.50 22.51 -0.57
CA GLY A 350 -14.48 22.96 0.81
C GLY A 350 -15.48 22.23 1.68
N GLU A 351 -16.07 21.17 1.14
CA GLU A 351 -17.03 20.38 1.88
C GLU A 351 -16.35 19.49 2.90
N ALA A 352 -15.35 18.75 2.44
CA ALA A 352 -14.60 17.85 3.32
C ALA A 352 -13.29 18.49 3.77
N LYS A 353 -13.29 19.01 4.99
CA LYS A 353 -12.12 19.66 5.55
C LYS A 353 -11.36 18.69 6.44
N TYR A 354 -10.19 18.27 5.98
CA TYR A 354 -9.36 17.35 6.74
C TYR A 354 -7.91 17.79 6.68
N ASP A 355 -7.11 17.32 7.63
CA ASP A 355 -5.69 17.68 7.70
C ASP A 355 -4.80 16.57 7.19
N PHE A 356 -5.20 15.34 7.43
CA PHE A 356 -4.44 14.18 7.00
C PHE A 356 -5.38 13.19 6.31
N VAL A 357 -5.02 12.74 5.13
CA VAL A 357 -5.86 11.81 4.38
C VAL A 357 -5.08 10.60 3.88
N GLU A 358 -5.51 9.43 4.35
CA GLU A 358 -4.92 8.16 3.94
C GLU A 358 -5.72 7.64 2.74
N ILE A 359 -5.07 7.58 1.58
CA ILE A 359 -5.76 7.13 0.38
C ILE A 359 -5.29 5.76 -0.09
N MET A 360 -6.21 4.81 -0.11
CA MET A 360 -5.92 3.45 -0.54
C MET A 360 -6.64 3.17 -1.84
N ALA A 361 -5.99 2.43 -2.73
CA ALA A 361 -6.57 2.08 -4.01
C ALA A 361 -7.52 0.90 -3.88
N CYS A 362 -7.25 0.06 -2.90
CA CYS A 362 -8.07 -1.11 -2.64
C CYS A 362 -9.14 -0.79 -1.60
N PRO A 363 -10.23 -1.57 -1.55
CA PRO A 363 -11.34 -1.36 -0.61
C PRO A 363 -11.15 -2.14 0.69
N ALA A 364 -9.96 -2.64 0.91
CA ALA A 364 -9.67 -3.40 2.11
C ALA A 364 -8.18 -3.39 2.42
N GLY A 365 -7.55 -2.24 2.24
CA GLY A 365 -6.12 -2.13 2.51
C GLY A 365 -5.30 -2.96 1.54
N CYS A 366 -4.43 -3.79 2.07
CA CYS A 366 -3.58 -4.64 1.25
C CYS A 366 -4.16 -6.04 1.06
N VAL A 367 -5.00 -6.48 2.00
CA VAL A 367 -5.60 -7.81 1.91
C VAL A 367 -6.63 -7.90 0.79
N GLY A 368 -7.09 -6.74 0.32
CA GLY A 368 -8.07 -6.69 -0.74
C GLY A 368 -7.49 -6.18 -2.04
N GLY A 369 -6.23 -6.52 -2.29
CA GLY A 369 -5.58 -6.09 -3.50
C GLY A 369 -5.95 -6.96 -4.70
N GLY A 370 -5.69 -6.45 -5.90
CA GLY A 370 -6.01 -7.20 -7.11
C GLY A 370 -5.08 -8.37 -7.35
N GLY A 371 -3.97 -8.42 -6.61
CA GLY A 371 -3.02 -9.50 -6.78
C GLY A 371 -3.30 -10.64 -5.83
N GLN A 372 -4.38 -10.49 -5.07
CA GLN A 372 -4.79 -11.50 -4.10
C GLN A 372 -5.78 -12.47 -4.76
N PRO A 373 -5.85 -13.72 -4.27
CA PRO A 373 -6.78 -14.72 -4.80
C PRO A 373 -8.23 -14.31 -4.58
N ARG A 374 -9.15 -15.05 -5.16
CA ARG A 374 -10.57 -14.74 -5.02
C ARG A 374 -11.40 -15.98 -4.75
N SER A 375 -11.92 -16.08 -3.53
CA SER A 375 -12.75 -17.20 -3.12
C SER A 375 -14.20 -16.91 -3.47
N THR A 376 -15.09 -17.84 -3.10
CA THR A 376 -16.52 -17.68 -3.37
C THR A 376 -17.21 -16.88 -2.27
N ASP A 377 -16.56 -15.79 -1.85
CA ASP A 377 -17.10 -14.94 -0.81
C ASP A 377 -16.76 -13.49 -1.10
N LYS A 378 -17.78 -12.66 -1.22
CA LYS A 378 -17.60 -11.24 -1.53
C LYS A 378 -17.03 -10.47 -0.33
N ALA A 379 -17.05 -11.08 0.84
CA ALA A 379 -16.54 -10.46 2.06
C ALA A 379 -15.32 -11.22 2.60
N ILE A 380 -14.60 -11.88 1.70
CA ILE A 380 -13.42 -12.65 2.09
C ILE A 380 -12.30 -11.70 2.53
N THR A 381 -12.39 -10.47 2.08
CA THR A 381 -11.40 -9.44 2.41
C THR A 381 -11.36 -9.18 3.90
N GLN A 382 -12.53 -9.12 4.53
CA GLN A 382 -12.65 -8.88 5.95
C GLN A 382 -11.99 -10.00 6.76
N LYS A 383 -12.17 -11.22 6.29
CA LYS A 383 -11.61 -12.38 6.97
C LYS A 383 -10.08 -12.34 6.95
N ARG A 384 -9.52 -11.89 5.83
CA ARG A 384 -8.08 -11.78 5.69
C ARG A 384 -7.55 -10.69 6.62
N GLN A 385 -8.29 -9.59 6.70
CA GLN A 385 -7.92 -8.46 7.53
C GLN A 385 -7.88 -8.86 9.00
N ALA A 386 -8.86 -9.64 9.42
CA ALA A 386 -8.96 -10.09 10.80
C ALA A 386 -7.88 -11.13 11.12
N ALA A 387 -7.45 -11.86 10.10
CA ALA A 387 -6.43 -12.89 10.27
C ALA A 387 -5.04 -12.38 9.91
N LEU A 388 -4.90 -11.06 9.80
CA LEU A 388 -3.62 -10.45 9.47
C LEU A 388 -2.60 -10.71 10.57
N TYR A 389 -3.05 -10.64 11.81
CA TYR A 389 -2.20 -10.85 12.96
C TYR A 389 -2.91 -11.77 13.94
N ASN A 390 -2.15 -12.42 14.82
CA ASN A 390 -2.74 -13.31 15.80
C ASN A 390 -3.31 -12.49 16.97
N LEU A 391 -4.13 -13.12 17.78
CA LEU A 391 -4.76 -12.44 18.92
C LEU A 391 -3.74 -11.90 19.92
N ASP A 392 -2.63 -12.60 20.09
CA ASP A 392 -1.60 -12.17 21.04
C ASP A 392 -0.81 -10.99 20.48
N GLU A 393 -0.75 -10.90 19.16
CA GLU A 393 -0.04 -9.81 18.49
C GLU A 393 -0.91 -8.55 18.52
N LYS A 394 -2.22 -8.77 18.46
CA LYS A 394 -3.19 -7.67 18.46
C LYS A 394 -3.19 -6.92 19.79
N SER A 395 -2.98 -7.64 20.87
CA SER A 395 -2.96 -7.04 22.20
C SER A 395 -1.58 -6.46 22.54
N THR A 396 -0.69 -6.45 21.56
CA THR A 396 0.64 -5.92 21.76
C THR A 396 0.90 -4.74 20.83
N LEU A 397 0.66 -3.54 21.32
CA LEU A 397 0.87 -2.33 20.54
C LEU A 397 2.36 -2.01 20.51
N ARG A 398 2.97 -2.14 19.35
CA ARG A 398 4.39 -1.90 19.19
C ARG A 398 4.65 -0.60 18.43
N ARG A 399 5.75 0.07 18.76
CA ARG A 399 6.12 1.31 18.11
C ARG A 399 7.43 1.16 17.35
N SER A 400 7.49 1.70 16.14
CA SER A 400 8.69 1.62 15.32
C SER A 400 9.84 2.46 15.88
N HIS A 401 9.49 3.55 16.57
CA HIS A 401 10.51 4.43 17.15
C HIS A 401 11.24 3.77 18.32
N GLU A 402 10.84 2.55 18.66
CA GLU A 402 11.45 1.81 19.75
C GLU A 402 12.09 0.52 19.25
N ASN A 403 12.26 0.42 17.93
CA ASN A 403 12.86 -0.76 17.33
C ASN A 403 14.38 -0.60 17.26
N PRO A 404 15.13 -1.42 18.03
CA PRO A 404 16.60 -1.36 18.06
C PRO A 404 17.23 -1.49 16.68
N SER A 405 16.66 -2.35 15.85
CA SER A 405 17.17 -2.55 14.50
C SER A 405 17.08 -1.26 13.69
N ILE A 406 15.96 -0.58 13.83
CA ILE A 406 15.73 0.67 13.13
C ILE A 406 16.60 1.78 13.71
N ARG A 407 16.69 1.79 15.04
CA ARG A 407 17.49 2.79 15.76
C ARG A 407 18.96 2.73 15.35
N GLU A 408 19.50 1.51 15.28
CA GLU A 408 20.89 1.32 14.89
C GLU A 408 21.14 1.86 13.48
N LEU A 409 20.24 1.54 12.57
CA LEU A 409 20.34 1.99 11.18
C LEU A 409 20.23 3.50 11.09
N TYR A 410 19.32 4.06 11.86
CA TYR A 410 19.10 5.50 11.87
C TYR A 410 20.30 6.23 12.48
N ASP A 411 20.93 5.59 13.46
CA ASP A 411 22.07 6.18 14.14
C ASP A 411 23.37 6.10 13.35
N THR A 412 23.82 4.88 13.06
CA THR A 412 25.08 4.68 12.36
C THR A 412 24.99 4.68 10.84
N TYR A 413 23.90 5.18 10.26
CA TYR A 413 23.78 5.21 8.81
C TYR A 413 22.93 6.37 8.30
N LEU A 414 21.65 6.37 8.65
CA LEU A 414 20.74 7.41 8.19
C LEU A 414 21.07 8.79 8.78
N GLY A 415 21.49 8.81 10.02
CA GLY A 415 21.84 10.06 10.67
C GLY A 415 20.71 10.58 11.53
N GLU A 416 19.62 10.99 10.88
CA GLU A 416 18.46 11.51 11.57
C GLU A 416 17.23 11.46 10.66
N PRO A 417 16.02 11.45 11.23
CA PRO A 417 14.78 11.42 10.44
C PRO A 417 14.70 12.62 9.50
N LEU A 418 14.37 12.33 8.25
CA LEU A 418 14.27 13.36 7.20
C LEU A 418 15.63 13.98 6.87
N GLY A 419 16.69 13.37 7.41
CA GLY A 419 18.04 13.88 7.18
C GLY A 419 18.50 13.65 5.75
N HIS A 420 19.79 13.91 5.50
CA HIS A 420 20.36 13.75 4.17
C HIS A 420 20.14 12.35 3.59
N LYS A 421 20.68 11.34 4.26
CA LYS A 421 20.56 9.96 3.79
C LYS A 421 19.09 9.53 3.74
N ALA A 422 18.31 9.95 4.71
CA ALA A 422 16.90 9.61 4.78
C ALA A 422 16.12 10.23 3.62
N HIS A 423 16.37 11.52 3.37
CA HIS A 423 15.71 12.24 2.30
C HIS A 423 16.18 11.75 0.93
N GLU A 424 17.35 11.13 0.93
CA GLU A 424 17.96 10.62 -0.30
C GLU A 424 17.31 9.33 -0.80
N LEU A 425 17.43 8.26 -0.03
CA LEU A 425 16.91 6.96 -0.44
C LEU A 425 15.49 6.67 0.05
N LEU A 426 15.08 7.30 1.14
CA LEU A 426 13.74 7.04 1.68
C LEU A 426 12.68 8.01 1.16
N HIS A 427 13.11 9.02 0.41
CA HIS A 427 12.17 9.99 -0.14
C HIS A 427 12.25 10.04 -1.66
N THR A 428 11.25 10.65 -2.28
CA THR A 428 11.21 10.74 -3.74
C THR A 428 10.44 11.99 -4.21
N HIS A 429 10.15 12.04 -5.51
CA HIS A 429 9.43 13.16 -6.11
C HIS A 429 8.42 12.65 -7.14
N TYR A 430 7.45 13.50 -7.48
CA TYR A 430 6.42 13.13 -8.45
C TYR A 430 6.58 13.92 -9.74
N VAL A 431 5.85 13.51 -10.78
CA VAL A 431 5.91 14.18 -12.07
C VAL A 431 4.53 14.63 -12.52
N ALA A 432 4.33 15.95 -12.58
CA ALA A 432 3.06 16.52 -13.00
C ALA A 432 2.79 16.19 -14.47
N GLY A 433 1.88 15.27 -14.70
CA GLY A 433 1.54 14.86 -16.05
C GLY A 433 1.54 13.36 -16.18
N GLY A 434 2.22 12.69 -15.25
CA GLY A 434 2.27 11.25 -15.28
C GLY A 434 3.64 10.74 -15.69
N VAL A 435 3.88 9.45 -15.49
CA VAL A 435 5.15 8.85 -15.83
C VAL A 435 5.03 8.07 -17.14
N TYR B 1 -28.44 -10.51 -21.05
CA TYR B 1 -27.61 -10.30 -22.26
C TYR B 1 -26.43 -11.25 -22.26
N LYS B 2 -26.07 -11.74 -23.44
CA LYS B 2 -24.95 -12.66 -23.57
C LYS B 2 -23.67 -11.86 -23.78
N VAL B 3 -22.75 -11.97 -22.83
CA VAL B 3 -21.49 -11.26 -22.91
C VAL B 3 -20.30 -12.22 -22.80
N THR B 4 -19.42 -12.16 -23.79
CA THR B 4 -18.24 -13.01 -23.80
C THR B 4 -17.08 -12.29 -23.12
N LEU B 5 -16.66 -12.82 -21.98
CA LEU B 5 -15.54 -12.26 -21.24
C LEU B 5 -14.24 -12.89 -21.70
N LYS B 6 -13.25 -12.05 -21.97
CA LYS B 6 -11.95 -12.53 -22.41
C LYS B 6 -10.96 -12.55 -21.25
N THR B 7 -10.62 -13.74 -20.79
CA THR B 7 -9.67 -13.88 -19.69
C THR B 7 -8.42 -14.60 -20.19
N PRO B 8 -7.31 -14.56 -19.42
CA PRO B 8 -6.06 -15.23 -19.82
C PRO B 8 -6.24 -16.74 -19.96
N SER B 9 -7.17 -17.29 -19.21
CA SER B 9 -7.45 -18.71 -19.25
C SER B 9 -8.26 -19.06 -20.50
N GLY B 10 -9.14 -18.14 -20.88
CA GLY B 10 -9.97 -18.34 -22.05
C GLY B 10 -11.20 -17.46 -22.01
N ASP B 11 -11.95 -17.43 -23.10
CA ASP B 11 -13.16 -16.63 -23.15
C ASP B 11 -14.39 -17.45 -22.79
N LYS B 12 -15.40 -16.78 -22.26
CA LYS B 12 -16.62 -17.44 -21.86
C LYS B 12 -17.82 -16.52 -22.06
N THR B 13 -18.80 -16.99 -22.82
CA THR B 13 -20.00 -16.23 -23.07
C THR B 13 -21.04 -16.50 -21.98
N ILE B 14 -21.13 -15.58 -21.02
CA ILE B 14 -22.08 -15.72 -19.93
C ILE B 14 -23.31 -14.85 -20.16
N GLU B 15 -24.32 -15.02 -19.33
CA GLU B 15 -25.54 -14.26 -19.43
C GLU B 15 -25.69 -13.34 -18.24
N CYS B 16 -25.72 -12.04 -18.51
CA CYS B 16 -25.85 -11.05 -17.45
C CYS B 16 -26.99 -10.08 -17.75
N PRO B 17 -27.89 -9.90 -16.78
CA PRO B 17 -29.03 -8.97 -16.92
C PRO B 17 -28.56 -7.51 -16.87
N ALA B 18 -29.43 -6.59 -17.27
CA ALA B 18 -29.08 -5.18 -17.29
C ALA B 18 -29.04 -4.57 -15.89
N ASP B 19 -29.64 -5.25 -14.92
CA ASP B 19 -29.67 -4.74 -13.55
C ASP B 19 -28.73 -5.55 -12.65
N THR B 20 -27.85 -6.32 -13.27
CA THR B 20 -26.91 -7.14 -12.53
C THR B 20 -25.49 -6.92 -13.04
N TYR B 21 -24.53 -6.92 -12.11
CA TYR B 21 -23.14 -6.72 -12.48
C TYR B 21 -22.62 -7.90 -13.29
N ILE B 22 -21.83 -7.60 -14.32
CA ILE B 22 -21.27 -8.63 -15.20
C ILE B 22 -20.47 -9.67 -14.40
N LEU B 23 -19.67 -9.19 -13.46
CA LEU B 23 -18.83 -10.07 -12.64
C LEU B 23 -19.64 -10.98 -11.72
N ASP B 24 -20.88 -10.57 -11.42
CA ASP B 24 -21.74 -11.36 -10.52
C ASP B 24 -22.16 -12.67 -11.18
N ALA B 25 -22.21 -12.66 -12.51
CA ALA B 25 -22.58 -13.86 -13.25
C ALA B 25 -21.32 -14.67 -13.54
N ALA B 26 -20.18 -13.98 -13.58
CA ALA B 26 -18.90 -14.62 -13.83
C ALA B 26 -18.50 -15.50 -12.64
N GLU B 27 -18.70 -14.97 -11.43
CA GLU B 27 -18.37 -15.71 -10.22
C GLU B 27 -19.27 -16.95 -10.11
N GLU B 28 -20.49 -16.80 -10.59
CA GLU B 28 -21.46 -17.89 -10.57
C GLU B 28 -21.09 -18.97 -11.57
N ALA B 29 -20.56 -18.55 -12.72
CA ALA B 29 -20.15 -19.48 -13.75
C ALA B 29 -18.83 -20.16 -13.39
N GLY B 30 -17.96 -19.43 -12.71
CA GLY B 30 -16.68 -19.98 -12.32
C GLY B 30 -15.54 -19.36 -13.09
N LEU B 31 -15.60 -18.05 -13.30
CA LEU B 31 -14.57 -17.32 -14.02
C LEU B 31 -13.73 -16.49 -13.05
N ASP B 32 -12.44 -16.40 -13.35
CA ASP B 32 -11.51 -15.63 -12.52
C ASP B 32 -11.82 -14.14 -12.60
N LEU B 33 -12.15 -13.56 -11.46
CA LEU B 33 -12.46 -12.14 -11.39
C LEU B 33 -12.40 -11.66 -9.94
N PRO B 34 -11.64 -10.60 -9.66
CA PRO B 34 -11.52 -10.04 -8.31
C PRO B 34 -12.77 -9.27 -7.92
N TYR B 35 -13.67 -9.92 -7.19
CA TYR B 35 -14.90 -9.29 -6.75
C TYR B 35 -14.98 -9.23 -5.23
N SER B 36 -15.76 -8.29 -4.72
CA SER B 36 -15.94 -8.13 -3.28
C SER B 36 -17.12 -7.21 -2.99
N CYS B 37 -16.85 -5.92 -2.92
CA CYS B 37 -17.88 -4.93 -2.63
C CYS B 37 -18.72 -4.59 -3.86
N ARG B 38 -18.05 -4.18 -4.94
CA ARG B 38 -18.72 -3.83 -6.20
C ARG B 38 -19.60 -2.58 -6.02
N ALA B 39 -19.10 -1.62 -5.26
CA ALA B 39 -19.84 -0.38 -5.02
C ALA B 39 -19.25 0.79 -5.79
N GLY B 40 -18.43 0.50 -6.80
CA GLY B 40 -17.82 1.54 -7.59
C GLY B 40 -16.76 2.31 -6.82
N ALA B 41 -15.90 1.57 -6.12
CA ALA B 41 -14.85 2.17 -5.33
C ALA B 41 -13.46 1.82 -5.87
N CYS B 42 -13.10 0.55 -5.79
CA CYS B 42 -11.81 0.10 -6.27
C CYS B 42 -11.83 -0.16 -7.77
N SER B 43 -10.75 0.23 -8.43
CA SER B 43 -10.61 0.06 -9.87
C SER B 43 -9.76 -1.15 -10.19
N SER B 44 -9.90 -2.20 -9.38
CA SER B 44 -9.15 -3.41 -9.56
C SER B 44 -9.68 -4.20 -10.76
N CYS B 45 -10.99 -4.21 -10.91
CA CYS B 45 -11.63 -4.94 -12.01
C CYS B 45 -12.04 -3.99 -13.13
N ALA B 46 -11.04 -3.37 -13.77
CA ALA B 46 -11.29 -2.46 -14.87
C ALA B 46 -11.35 -3.22 -16.18
N GLY B 47 -12.56 -3.57 -16.60
CA GLY B 47 -12.74 -4.32 -17.83
C GLY B 47 -12.58 -3.47 -19.07
N LYS B 48 -12.08 -4.09 -20.13
CA LYS B 48 -11.88 -3.40 -21.39
C LYS B 48 -12.99 -3.77 -22.38
N VAL B 49 -13.59 -2.78 -23.00
CA VAL B 49 -14.66 -3.01 -23.94
C VAL B 49 -14.10 -3.23 -25.35
N ALA B 50 -13.96 -4.50 -25.71
CA ALA B 50 -13.42 -4.85 -27.03
C ALA B 50 -14.47 -4.59 -28.10
N ALA B 51 -15.72 -4.87 -27.77
CA ALA B 51 -16.83 -4.67 -28.68
C ALA B 51 -18.12 -4.55 -27.89
N GLY B 52 -19.13 -3.93 -28.49
CA GLY B 52 -20.41 -3.76 -27.82
C GLY B 52 -20.47 -2.48 -27.01
N THR B 53 -21.59 -2.26 -26.35
CA THR B 53 -21.75 -1.06 -25.53
C THR B 53 -22.25 -1.40 -24.13
N VAL B 54 -21.66 -0.74 -23.14
CA VAL B 54 -22.02 -0.94 -21.74
C VAL B 54 -22.19 0.43 -21.09
N ASP B 55 -22.96 0.48 -20.01
CA ASP B 55 -23.20 1.74 -19.32
C ASP B 55 -22.71 1.66 -17.88
N GLN B 56 -22.21 2.78 -17.39
CA GLN B 56 -21.70 2.86 -16.02
C GLN B 56 -22.26 4.09 -15.33
N SER B 57 -22.83 3.90 -14.15
CA SER B 57 -23.41 4.99 -13.39
C SER B 57 -22.34 5.71 -12.58
N ASP B 58 -21.34 4.94 -12.14
CA ASP B 58 -20.24 5.47 -11.35
C ASP B 58 -18.92 4.94 -11.89
N GLN B 59 -17.82 5.55 -11.51
CA GLN B 59 -16.50 5.13 -11.95
C GLN B 59 -15.42 6.00 -11.34
N SER B 60 -14.17 5.60 -11.55
CA SER B 60 -13.03 6.33 -11.02
C SER B 60 -12.63 7.44 -12.02
N PHE B 61 -11.33 7.59 -12.27
CA PHE B 61 -10.86 8.60 -13.21
C PHE B 61 -11.17 8.19 -14.65
N LEU B 62 -11.63 6.96 -14.82
CA LEU B 62 -11.99 6.45 -16.13
C LEU B 62 -13.40 6.92 -16.47
N ASP B 63 -13.52 8.18 -16.85
CA ASP B 63 -14.81 8.76 -17.18
C ASP B 63 -15.31 8.29 -18.54
N ASP B 64 -16.37 8.92 -19.04
CA ASP B 64 -16.96 8.57 -20.33
C ASP B 64 -15.95 8.71 -21.47
N ALA B 65 -14.96 9.58 -21.28
CA ALA B 65 -13.92 9.79 -22.28
C ALA B 65 -13.14 8.49 -22.51
N GLN B 66 -12.97 7.72 -21.44
CA GLN B 66 -12.26 6.46 -21.52
C GLN B 66 -13.21 5.35 -21.92
N MET B 67 -14.50 5.53 -21.62
CA MET B 67 -15.51 4.54 -21.95
C MET B 67 -15.55 4.33 -23.47
N GLY B 68 -15.49 5.44 -24.21
CA GLY B 68 -15.50 5.38 -25.67
C GLY B 68 -14.29 4.66 -26.22
N ASN B 69 -13.21 4.64 -25.44
CA ASN B 69 -11.98 3.96 -25.85
C ASN B 69 -12.05 2.49 -25.48
N GLY B 70 -12.96 2.16 -24.58
CA GLY B 70 -13.12 0.79 -24.15
C GLY B 70 -12.59 0.53 -22.75
N PHE B 71 -12.67 1.53 -21.89
CA PHE B 71 -12.19 1.39 -20.52
C PHE B 71 -13.33 1.65 -19.53
N VAL B 72 -13.79 0.59 -18.86
CA VAL B 72 -14.87 0.72 -17.88
C VAL B 72 -14.54 -0.03 -16.60
N LEU B 73 -15.42 0.09 -15.61
CA LEU B 73 -15.24 -0.58 -14.33
C LEU B 73 -16.36 -1.59 -14.14
N THR B 74 -16.02 -2.87 -14.22
CA THR B 74 -16.98 -3.96 -14.08
C THR B 74 -17.72 -3.93 -12.74
N CYS B 75 -17.17 -3.19 -11.78
CA CYS B 75 -17.78 -3.07 -10.46
C CYS B 75 -19.11 -2.32 -10.52
N VAL B 76 -19.29 -1.52 -11.57
CA VAL B 76 -20.51 -0.74 -11.73
C VAL B 76 -20.87 -0.62 -13.21
N ALA B 77 -20.54 -1.65 -13.98
CA ALA B 77 -20.82 -1.65 -15.41
C ALA B 77 -21.82 -2.74 -15.75
N TYR B 78 -22.81 -2.38 -16.55
CA TYR B 78 -23.84 -3.31 -16.98
C TYR B 78 -23.94 -3.32 -18.50
N PRO B 79 -24.14 -4.50 -19.10
CA PRO B 79 -24.24 -4.65 -20.55
C PRO B 79 -25.56 -4.13 -21.10
N THR B 80 -25.50 -3.00 -21.78
CA THR B 80 -26.69 -2.41 -22.39
C THR B 80 -27.13 -3.26 -23.58
N SER B 81 -26.16 -3.97 -24.15
CA SER B 81 -26.39 -4.84 -25.29
C SER B 81 -25.24 -5.85 -25.38
N ASP B 82 -25.24 -6.67 -26.42
CA ASP B 82 -24.19 -7.66 -26.63
C ASP B 82 -22.83 -6.98 -26.64
N CYS B 83 -21.86 -7.56 -25.94
CA CYS B 83 -20.53 -6.98 -25.87
C CYS B 83 -19.47 -8.02 -25.53
N THR B 84 -18.21 -7.58 -25.63
CA THR B 84 -17.06 -8.43 -25.31
C THR B 84 -16.17 -7.65 -24.35
N ILE B 85 -16.04 -8.12 -23.12
CA ILE B 85 -15.25 -7.41 -22.12
C ILE B 85 -14.00 -8.17 -21.69
N GLN B 86 -12.89 -7.46 -21.68
CA GLN B 86 -11.62 -8.01 -21.24
C GLN B 86 -11.40 -7.58 -19.79
N THR B 87 -11.95 -8.35 -18.87
CA THR B 87 -11.88 -8.04 -17.44
C THR B 87 -10.54 -8.41 -16.80
N HIS B 88 -9.45 -8.22 -17.54
CA HIS B 88 -8.13 -8.56 -17.01
C HIS B 88 -7.05 -7.60 -17.49
N GLN B 89 -7.46 -6.39 -17.85
CA GLN B 89 -6.51 -5.39 -18.32
C GLN B 89 -6.54 -4.16 -17.41
N GLU B 90 -5.70 -4.19 -16.39
CA GLU B 90 -5.64 -3.10 -15.43
C GLU B 90 -4.60 -2.06 -15.81
N GLU B 91 -3.80 -2.35 -16.83
CA GLU B 91 -2.76 -1.44 -17.28
C GLU B 91 -3.31 -0.45 -18.30
N ALA B 92 -4.20 -0.93 -19.16
CA ALA B 92 -4.80 -0.09 -20.19
C ALA B 92 -5.83 0.86 -19.58
N LEU B 93 -5.36 2.02 -19.14
CA LEU B 93 -6.21 3.05 -18.54
C LEU B 93 -5.36 4.25 -18.09
N TYR B 94 -4.08 4.01 -17.86
CA TYR B 94 -3.16 5.05 -17.43
C TYR B 94 -2.67 5.85 -18.63
N LEU A 10 10.57 -11.40 -21.31
CA LEU A 10 10.21 -12.34 -20.22
C LEU A 10 9.38 -11.64 -19.17
N SER A 11 8.56 -12.40 -18.45
CA SER A 11 7.73 -11.84 -17.40
C SER A 11 8.57 -11.50 -16.19
N HIS A 12 8.01 -10.72 -15.27
CA HIS A 12 8.74 -10.34 -14.07
C HIS A 12 9.08 -11.53 -13.19
N VAL A 13 8.21 -12.55 -13.22
CA VAL A 13 8.45 -13.76 -12.45
C VAL A 13 9.64 -14.52 -13.05
N GLN A 14 9.65 -14.63 -14.37
CA GLN A 14 10.73 -15.32 -15.07
C GLN A 14 12.06 -14.59 -14.86
N GLN A 15 11.97 -13.27 -14.69
CA GLN A 15 13.14 -12.43 -14.46
C GLN A 15 13.80 -12.82 -13.14
N ALA A 16 13.02 -13.42 -12.24
CA ALA A 16 13.51 -13.86 -10.95
C ALA A 16 13.91 -15.33 -11.02
N LEU A 17 13.12 -16.11 -11.74
CA LEU A 17 13.37 -17.53 -11.90
C LEU A 17 14.70 -17.78 -12.58
N ALA A 18 15.07 -16.90 -13.52
CA ALA A 18 16.34 -17.01 -14.23
C ALA A 18 17.52 -17.00 -13.28
N GLU A 19 17.40 -16.21 -12.22
CA GLU A 19 18.46 -16.10 -11.21
C GLU A 19 18.41 -17.30 -10.26
N LEU A 20 17.19 -17.75 -9.97
CA LEU A 20 16.99 -18.88 -9.07
C LEU A 20 17.44 -20.19 -9.72
N ALA A 21 17.42 -20.22 -11.04
CA ALA A 21 17.83 -21.41 -11.79
C ALA A 21 19.35 -21.52 -11.82
N LYS A 22 20.01 -20.48 -11.33
CA LYS A 22 21.46 -20.47 -11.29
C LYS A 22 21.95 -20.98 -9.94
N PRO A 23 22.76 -22.05 -9.93
CA PRO A 23 23.31 -22.61 -8.70
C PRO A 23 24.11 -21.56 -7.94
N LYS A 24 24.13 -21.65 -6.62
CA LYS A 24 24.84 -20.69 -5.79
C LYS A 24 26.35 -20.69 -6.02
N ASP A 25 26.83 -21.69 -6.76
CA ASP A 25 28.26 -21.80 -7.07
C ASP A 25 28.59 -21.25 -8.45
N ASP A 26 27.54 -20.87 -9.18
CA ASP A 26 27.71 -20.34 -10.54
C ASP A 26 28.29 -18.93 -10.48
N PRO A 27 29.27 -18.62 -11.34
CA PRO A 27 29.92 -17.31 -11.38
C PRO A 27 28.95 -16.18 -11.75
N THR A 28 27.81 -16.54 -12.33
CA THR A 28 26.82 -15.55 -12.72
C THR A 28 25.64 -15.55 -11.75
N ARG A 29 25.83 -16.18 -10.60
CA ARG A 29 24.80 -16.24 -9.57
C ARG A 29 24.85 -15.04 -8.66
N LYS A 30 23.80 -14.23 -8.68
CA LYS A 30 23.72 -13.05 -7.85
C LYS A 30 22.98 -13.39 -6.56
N HIS A 31 23.02 -12.47 -5.60
CA HIS A 31 22.32 -12.66 -4.33
C HIS A 31 20.86 -12.30 -4.52
N VAL A 32 20.00 -13.29 -4.45
CA VAL A 32 18.57 -13.06 -4.64
C VAL A 32 17.85 -12.87 -3.31
N CYS A 33 17.56 -11.63 -2.98
CA CYS A 33 16.86 -11.29 -1.74
C CYS A 33 15.39 -11.07 -2.05
N VAL A 34 14.52 -11.53 -1.17
CA VAL A 34 13.08 -11.37 -1.39
C VAL A 34 12.38 -10.85 -0.14
N GLN A 35 11.49 -9.90 -0.34
CA GLN A 35 10.70 -9.33 0.75
C GLN A 35 9.23 -9.64 0.54
N VAL A 36 8.59 -10.21 1.54
CA VAL A 36 7.19 -10.58 1.45
C VAL A 36 6.31 -9.59 2.22
N ALA A 37 5.08 -9.41 1.76
CA ALA A 37 4.15 -8.52 2.41
C ALA A 37 3.17 -9.33 3.27
N PRO A 38 2.85 -8.84 4.47
CA PRO A 38 1.93 -9.51 5.41
C PRO A 38 0.59 -9.86 4.75
N ALA A 39 0.13 -8.99 3.85
CA ALA A 39 -1.13 -9.20 3.14
C ALA A 39 -1.08 -10.48 2.30
N VAL A 40 0.11 -10.77 1.77
CA VAL A 40 0.32 -11.95 0.96
C VAL A 40 0.49 -13.16 1.87
N ARG A 41 1.21 -12.97 2.96
CA ARG A 41 1.47 -14.03 3.93
C ARG A 41 0.19 -14.66 4.46
N VAL A 42 -0.86 -13.87 4.60
CA VAL A 42 -2.13 -14.37 5.12
C VAL A 42 -3.02 -15.02 4.05
N ALA A 43 -3.03 -14.45 2.86
CA ALA A 43 -3.88 -14.97 1.79
C ALA A 43 -3.19 -16.02 0.90
N ILE A 44 -1.90 -16.24 1.13
CA ILE A 44 -1.15 -17.22 0.34
C ILE A 44 -1.70 -18.63 0.51
N ALA A 45 -2.34 -18.89 1.66
CA ALA A 45 -2.91 -20.19 1.95
C ALA A 45 -4.10 -20.50 1.05
N GLU A 46 -4.75 -19.46 0.54
CA GLU A 46 -5.91 -19.61 -0.31
C GLU A 46 -5.55 -20.26 -1.65
N THR A 47 -4.30 -20.11 -2.07
CA THR A 47 -3.86 -20.69 -3.32
C THR A 47 -3.82 -22.22 -3.23
N LEU A 48 -3.71 -22.72 -2.01
CA LEU A 48 -3.66 -24.15 -1.75
C LEU A 48 -5.06 -24.67 -1.44
N GLY A 49 -6.03 -23.77 -1.43
CA GLY A 49 -7.39 -24.14 -1.15
C GLY A 49 -7.70 -24.12 0.33
N LEU A 50 -6.87 -23.42 1.09
CA LEU A 50 -7.06 -23.31 2.53
C LEU A 50 -7.58 -21.93 2.91
N ALA A 51 -8.08 -21.83 4.14
CA ALA A 51 -8.61 -20.56 4.64
C ALA A 51 -7.48 -19.61 5.00
N PRO A 52 -7.73 -18.29 4.96
CA PRO A 52 -6.72 -17.29 5.29
C PRO A 52 -6.15 -17.50 6.70
N GLY A 53 -4.83 -17.43 6.81
CA GLY A 53 -4.19 -17.61 8.10
C GLY A 53 -3.88 -19.07 8.41
N ALA A 54 -3.95 -19.92 7.40
CA ALA A 54 -3.65 -21.34 7.58
C ALA A 54 -2.15 -21.60 7.53
N THR A 55 -1.42 -20.75 6.83
CA THR A 55 0.02 -20.87 6.70
C THR A 55 0.71 -19.87 7.60
N THR A 56 1.66 -20.34 8.41
CA THR A 56 2.38 -19.46 9.30
C THR A 56 3.44 -18.69 8.53
N PRO A 57 3.84 -17.50 9.05
CA PRO A 57 4.86 -16.67 8.40
C PRO A 57 6.15 -17.44 8.15
N LYS A 58 6.54 -18.25 9.11
CA LYS A 58 7.77 -19.04 9.01
C LYS A 58 7.67 -20.09 7.90
N GLN A 59 6.48 -20.68 7.73
CA GLN A 59 6.28 -21.69 6.71
C GLN A 59 6.51 -21.10 5.31
N LEU A 60 6.03 -19.88 5.12
CA LEU A 60 6.18 -19.20 3.85
C LEU A 60 7.65 -18.91 3.57
N ALA A 61 8.35 -18.43 4.59
CA ALA A 61 9.78 -18.13 4.47
C ALA A 61 10.57 -19.38 4.14
N GLU A 62 10.20 -20.49 4.78
CA GLU A 62 10.87 -21.77 4.56
C GLU A 62 10.74 -22.17 3.09
N GLY A 63 9.53 -22.07 2.56
CA GLY A 63 9.28 -22.43 1.17
C GLY A 63 10.03 -21.54 0.20
N LEU A 64 10.02 -20.23 0.48
CA LEU A 64 10.71 -19.27 -0.38
C LEU A 64 12.20 -19.56 -0.44
N ARG A 65 12.79 -19.86 0.70
CA ARG A 65 14.21 -20.16 0.77
C ARG A 65 14.52 -21.44 -0.02
N ARG A 66 13.57 -22.37 -0.03
CA ARG A 66 13.74 -23.63 -0.74
C ARG A 66 13.60 -23.45 -2.25
N LEU A 67 13.11 -22.27 -2.65
CA LEU A 67 12.96 -21.97 -4.07
C LEU A 67 14.31 -21.60 -4.67
N GLY A 68 15.25 -21.22 -3.80
CA GLY A 68 16.57 -20.85 -4.26
C GLY A 68 16.96 -19.44 -3.85
N PHE A 69 16.12 -18.82 -3.03
CA PHE A 69 16.38 -17.46 -2.56
C PHE A 69 17.52 -17.43 -1.55
N ASP A 70 18.16 -16.29 -1.42
CA ASP A 70 19.26 -16.14 -0.48
C ASP A 70 18.81 -15.50 0.83
N GLU A 71 18.25 -14.31 0.74
CA GLU A 71 17.78 -13.58 1.90
C GLU A 71 16.27 -13.35 1.83
N VAL A 72 15.57 -13.73 2.90
CA VAL A 72 14.13 -13.57 2.96
C VAL A 72 13.76 -12.55 4.04
N PHE A 73 13.20 -11.42 3.62
CA PHE A 73 12.80 -10.36 4.54
C PHE A 73 11.30 -10.13 4.47
N ASP A 74 10.80 -9.32 5.40
CA ASP A 74 9.38 -8.99 5.44
C ASP A 74 9.20 -7.49 5.24
N THR A 75 8.09 -7.09 4.64
CA THR A 75 7.80 -5.70 4.38
C THR A 75 7.63 -4.89 5.68
N LEU A 76 7.34 -5.59 6.77
CA LEU A 76 7.16 -4.95 8.08
C LEU A 76 8.40 -4.15 8.50
N PHE A 77 9.57 -4.66 8.13
CA PHE A 77 10.82 -3.98 8.47
C PHE A 77 10.91 -2.66 7.72
N GLY A 78 10.44 -2.66 6.48
CA GLY A 78 10.47 -1.47 5.67
C GLY A 78 9.41 -0.48 6.13
N ALA A 79 8.29 -1.01 6.60
CA ALA A 79 7.19 -0.20 7.09
C ALA A 79 7.62 0.58 8.32
N ASP A 80 8.45 -0.05 9.16
CA ASP A 80 8.96 0.59 10.37
C ASP A 80 9.71 1.88 10.02
N LEU A 81 10.36 1.87 8.87
CA LEU A 81 11.10 3.02 8.40
C LEU A 81 10.14 4.07 7.86
N THR A 82 9.14 3.62 7.10
CA THR A 82 8.14 4.50 6.52
C THR A 82 7.40 5.25 7.60
N ILE A 83 7.02 4.53 8.65
CA ILE A 83 6.29 5.13 9.78
C ILE A 83 7.11 6.25 10.40
N MET A 84 8.41 6.02 10.55
CA MET A 84 9.29 7.02 11.14
C MET A 84 9.41 8.25 10.24
N GLU A 85 9.67 8.02 8.95
CA GLU A 85 9.82 9.10 7.99
C GLU A 85 8.52 9.87 7.76
N GLU A 86 7.45 9.16 7.41
CA GLU A 86 6.16 9.81 7.17
C GLU A 86 5.66 10.53 8.42
N GLY A 87 5.85 9.89 9.58
CA GLY A 87 5.44 10.49 10.83
C GLY A 87 6.18 11.77 11.13
N SER A 88 7.49 11.76 10.86
CA SER A 88 8.31 12.93 11.09
C SER A 88 7.94 14.06 10.12
N GLU A 89 7.66 13.72 8.87
CA GLU A 89 7.28 14.71 7.89
C GLU A 89 5.95 15.34 8.29
N LEU A 90 5.03 14.50 8.77
CA LEU A 90 3.73 14.96 9.22
C LEU A 90 3.88 15.92 10.40
N LEU A 91 4.64 15.49 11.41
CA LEU A 91 4.89 16.31 12.59
C LEU A 91 5.50 17.64 12.20
N HIS A 92 6.52 17.60 11.34
CA HIS A 92 7.18 18.81 10.90
C HIS A 92 6.24 19.70 10.10
N ARG A 93 5.41 19.10 9.24
CA ARG A 93 4.46 19.87 8.43
C ARG A 93 3.54 20.68 9.32
N LEU A 94 3.11 20.07 10.42
CA LEU A 94 2.23 20.73 11.37
C LEU A 94 3.01 21.81 12.11
N THR A 95 4.25 21.49 12.48
CA THR A 95 5.11 22.41 13.20
C THR A 95 5.34 23.71 12.41
N GLU A 96 5.67 23.59 11.12
CA GLU A 96 5.91 24.75 10.28
C GLU A 96 4.69 25.66 10.27
N HIS A 97 3.51 25.05 10.30
CA HIS A 97 2.26 25.79 10.28
C HIS A 97 1.95 26.44 11.62
N LEU A 98 2.43 25.82 12.70
CA LEU A 98 2.22 26.35 14.04
C LEU A 98 3.16 27.53 14.29
N GLU A 99 4.35 27.46 13.72
CA GLU A 99 5.34 28.53 13.87
C GLU A 99 5.02 29.67 12.91
N ALA A 100 4.67 29.32 11.68
CA ALA A 100 4.33 30.29 10.64
C ALA A 100 5.48 31.26 10.37
N GLU A 106 6.22 21.96 1.78
CA GLU A 106 5.35 20.85 2.25
C GLU A 106 4.18 21.41 3.07
N PRO A 107 3.10 21.83 2.39
CA PRO A 107 1.93 22.39 3.05
C PRO A 107 0.94 21.31 3.53
N LEU A 108 -0.27 21.75 3.85
CA LEU A 108 -1.33 20.87 4.31
C LEU A 108 -2.57 21.15 3.47
N PRO A 109 -3.53 20.20 3.38
CA PRO A 109 -3.46 18.88 4.03
C PRO A 109 -2.35 17.99 3.48
N MET A 110 -2.06 16.92 4.21
CA MET A 110 -1.02 15.98 3.83
C MET A 110 -1.61 14.63 3.46
N PHE A 111 -1.14 14.09 2.34
CA PHE A 111 -1.60 12.79 1.86
C PHE A 111 -0.46 11.79 1.90
N THR A 112 -0.78 10.54 2.22
CA THR A 112 0.23 9.49 2.28
C THR A 112 0.68 9.08 0.88
N SER A 113 1.91 8.64 0.74
CA SER A 113 2.44 8.25 -0.56
C SER A 113 2.80 6.77 -0.62
N CYS A 114 2.23 5.99 0.30
CA CYS A 114 2.52 4.56 0.35
C CYS A 114 1.62 3.74 -0.57
N CYS A 115 0.82 4.42 -1.40
CA CYS A 115 -0.08 3.73 -2.31
C CYS A 115 0.22 4.07 -3.76
N PRO A 116 0.60 3.08 -4.58
CA PRO A 116 0.93 3.27 -6.00
C PRO A 116 -0.28 3.75 -6.81
N GLY A 117 -1.47 3.30 -6.41
CA GLY A 117 -2.69 3.69 -7.09
C GLY A 117 -2.95 5.16 -6.94
N TRP A 118 -2.74 5.67 -5.74
CA TRP A 118 -2.94 7.09 -5.46
C TRP A 118 -1.96 7.93 -6.24
N ILE A 119 -0.70 7.51 -6.25
CA ILE A 119 0.35 8.22 -6.98
C ILE A 119 -0.01 8.35 -8.45
N ALA A 120 -0.51 7.27 -9.03
CA ALA A 120 -0.90 7.25 -10.44
C ALA A 120 -2.00 8.27 -10.72
N MET A 121 -3.05 8.25 -9.91
CA MET A 121 -4.16 9.18 -10.08
C MET A 121 -3.73 10.61 -9.79
N LEU A 122 -2.81 10.75 -8.84
CA LEU A 122 -2.29 12.04 -8.45
C LEU A 122 -1.61 12.72 -9.64
N GLU A 123 -0.57 12.09 -10.16
CA GLU A 123 0.16 12.64 -11.29
C GLU A 123 -0.72 12.76 -12.53
N LYS A 124 -1.80 12.00 -12.56
CA LYS A 124 -2.71 11.99 -13.70
C LYS A 124 -3.71 13.15 -13.70
N SER A 125 -4.56 13.23 -12.69
CA SER A 125 -5.58 14.28 -12.65
C SER A 125 -5.43 15.28 -11.51
N TYR A 126 -4.39 15.13 -10.69
CA TYR A 126 -4.19 16.06 -9.57
C TYR A 126 -2.73 16.50 -9.49
N PRO A 127 -2.21 17.16 -10.55
CA PRO A 127 -0.81 17.59 -10.58
C PRO A 127 -0.51 18.71 -9.61
N ASP A 128 -1.52 19.49 -9.26
CA ASP A 128 -1.34 20.61 -8.33
C ASP A 128 -1.48 20.16 -6.89
N LEU A 129 -1.70 18.86 -6.70
CA LEU A 129 -1.85 18.31 -5.35
C LEU A 129 -0.62 17.52 -4.93
N ILE A 130 0.41 17.52 -5.78
CA ILE A 130 1.64 16.79 -5.50
C ILE A 130 2.31 17.22 -4.19
N PRO A 131 2.59 18.54 -3.99
CA PRO A 131 3.23 19.03 -2.76
C PRO A 131 2.43 18.70 -1.49
N TYR A 132 1.16 18.39 -1.66
CA TYR A 132 0.30 18.06 -0.53
C TYR A 132 0.56 16.62 -0.07
N VAL A 133 1.13 15.83 -0.96
CA VAL A 133 1.44 14.44 -0.67
C VAL A 133 2.84 14.34 -0.07
N SER A 134 3.08 13.29 0.71
CA SER A 134 4.37 13.06 1.33
C SER A 134 5.43 12.72 0.28
N SER A 135 6.68 12.93 0.63
CA SER A 135 7.78 12.63 -0.28
C SER A 135 8.43 11.30 0.09
N CYS A 136 7.82 10.61 1.05
CA CYS A 136 8.34 9.32 1.50
C CYS A 136 7.92 8.20 0.56
N LYS A 137 8.82 7.23 0.38
CA LYS A 137 8.56 6.10 -0.49
C LYS A 137 7.82 5.01 0.28
N SER A 138 7.24 4.06 -0.45
CA SER A 138 6.52 2.97 0.16
C SER A 138 7.46 2.06 0.95
N PRO A 139 6.93 1.34 1.97
CA PRO A 139 7.72 0.43 2.83
C PRO A 139 8.69 -0.47 2.07
N GLN A 140 8.17 -1.21 1.10
CA GLN A 140 9.01 -2.13 0.32
C GLN A 140 10.05 -1.40 -0.52
N MET A 141 9.70 -0.21 -1.03
CA MET A 141 10.63 0.57 -1.83
C MET A 141 11.73 1.16 -0.97
N MET A 142 11.42 1.33 0.32
CA MET A 142 12.39 1.86 1.27
C MET A 142 13.41 0.78 1.61
N LEU A 143 12.90 -0.40 1.93
CA LEU A 143 13.74 -1.54 2.28
C LEU A 143 14.62 -1.95 1.09
N ALA A 144 14.05 -1.92 -0.09
CA ALA A 144 14.77 -2.28 -1.32
C ALA A 144 16.00 -1.40 -1.52
N ALA A 145 15.85 -0.11 -1.22
CA ALA A 145 16.96 0.82 -1.39
C ALA A 145 17.96 0.67 -0.25
N MET A 146 17.45 0.31 0.92
CA MET A 146 18.28 0.13 2.11
C MET A 146 19.17 -1.11 1.99
N VAL A 147 18.60 -2.21 1.51
CA VAL A 147 19.36 -3.45 1.36
C VAL A 147 20.44 -3.34 0.26
N LYS A 148 20.19 -2.49 -0.72
CA LYS A 148 21.14 -2.31 -1.81
C LYS A 148 22.18 -1.25 -1.51
N SER A 149 22.17 -0.76 -0.28
CA SER A 149 23.13 0.25 0.15
C SER A 149 23.82 -0.16 1.44
N TYR A 150 23.08 -0.05 2.54
CA TYR A 150 23.62 -0.40 3.86
C TYR A 150 23.99 -1.88 3.94
N LEU A 151 23.06 -2.74 3.56
CA LEU A 151 23.29 -4.17 3.59
C LEU A 151 24.41 -4.57 2.63
N ALA A 152 24.40 -3.95 1.45
CA ALA A 152 25.41 -4.20 0.44
C ALA A 152 26.81 -3.91 0.96
N GLU A 153 26.97 -2.70 1.51
CA GLU A 153 28.26 -2.28 2.06
C GLU A 153 28.66 -3.15 3.24
N LYS A 154 27.71 -3.42 4.12
CA LYS A 154 27.96 -4.22 5.31
C LYS A 154 28.39 -5.64 4.97
N LYS A 155 27.80 -6.21 3.93
CA LYS A 155 28.13 -7.57 3.52
C LYS A 155 29.28 -7.60 2.52
N GLY A 156 29.69 -6.43 2.06
CA GLY A 156 30.78 -6.33 1.10
C GLY A 156 30.41 -6.88 -0.26
N ILE A 157 29.20 -6.60 -0.70
CA ILE A 157 28.73 -7.07 -1.99
C ILE A 157 28.29 -5.88 -2.85
N ALA A 158 28.58 -5.96 -4.15
CA ALA A 158 28.19 -4.89 -5.06
C ALA A 158 26.71 -5.02 -5.42
N PRO A 159 25.98 -3.89 -5.42
CA PRO A 159 24.54 -3.85 -5.73
C PRO A 159 24.21 -4.43 -7.11
N LYS A 160 25.23 -4.57 -7.96
CA LYS A 160 25.04 -5.13 -9.29
C LYS A 160 24.78 -6.62 -9.23
N ASP A 161 25.33 -7.26 -8.21
CA ASP A 161 25.18 -8.71 -8.03
C ASP A 161 24.14 -8.99 -6.97
N MET A 162 23.17 -8.09 -6.85
CA MET A 162 22.10 -8.23 -5.88
C MET A 162 20.75 -8.10 -6.56
N VAL A 163 19.91 -9.11 -6.38
CA VAL A 163 18.59 -9.13 -6.98
C VAL A 163 17.55 -8.91 -5.89
N MET A 164 16.77 -7.85 -6.01
CA MET A 164 15.74 -7.56 -5.02
C MET A 164 14.36 -7.92 -5.54
N VAL A 165 13.79 -8.97 -4.98
CA VAL A 165 12.47 -9.43 -5.36
C VAL A 165 11.47 -9.12 -4.25
N SER A 166 10.26 -8.74 -4.61
CA SER A 166 9.25 -8.42 -3.62
C SER A 166 7.92 -9.05 -3.99
N ILE A 167 7.23 -9.59 -2.98
CA ILE A 167 5.93 -10.21 -3.19
C ILE A 167 4.85 -9.23 -2.77
N MET A 168 4.13 -8.69 -3.75
CA MET A 168 3.09 -7.72 -3.47
C MET A 168 1.72 -8.24 -3.88
N PRO A 169 0.66 -7.81 -3.18
CA PRO A 169 -0.71 -8.24 -3.47
C PRO A 169 -1.35 -7.40 -4.59
N CYS A 170 -0.53 -6.83 -5.46
CA CYS A 170 -1.02 -6.01 -6.55
C CYS A 170 0.00 -5.95 -7.68
N THR A 171 -0.49 -6.02 -8.91
CA THR A 171 0.38 -5.98 -10.09
C THR A 171 0.84 -4.55 -10.37
N ARG A 172 0.06 -3.59 -9.88
CA ARG A 172 0.35 -2.17 -10.09
C ARG A 172 1.55 -1.73 -9.25
N LYS A 173 2.10 -2.64 -8.46
CA LYS A 173 3.26 -2.34 -7.63
C LYS A 173 4.53 -2.35 -8.47
N GLN A 174 4.53 -3.13 -9.54
CA GLN A 174 5.68 -3.23 -10.41
C GLN A 174 5.89 -1.90 -11.14
N SER A 175 4.79 -1.25 -11.48
CA SER A 175 4.82 0.02 -12.18
C SER A 175 5.46 1.11 -11.32
N GLU A 176 5.36 0.95 -10.00
CA GLU A 176 5.93 1.91 -9.07
C GLU A 176 7.44 1.71 -8.98
N ALA A 177 7.86 0.45 -8.93
CA ALA A 177 9.26 0.11 -8.84
C ALA A 177 9.98 0.29 -10.17
N ASP A 178 9.21 0.30 -11.26
CA ASP A 178 9.79 0.46 -12.59
C ASP A 178 10.13 1.93 -12.89
N ARG A 179 9.83 2.82 -11.96
CA ARG A 179 10.13 4.23 -12.15
C ARG A 179 11.64 4.45 -12.25
N ASP A 180 12.06 5.01 -13.38
CA ASP A 180 13.48 5.22 -13.70
C ASP A 180 14.29 5.92 -12.62
N TRP A 181 13.74 6.95 -11.99
CA TRP A 181 14.49 7.69 -10.96
C TRP A 181 14.75 6.90 -9.67
N PHE A 182 14.31 5.64 -9.64
CA PHE A 182 14.53 4.79 -8.48
C PHE A 182 15.79 3.96 -8.69
N CYS A 183 16.94 4.63 -8.70
CA CYS A 183 18.22 3.97 -8.90
C CYS A 183 19.04 3.95 -7.61
N VAL A 184 20.10 3.17 -7.61
CA VAL A 184 20.98 3.07 -6.46
C VAL A 184 22.34 3.66 -6.83
N ASP A 185 22.61 4.88 -6.37
CA ASP A 185 23.87 5.57 -6.65
C ASP A 185 23.93 6.06 -8.09
N THR A 189 22.46 0.06 -15.14
CA THR A 189 21.47 0.75 -14.30
C THR A 189 21.15 -0.07 -13.06
C LEU A 190 19.95 0.08 -10.11
N ARG A 191 19.01 -0.84 -10.28
CA ARG A 191 17.65 -0.66 -9.81
C ARG A 191 17.54 -1.00 -8.34
N GLN A 192 16.78 -0.20 -7.59
CA GLN A 192 16.58 -0.44 -6.17
C GLN A 192 15.83 -1.75 -5.96
N LEU A 193 14.82 -1.94 -6.79
CA LEU A 193 14.01 -3.14 -6.76
C LEU A 193 14.13 -3.81 -8.13
N ASP A 194 14.29 -5.11 -8.14
CA ASP A 194 14.46 -5.85 -9.39
C ASP A 194 13.15 -6.29 -10.00
N HIS A 195 12.44 -7.17 -9.31
CA HIS A 195 11.18 -7.70 -9.84
C HIS A 195 10.14 -7.84 -8.75
N VAL A 196 8.88 -7.59 -9.12
CA VAL A 196 7.77 -7.71 -8.21
C VAL A 196 6.89 -8.88 -8.63
N ILE A 197 6.55 -9.74 -7.68
CA ILE A 197 5.71 -10.91 -7.96
C ILE A 197 4.44 -10.82 -7.13
N THR A 198 3.31 -11.16 -7.72
CA THR A 198 2.03 -11.11 -7.02
C THR A 198 1.74 -12.42 -6.29
N THR A 199 0.74 -12.37 -5.41
CA THR A 199 0.33 -13.52 -4.62
C THR A 199 -0.07 -14.69 -5.52
N VAL A 200 -0.85 -14.41 -6.55
CA VAL A 200 -1.30 -15.45 -7.48
C VAL A 200 -0.12 -16.11 -8.21
N GLU A 201 0.84 -15.29 -8.62
CA GLU A 201 2.02 -15.80 -9.33
C GLU A 201 2.87 -16.66 -8.40
N LEU A 202 3.11 -16.17 -7.19
CA LEU A 202 3.91 -16.89 -6.21
C LEU A 202 3.27 -18.24 -5.87
N GLY A 203 1.96 -18.21 -5.64
CA GLY A 203 1.24 -19.43 -5.31
C GLY A 203 1.33 -20.46 -6.42
N ASN A 204 1.31 -19.99 -7.65
CA ASN A 204 1.40 -20.87 -8.81
C ASN A 204 2.76 -21.55 -8.86
N ILE A 205 3.80 -20.79 -8.53
CA ILE A 205 5.17 -21.32 -8.53
C ILE A 205 5.28 -22.48 -7.55
N PHE A 206 4.76 -22.28 -6.33
CA PHE A 206 4.81 -23.32 -5.30
C PHE A 206 4.06 -24.57 -5.75
N LYS A 207 2.92 -24.38 -6.39
CA LYS A 207 2.12 -25.49 -6.88
C LYS A 207 2.84 -26.25 -8.00
N GLU A 208 3.37 -25.50 -8.96
CA GLU A 208 4.08 -26.10 -10.09
C GLU A 208 5.34 -26.82 -9.64
N ARG A 209 6.04 -26.26 -8.65
CA ARG A 209 7.27 -26.86 -8.14
C ARG A 209 6.97 -28.04 -7.23
N GLY A 210 5.73 -28.11 -6.75
CA GLY A 210 5.33 -29.19 -5.89
C GLY A 210 5.77 -28.97 -4.45
N ILE A 211 5.64 -27.73 -3.99
CA ILE A 211 6.03 -27.39 -2.63
C ILE A 211 4.83 -26.85 -1.86
N ASN A 212 4.14 -27.72 -1.16
CA ASN A 212 2.98 -27.33 -0.36
C ASN A 212 3.44 -26.65 0.92
N LEU A 213 3.10 -25.37 1.05
CA LEU A 213 3.47 -24.58 2.22
C LEU A 213 2.91 -25.16 3.52
N ALA A 214 1.77 -25.84 3.42
CA ALA A 214 1.13 -26.43 4.59
C ALA A 214 1.89 -27.65 5.09
N GLU A 215 2.82 -28.16 4.28
CA GLU A 215 3.61 -29.32 4.65
C GLU A 215 5.06 -28.94 4.92
N LEU A 216 5.28 -27.66 5.15
CA LEU A 216 6.62 -27.16 5.42
C LEU A 216 6.79 -26.83 6.90
N PRO A 217 8.01 -26.96 7.42
CA PRO A 217 8.29 -26.65 8.83
C PRO A 217 8.42 -25.15 9.06
N GLU A 218 8.60 -24.77 10.31
CA GLU A 218 8.75 -23.36 10.67
C GLU A 218 10.12 -22.85 10.25
N GLY A 219 10.16 -22.16 9.12
CA GLY A 219 11.40 -21.62 8.61
C GLY A 219 11.88 -20.41 9.39
N GLU A 220 12.88 -19.71 8.85
CA GLU A 220 13.42 -18.54 9.51
C GLU A 220 13.55 -17.38 8.54
N TRP A 221 13.52 -16.17 9.09
CA TRP A 221 13.65 -14.95 8.29
C TRP A 221 15.08 -14.43 8.40
N ASP A 222 15.44 -13.53 7.52
CA ASP A 222 16.78 -12.95 7.54
C ASP A 222 16.71 -11.50 8.03
N ASN A 223 17.81 -11.01 8.57
CA ASN A 223 17.85 -9.65 9.08
C ASN A 223 18.53 -8.72 8.09
N PRO A 224 17.82 -7.68 7.63
CA PRO A 224 18.35 -6.71 6.67
C PRO A 224 19.53 -5.92 7.24
N MET A 225 19.70 -6.00 8.55
CA MET A 225 20.80 -5.30 9.22
C MET A 225 22.09 -6.12 9.15
N GLY A 226 22.07 -7.17 8.34
CA GLY A 226 23.23 -8.01 8.19
C GLY A 226 23.25 -9.14 9.18
N VAL A 227 23.28 -8.79 10.46
CA VAL A 227 23.28 -9.78 11.53
C VAL A 227 22.15 -9.51 12.50
N GLY A 228 21.57 -10.58 13.03
CA GLY A 228 20.48 -10.45 13.97
C GLY A 228 19.62 -11.68 14.00
N SER A 229 18.82 -11.82 15.04
CA SER A 229 17.93 -12.96 15.19
C SER A 229 16.55 -12.63 14.65
N GLY A 230 16.22 -13.21 13.49
CA GLY A 230 14.93 -12.96 12.89
C GLY A 230 15.01 -11.87 11.85
N ALA A 231 13.85 -11.34 11.46
CA ALA A 231 13.80 -10.28 10.45
C ALA A 231 14.11 -8.90 11.04
N GLY A 232 14.40 -8.87 12.34
CA GLY A 232 14.70 -7.61 13.01
C GLY A 232 13.45 -6.84 13.36
N VAL A 233 12.31 -7.51 13.31
CA VAL A 233 11.04 -6.88 13.62
C VAL A 233 10.55 -7.37 14.98
N LEU A 234 10.40 -6.44 15.91
CA LEU A 234 9.93 -6.78 17.26
C LEU A 234 8.47 -7.20 17.25
N PHE A 235 8.18 -8.28 17.98
CA PHE A 235 6.84 -8.83 18.09
C PHE A 235 5.84 -7.76 18.55
N GLY A 236 4.81 -7.55 17.74
CA GLY A 236 3.80 -6.57 18.06
C GLY A 236 3.22 -5.94 16.81
N THR A 237 2.10 -5.25 16.95
CA THR A 237 1.47 -4.61 15.82
C THR A 237 1.64 -3.09 15.89
N THR A 238 1.63 -2.46 14.73
CA THR A 238 1.76 -1.02 14.64
C THR A 238 0.39 -0.39 14.41
N GLY A 239 -0.59 -1.23 14.11
CA GLY A 239 -1.94 -0.75 13.86
C GLY A 239 -2.15 -0.40 12.40
N GLY A 240 -1.08 0.04 11.75
CA GLY A 240 -1.12 0.41 10.36
C GLY A 240 -0.10 1.47 10.06
N VAL A 241 0.16 1.74 8.79
CA VAL A 241 1.15 2.74 8.41
C VAL A 241 0.69 4.12 8.89
N MET A 242 -0.53 4.49 8.51
CA MET A 242 -1.10 5.77 8.90
C MET A 242 -1.24 5.89 10.41
N GLU A 243 -1.82 4.87 11.04
CA GLU A 243 -2.03 4.87 12.48
C GLU A 243 -0.73 5.04 13.25
N ALA A 244 0.30 4.28 12.87
CA ALA A 244 1.59 4.35 13.55
C ALA A 244 2.28 5.70 13.28
N ALA A 245 2.10 6.23 12.08
CA ALA A 245 2.69 7.52 11.72
C ALA A 245 2.06 8.62 12.57
N LEU A 246 0.73 8.59 12.65
CA LEU A 246 -0.02 9.58 13.44
C LEU A 246 0.36 9.44 14.91
N ARG A 247 0.49 8.20 15.36
CA ARG A 247 0.84 7.89 16.73
C ARG A 247 2.18 8.54 17.11
N THR A 248 3.19 8.32 16.28
CA THR A 248 4.51 8.86 16.52
C THR A 248 4.47 10.38 16.65
N ALA A 249 3.73 11.04 15.77
CA ALA A 249 3.62 12.49 15.80
C ALA A 249 2.80 12.96 17.00
N TYR A 250 1.70 12.27 17.27
CA TYR A 250 0.82 12.60 18.38
C TYR A 250 1.52 12.47 19.74
N GLU A 251 2.20 11.35 19.93
CA GLU A 251 2.89 11.08 21.19
C GLU A 251 4.04 12.03 21.47
N LEU A 252 4.77 12.43 20.44
CA LEU A 252 5.90 13.34 20.61
C LEU A 252 5.41 14.79 20.77
N PHE A 253 4.12 14.98 20.56
CA PHE A 253 3.50 16.29 20.67
C PHE A 253 2.71 16.44 21.97
N THR A 254 2.00 15.38 22.34
CA THR A 254 1.16 15.41 23.53
C THR A 254 1.83 14.78 24.74
N GLY A 255 2.66 13.77 24.51
CA GLY A 255 3.32 13.09 25.61
C GLY A 255 2.47 11.93 26.12
N THR A 256 1.28 11.79 25.54
CA THR A 256 0.37 10.73 25.92
C THR A 256 0.36 9.65 24.86
N PRO A 257 0.32 8.36 25.27
CA PRO A 257 0.31 7.23 24.33
C PRO A 257 -1.00 7.18 23.54
N LEU A 258 -0.89 6.87 22.27
CA LEU A 258 -2.07 6.79 21.40
C LEU A 258 -2.47 5.33 21.17
N PRO A 259 -3.72 4.98 21.53
CA PRO A 259 -4.24 3.63 21.35
C PRO A 259 -4.63 3.38 19.88
N ARG A 260 -5.54 2.43 19.66
CA ARG A 260 -6.00 2.12 18.32
C ARG A 260 -7.06 3.12 17.88
N LEU A 261 -7.03 3.50 16.61
CA LEU A 261 -7.99 4.46 16.09
C LEU A 261 -9.23 3.80 15.50
N SER A 262 -10.39 4.19 16.01
CA SER A 262 -11.65 3.65 15.53
C SER A 262 -12.19 4.49 14.38
N LEU A 263 -11.85 4.10 13.16
CA LEU A 263 -12.28 4.80 11.95
C LEU A 263 -13.81 4.86 11.86
N SER A 264 -14.35 6.07 11.76
CA SER A 264 -15.79 6.26 11.66
C SER A 264 -16.20 6.45 10.21
N GLU A 265 -17.34 5.87 9.83
CA GLU A 265 -17.83 5.96 8.46
C GLU A 265 -18.50 7.31 8.22
N VAL A 266 -18.09 8.00 7.17
CA VAL A 266 -18.66 9.29 6.82
C VAL A 266 -19.91 9.11 5.98
N ARG A 267 -21.07 9.42 6.56
CA ARG A 267 -22.33 9.29 5.87
C ARG A 267 -22.42 10.29 4.72
N GLY A 268 -22.63 9.77 3.53
CA GLY A 268 -22.72 10.61 2.35
C GLY A 268 -21.60 10.28 1.38
N MET A 269 -20.56 9.66 1.90
CA MET A 269 -19.41 9.26 1.11
C MET A 269 -19.03 7.82 1.45
N ASP A 270 -19.69 6.88 0.78
CA ASP A 270 -19.46 5.45 1.00
C ASP A 270 -18.03 5.06 0.64
N GLY A 271 -17.26 4.74 1.66
CA GLY A 271 -15.88 4.35 1.46
C GLY A 271 -14.91 5.31 2.14
N ILE A 272 -15.43 6.45 2.56
CA ILE A 272 -14.63 7.46 3.24
C ILE A 272 -14.81 7.33 4.75
N LYS A 273 -13.70 7.27 5.47
CA LYS A 273 -13.73 7.15 6.92
C LYS A 273 -13.03 8.35 7.53
N GLU A 274 -13.44 8.77 8.71
CA GLU A 274 -12.82 9.91 9.38
C GLU A 274 -12.50 9.63 10.85
N THR A 275 -11.59 10.42 11.39
CA THR A 275 -11.18 10.29 12.78
C THR A 275 -10.66 11.64 13.30
N ASN A 276 -11.10 12.02 14.49
CA ASN A 276 -10.68 13.29 15.09
C ASN A 276 -9.81 13.03 16.31
N ILE A 277 -8.52 13.35 16.18
CA ILE A 277 -7.57 13.12 17.27
C ILE A 277 -7.31 14.43 18.05
N THR A 278 -7.59 14.38 19.35
CA THR A 278 -7.38 15.54 20.21
C THR A 278 -5.89 15.69 20.53
N MET A 279 -5.24 16.65 19.90
CA MET A 279 -3.82 16.89 20.13
C MET A 279 -3.59 18.06 21.09
N VAL A 280 -3.27 17.74 22.33
CA VAL A 280 -3.00 18.74 23.34
C VAL A 280 -1.49 18.77 23.61
N PRO A 281 -0.84 19.91 23.37
CA PRO A 281 0.60 20.07 23.58
C PRO A 281 1.02 19.77 25.01
N ALA A 282 2.07 18.98 25.16
CA ALA A 282 2.60 18.61 26.47
C ALA A 282 3.12 19.84 27.22
N PRO A 283 2.77 19.98 28.51
CA PRO A 283 3.20 21.11 29.33
C PRO A 283 4.72 21.17 29.44
N GLY A 284 5.29 22.28 28.98
CA GLY A 284 6.73 22.44 29.02
C GLY A 284 7.38 21.98 27.74
N SER A 285 6.74 22.27 26.62
CA SER A 285 7.27 21.89 25.31
C SER A 285 7.30 23.10 24.39
N LYS A 286 8.03 22.99 23.29
CA LYS A 286 8.12 24.08 22.34
C LYS A 286 6.81 24.19 21.58
N PHE A 287 6.13 23.06 21.42
CA PHE A 287 4.85 23.02 20.71
C PHE A 287 3.80 23.78 21.50
N GLU A 288 3.85 23.64 22.82
CA GLU A 288 2.93 24.32 23.71
C GLU A 288 3.14 25.83 23.62
N GLU A 289 4.40 26.24 23.65
CA GLU A 289 4.75 27.65 23.58
C GLU A 289 4.32 28.28 22.26
N LEU A 290 4.33 27.48 21.20
CA LEU A 290 3.95 27.96 19.88
C LEU A 290 2.52 28.48 19.89
N LEU A 291 1.58 27.63 20.29
CA LEU A 291 0.17 27.99 20.34
C LEU A 291 -0.10 29.00 21.45
N LYS A 292 0.74 28.98 22.47
CA LYS A 292 0.60 29.89 23.59
C LYS A 292 1.13 31.28 23.25
N HIS A 293 1.86 31.38 22.15
CA HIS A 293 2.43 32.65 21.74
C HIS A 293 1.80 33.20 20.47
N ARG A 294 1.22 32.32 19.65
CA ARG A 294 0.58 32.75 18.42
C ARG A 294 -0.64 31.91 18.08
N ALA A 295 -1.77 32.59 17.91
CA ALA A 295 -3.02 31.93 17.55
C ALA A 295 -3.64 32.62 16.36
N ALA A 296 -2.96 33.67 15.89
CA ALA A 296 -3.42 34.45 14.76
C ALA A 296 -2.22 35.05 14.06
N GLY A 308 -2.75 27.35 -4.70
CA GLY A 308 -3.05 26.29 -3.72
C GLY A 308 -4.52 25.95 -3.70
N PRO A 309 -4.92 24.84 -4.33
CA PRO A 309 -6.32 24.41 -4.39
C PRO A 309 -6.85 24.03 -3.00
N LEU A 310 -5.94 23.67 -2.12
CA LEU A 310 -6.31 23.30 -0.76
C LEU A 310 -5.67 24.24 0.24
N ALA A 311 -6.41 25.25 0.66
CA ALA A 311 -5.91 26.22 1.62
C ALA A 311 -6.28 25.79 3.04
N TRP A 312 -5.29 25.66 3.89
CA TRP A 312 -5.50 25.27 5.28
C TRP A 312 -6.40 26.28 5.98
N ASP A 313 -7.44 25.79 6.63
CA ASP A 313 -8.40 26.64 7.34
C ASP A 313 -7.79 27.22 8.61
N GLY A 314 -6.65 26.68 9.01
CA GLY A 314 -5.99 27.15 10.20
C GLY A 314 -5.95 26.08 11.26
N GLY A 315 -6.67 25.00 11.02
CA GLY A 315 -6.72 23.91 11.97
C GLY A 315 -7.78 24.12 13.02
N ALA A 316 -8.62 23.13 13.22
CA ALA A 316 -9.68 23.22 14.22
C ALA A 316 -9.11 23.16 15.63
N GLY A 317 -8.75 24.32 16.16
CA GLY A 317 -8.19 24.38 17.48
C GLY A 317 -9.18 24.92 18.51
N PHE A 318 -9.04 24.46 19.73
CA PHE A 318 -9.90 24.89 20.82
C PHE A 318 -9.05 25.26 22.03
N THR A 319 -9.55 26.17 22.85
CA THR A 319 -8.81 26.59 24.02
C THR A 319 -9.71 26.60 25.26
N SER A 320 -9.13 26.20 26.39
CA SER A 320 -9.86 26.15 27.64
C SER A 320 -9.85 27.53 28.29
N GLU A 321 -10.71 27.73 29.29
CA GLU A 321 -10.79 29.01 29.97
C GLU A 321 -9.56 29.23 30.86
N ASP A 322 -8.86 28.16 31.15
CA ASP A 322 -7.65 28.22 31.97
C ASP A 322 -6.48 28.85 31.22
N GLY A 323 -6.49 28.74 29.89
CA GLY A 323 -5.42 29.31 29.10
C GLY A 323 -4.78 28.31 28.15
N ARG A 324 -4.99 27.03 28.39
CA ARG A 324 -4.41 25.99 27.54
C ARG A 324 -5.26 25.76 26.30
N GLY A 325 -4.68 25.11 25.30
CA GLY A 325 -5.41 24.84 24.08
C GLY A 325 -4.95 23.56 23.40
N GLY A 326 -5.71 23.13 22.41
CA GLY A 326 -5.37 21.93 21.68
C GLY A 326 -6.02 21.94 20.31
N ILE A 327 -5.57 21.08 19.43
CA ILE A 327 -6.12 21.02 18.07
C ILE A 327 -6.66 19.62 17.78
N THR A 328 -7.79 19.56 17.08
CA THR A 328 -8.37 18.28 16.73
C THR A 328 -7.97 17.88 15.30
N LEU A 329 -6.97 17.02 15.21
CA LEU A 329 -6.45 16.55 13.92
C LEU A 329 -7.53 15.81 13.16
N ARG A 330 -7.90 16.35 12.01
CA ARG A 330 -8.92 15.75 11.17
C ARG A 330 -8.29 14.79 10.15
N VAL A 331 -8.35 13.50 10.47
CA VAL A 331 -7.78 12.48 9.61
C VAL A 331 -8.88 11.75 8.84
N ALA A 332 -8.69 11.60 7.54
CA ALA A 332 -9.65 10.92 6.70
C ALA A 332 -8.98 9.79 5.92
N VAL A 333 -9.73 8.71 5.73
CA VAL A 333 -9.23 7.55 4.99
C VAL A 333 -10.14 7.29 3.80
N ALA A 334 -9.57 7.36 2.61
CA ALA A 334 -10.31 7.12 1.39
C ALA A 334 -9.95 5.76 0.81
N ASN A 335 -10.77 4.78 1.09
CA ASN A 335 -10.52 3.44 0.58
C ASN A 335 -11.16 3.27 -0.79
N GLY A 336 -10.35 3.36 -1.82
CA GLY A 336 -10.85 3.23 -3.17
C GLY A 336 -10.46 4.42 -4.02
N LEU A 337 -9.78 4.16 -5.14
CA LEU A 337 -9.33 5.21 -6.04
C LEU A 337 -10.50 6.04 -6.57
N GLY A 338 -11.64 5.39 -6.73
CA GLY A 338 -12.81 6.08 -7.21
C GLY A 338 -13.38 7.01 -6.17
N ASN A 339 -13.13 6.68 -4.90
CA ASN A 339 -13.63 7.47 -3.80
C ASN A 339 -12.84 8.76 -3.65
N ALA A 340 -11.60 8.75 -4.16
CA ALA A 340 -10.75 9.93 -4.12
C ALA A 340 -11.35 11.02 -4.99
N LYS A 341 -11.94 10.61 -6.10
CA LYS A 341 -12.57 11.52 -7.05
C LYS A 341 -13.82 12.15 -6.44
N LYS A 342 -14.36 11.49 -5.41
CA LYS A 342 -15.56 11.97 -4.74
C LYS A 342 -15.22 12.80 -3.50
N LEU A 343 -14.12 12.46 -2.85
CA LEU A 343 -13.68 13.17 -1.66
C LEU A 343 -12.95 14.47 -2.00
N ILE A 344 -12.03 14.40 -2.95
CA ILE A 344 -11.24 15.57 -3.35
C ILE A 344 -12.13 16.71 -3.84
N THR A 345 -13.24 16.38 -4.50
CA THR A 345 -14.15 17.39 -5.00
C THR A 345 -14.74 18.19 -3.84
N LYS A 346 -15.11 17.49 -2.77
CA LYS A 346 -15.68 18.13 -1.59
C LYS A 346 -14.61 18.87 -0.83
N MET A 347 -13.38 18.39 -0.92
CA MET A 347 -12.26 19.03 -0.25
C MET A 347 -11.93 20.35 -0.91
N GLN A 348 -11.82 20.33 -2.24
CA GLN A 348 -11.53 21.53 -3.01
C GLN A 348 -12.64 22.56 -2.84
N ALA A 349 -13.88 22.06 -2.76
CA ALA A 349 -15.03 22.93 -2.59
C ALA A 349 -14.99 23.65 -1.24
N GLY A 350 -14.33 23.02 -0.27
CA GLY A 350 -14.21 23.60 1.05
C GLY A 350 -15.11 22.92 2.07
N GLU A 351 -15.86 21.92 1.61
CA GLU A 351 -16.78 21.20 2.49
C GLU A 351 -16.03 20.24 3.41
N ALA A 352 -15.23 19.37 2.82
CA ALA A 352 -14.47 18.39 3.58
C ALA A 352 -13.19 18.99 4.15
N LYS A 353 -13.23 19.32 5.44
CA LYS A 353 -12.09 19.91 6.12
C LYS A 353 -11.28 18.82 6.82
N TYR A 354 -10.13 18.49 6.26
CA TYR A 354 -9.26 17.47 6.84
C TYR A 354 -7.81 17.92 6.78
N ASP A 355 -6.99 17.39 7.68
CA ASP A 355 -5.57 17.75 7.73
C ASP A 355 -4.70 16.64 7.16
N PHE A 356 -5.08 15.39 7.44
CA PHE A 356 -4.34 14.25 6.95
C PHE A 356 -5.30 13.26 6.29
N VAL A 357 -4.98 12.83 5.08
CA VAL A 357 -5.84 11.90 4.36
C VAL A 357 -5.04 10.75 3.74
N GLU A 358 -5.46 9.53 4.03
CA GLU A 358 -4.82 8.34 3.47
C GLU A 358 -5.70 7.82 2.34
N ILE A 359 -5.13 7.63 1.16
CA ILE A 359 -5.90 7.15 0.03
C ILE A 359 -5.42 5.78 -0.45
N MET A 360 -6.32 4.82 -0.42
CA MET A 360 -6.03 3.46 -0.86
C MET A 360 -6.69 3.21 -2.21
N ALA A 361 -6.15 2.27 -2.97
CA ALA A 361 -6.69 1.96 -4.28
C ALA A 361 -7.93 1.08 -4.18
N CYS A 362 -7.99 0.26 -3.13
CA CYS A 362 -9.11 -0.63 -2.93
C CYS A 362 -9.88 -0.24 -1.68
N PRO A 363 -11.21 -0.49 -1.64
CA PRO A 363 -12.07 -0.15 -0.51
C PRO A 363 -12.03 -1.23 0.59
N ALA A 364 -10.96 -2.00 0.61
CA ALA A 364 -10.79 -3.06 1.59
C ALA A 364 -9.31 -3.22 1.92
N GLY A 365 -8.61 -2.10 1.99
CA GLY A 365 -7.19 -2.12 2.28
C GLY A 365 -6.40 -2.72 1.14
N CYS A 366 -5.34 -3.45 1.48
CA CYS A 366 -4.50 -4.07 0.47
C CYS A 366 -4.71 -5.58 0.41
N VAL A 367 -5.44 -6.12 1.39
CA VAL A 367 -5.71 -7.56 1.43
C VAL A 367 -6.68 -7.98 0.33
N GLY A 368 -7.31 -7.00 -0.30
CA GLY A 368 -8.23 -7.28 -1.37
C GLY A 368 -7.72 -6.81 -2.72
N GLY A 369 -6.39 -6.77 -2.85
CA GLY A 369 -5.78 -6.34 -4.09
C GLY A 369 -5.99 -7.32 -5.23
N GLY A 370 -5.65 -6.91 -6.45
CA GLY A 370 -5.83 -7.77 -7.60
C GLY A 370 -4.84 -8.92 -7.64
N GLY A 371 -3.68 -8.73 -7.00
CA GLY A 371 -2.67 -9.77 -6.99
C GLY A 371 -3.00 -10.89 -6.04
N GLN A 372 -3.93 -10.62 -5.12
CA GLN A 372 -4.37 -11.62 -4.14
C GLN A 372 -5.26 -12.65 -4.82
N PRO A 373 -5.43 -13.84 -4.20
CA PRO A 373 -6.28 -14.89 -4.75
C PRO A 373 -7.74 -14.44 -4.80
N ARG A 374 -8.53 -15.11 -5.63
CA ARG A 374 -9.94 -14.76 -5.77
C ARG A 374 -10.80 -15.94 -5.33
N SER A 375 -11.84 -15.64 -4.56
CA SER A 375 -12.74 -16.67 -4.07
C SER A 375 -14.18 -16.24 -4.29
N THR A 376 -15.09 -17.21 -4.22
CA THR A 376 -16.51 -16.94 -4.39
C THR A 376 -17.09 -16.31 -3.13
N ASP A 377 -16.30 -16.34 -2.07
CA ASP A 377 -16.70 -15.78 -0.79
C ASP A 377 -16.57 -14.27 -0.84
N LYS A 378 -17.70 -13.59 -0.84
CA LYS A 378 -17.74 -12.13 -0.90
C LYS A 378 -17.35 -11.50 0.43
N ALA A 379 -17.02 -12.32 1.41
CA ALA A 379 -16.61 -11.85 2.72
C ALA A 379 -15.25 -12.42 3.09
N ILE A 380 -14.50 -12.82 2.08
CA ILE A 380 -13.17 -13.39 2.29
C ILE A 380 -12.16 -12.32 2.74
N THR A 381 -12.39 -11.08 2.30
CA THR A 381 -11.52 -9.98 2.64
C THR A 381 -11.49 -9.71 4.14
N GLN A 382 -12.65 -9.85 4.78
CA GLN A 382 -12.76 -9.63 6.22
C GLN A 382 -11.90 -10.63 6.98
N LYS A 383 -11.86 -11.86 6.48
CA LYS A 383 -11.08 -12.92 7.10
C LYS A 383 -9.59 -12.64 6.98
N ARG A 384 -9.19 -12.13 5.83
CA ARG A 384 -7.78 -11.80 5.57
C ARG A 384 -7.31 -10.71 6.53
N GLN A 385 -8.14 -9.70 6.72
CA GLN A 385 -7.81 -8.58 7.60
C GLN A 385 -7.80 -9.02 9.06
N ALA A 386 -8.67 -9.97 9.40
CA ALA A 386 -8.77 -10.46 10.76
C ALA A 386 -7.61 -11.39 11.11
N ALA A 387 -7.30 -12.31 10.21
CA ALA A 387 -6.22 -13.27 10.42
C ALA A 387 -4.86 -12.69 10.00
N LEU A 388 -4.82 -11.38 9.78
CA LEU A 388 -3.59 -10.70 9.39
C LEU A 388 -2.55 -10.79 10.50
N TYR A 389 -3.02 -10.70 11.74
CA TYR A 389 -2.14 -10.77 12.89
C TYR A 389 -2.75 -11.65 13.96
N ASN A 390 -1.90 -12.27 14.77
CA ASN A 390 -2.35 -13.13 15.85
C ASN A 390 -2.87 -12.27 16.99
N LEU A 391 -3.67 -12.85 17.88
CA LEU A 391 -4.22 -12.11 19.02
C LEU A 391 -3.11 -11.50 19.86
N ASP A 392 -1.99 -12.22 19.96
CA ASP A 392 -0.84 -11.77 20.73
C ASP A 392 -0.22 -10.51 20.12
N GLU A 393 -0.24 -10.44 18.80
CA GLU A 393 0.32 -9.30 18.09
C GLU A 393 -0.59 -8.08 18.24
N LYS A 394 -1.89 -8.32 18.24
CA LYS A 394 -2.88 -7.25 18.38
C LYS A 394 -2.89 -6.68 19.79
N SER A 395 -2.62 -7.52 20.79
CA SER A 395 -2.60 -7.09 22.17
C SER A 395 -1.28 -6.42 22.54
N THR A 396 -0.35 -6.39 21.59
CA THR A 396 0.95 -5.79 21.82
C THR A 396 1.21 -4.66 20.83
N LEU A 397 0.96 -3.43 21.28
CA LEU A 397 1.18 -2.25 20.45
C LEU A 397 2.66 -1.91 20.45
N ARG A 398 3.28 -1.97 19.28
CA ARG A 398 4.70 -1.70 19.17
C ARG A 398 4.97 -0.50 18.25
N ARG A 399 5.93 0.34 18.63
CA ARG A 399 6.28 1.50 17.84
C ARG A 399 7.55 1.24 17.05
N SER A 400 7.75 2.00 15.99
CA SER A 400 8.93 1.86 15.15
C SER A 400 10.20 2.37 15.83
N HIS A 401 10.06 3.42 16.65
CA HIS A 401 11.23 3.99 17.33
C HIS A 401 11.69 3.15 18.51
N GLU A 402 11.05 2.00 18.73
CA GLU A 402 11.42 1.10 19.81
C GLU A 402 12.20 -0.07 19.25
N ASN A 403 12.32 -0.11 17.92
CA ASN A 403 13.04 -1.17 17.24
C ASN A 403 14.54 -0.88 17.20
N PRO A 404 15.35 -1.74 17.85
CA PRO A 404 16.80 -1.58 17.90
C PRO A 404 17.43 -1.60 16.51
N SER A 405 16.90 -2.46 15.64
CA SER A 405 17.40 -2.58 14.27
C SER A 405 17.26 -1.26 13.53
N ILE A 406 16.10 -0.62 13.69
CA ILE A 406 15.83 0.65 13.05
C ILE A 406 16.75 1.73 13.64
N ARG A 407 16.93 1.67 14.96
CA ARG A 407 17.78 2.62 15.66
C ARG A 407 19.20 2.55 15.14
N GLU A 408 19.71 1.33 14.97
CA GLU A 408 21.07 1.12 14.47
C GLU A 408 21.23 1.69 13.07
N LEU A 409 20.25 1.45 12.21
CA LEU A 409 20.28 1.95 10.84
C LEU A 409 20.27 3.47 10.80
N TYR A 410 19.51 4.07 11.70
CA TYR A 410 19.41 5.52 11.77
C TYR A 410 20.66 6.15 12.37
N ASP A 411 20.95 5.78 13.60
CA ASP A 411 22.08 6.34 14.35
C ASP A 411 23.46 6.00 13.79
N THR A 412 23.55 5.02 12.91
CA THR A 412 24.85 4.65 12.36
C THR A 412 24.90 4.66 10.84
N TYR A 413 23.96 5.34 10.20
CA TYR A 413 23.94 5.42 8.74
C TYR A 413 23.08 6.56 8.22
N LEU A 414 21.79 6.53 8.53
CA LEU A 414 20.87 7.56 8.07
C LEU A 414 21.13 8.92 8.72
N GLY A 415 21.44 8.90 10.00
CA GLY A 415 21.71 10.14 10.71
C GLY A 415 20.51 10.59 11.51
N GLU A 416 19.54 11.18 10.83
CA GLU A 416 18.33 11.67 11.47
C GLU A 416 17.16 11.57 10.50
N PRO A 417 15.92 11.44 11.01
CA PRO A 417 14.72 11.35 10.17
C PRO A 417 14.63 12.55 9.23
N LEU A 418 14.32 12.27 7.96
CA LEU A 418 14.21 13.32 6.93
C LEU A 418 15.56 13.96 6.63
N GLY A 419 16.64 13.34 7.10
CA GLY A 419 17.98 13.87 6.86
C GLY A 419 18.42 13.76 5.42
N HIS A 420 19.71 13.96 5.17
CA HIS A 420 20.26 13.89 3.82
C HIS A 420 20.03 12.52 3.18
N LYS A 421 20.62 11.49 3.76
CA LYS A 421 20.48 10.13 3.24
C LYS A 421 19.03 9.66 3.27
N ALA A 422 18.29 10.10 4.29
CA ALA A 422 16.90 9.73 4.43
C ALA A 422 16.07 10.31 3.28
N HIS A 423 16.35 11.55 2.93
CA HIS A 423 15.65 12.22 1.84
C HIS A 423 16.18 11.78 0.49
N GLU A 424 17.29 11.05 0.50
CA GLU A 424 17.92 10.57 -0.72
C GLU A 424 17.45 9.18 -1.10
N LEU A 425 17.46 8.25 -0.15
CA LEU A 425 17.06 6.87 -0.42
C LEU A 425 15.64 6.52 0.02
N LEU A 426 15.20 7.12 1.13
CA LEU A 426 13.87 6.83 1.65
C LEU A 426 12.81 7.76 1.09
N HIS A 427 13.24 8.82 0.43
CA HIS A 427 12.30 9.79 -0.14
C HIS A 427 12.46 9.87 -1.66
N THR A 428 11.50 10.50 -2.32
CA THR A 428 11.54 10.65 -3.76
C THR A 428 10.69 11.86 -4.19
N HIS A 429 10.47 12.01 -5.48
CA HIS A 429 9.70 13.11 -6.02
C HIS A 429 8.72 12.60 -7.08
N TYR A 430 7.67 13.37 -7.33
CA TYR A 430 6.66 12.99 -8.31
C TYR A 430 6.60 14.00 -9.46
N VAL A 431 6.17 13.54 -10.63
CA VAL A 431 6.11 14.39 -11.80
C VAL A 431 4.67 14.68 -12.22
N ALA A 432 4.36 15.97 -12.39
CA ALA A 432 3.03 16.39 -12.78
C ALA A 432 2.72 15.98 -14.22
N GLY A 433 2.04 14.84 -14.36
CA GLY A 433 1.69 14.35 -15.68
C GLY A 433 1.74 12.85 -15.76
N GLY A 434 2.67 12.26 -15.02
CA GLY A 434 2.82 10.82 -15.01
C GLY A 434 4.23 10.42 -15.39
N VAL A 435 4.46 9.12 -15.54
CA VAL A 435 5.78 8.61 -15.90
C VAL A 435 5.91 8.51 -17.42
N TYR B 1 -28.33 -9.42 -23.58
CA TYR B 1 -27.23 -9.31 -24.57
C TYR B 1 -26.21 -10.42 -24.37
N LYS B 2 -25.82 -11.07 -25.45
CA LYS B 2 -24.86 -12.15 -25.38
C LYS B 2 -23.44 -11.61 -25.39
N VAL B 3 -22.86 -11.48 -24.21
CA VAL B 3 -21.51 -10.97 -24.06
C VAL B 3 -20.56 -12.10 -23.65
N THR B 4 -19.50 -12.28 -24.41
CA THR B 4 -18.54 -13.32 -24.10
C THR B 4 -17.41 -12.75 -23.24
N LEU B 5 -17.31 -13.27 -22.02
CA LEU B 5 -16.29 -12.81 -21.09
C LEU B 5 -15.01 -13.60 -21.27
N LYS B 6 -13.90 -12.87 -21.40
CA LYS B 6 -12.60 -13.49 -21.56
C LYS B 6 -11.98 -13.76 -20.19
N THR B 7 -12.13 -14.98 -19.73
CA THR B 7 -11.60 -15.38 -18.44
C THR B 7 -10.46 -16.37 -18.65
N PRO B 8 -9.40 -16.30 -17.84
CA PRO B 8 -8.25 -17.22 -17.95
C PRO B 8 -8.66 -18.68 -17.74
N SER B 9 -9.84 -18.86 -17.16
CA SER B 9 -10.38 -20.19 -16.90
C SER B 9 -11.29 -20.66 -18.04
N GLY B 10 -11.28 -19.91 -19.14
CA GLY B 10 -12.09 -20.28 -20.28
C GLY B 10 -13.11 -19.21 -20.63
N ASP B 11 -13.39 -19.05 -21.91
CA ASP B 11 -14.35 -18.07 -22.39
C ASP B 11 -15.77 -18.57 -22.17
N LYS B 12 -16.70 -17.65 -21.94
CA LYS B 12 -18.08 -18.00 -21.72
C LYS B 12 -19.01 -16.84 -22.08
N THR B 13 -20.02 -17.13 -22.88
CA THR B 13 -20.97 -16.13 -23.30
C THR B 13 -22.17 -16.12 -22.35
N ILE B 14 -22.40 -14.97 -21.72
CA ILE B 14 -23.50 -14.84 -20.78
C ILE B 14 -24.52 -13.82 -21.27
N GLU B 15 -25.75 -13.94 -20.81
CA GLU B 15 -26.82 -13.03 -21.18
C GLU B 15 -26.96 -11.92 -20.16
N CYS B 16 -26.50 -10.73 -20.52
CA CYS B 16 -26.59 -9.58 -19.65
C CYS B 16 -27.54 -8.54 -20.24
N PRO B 17 -28.60 -8.20 -19.50
CA PRO B 17 -29.58 -7.20 -19.93
C PRO B 17 -29.02 -5.78 -19.80
N ALA B 18 -29.64 -4.83 -20.49
CA ALA B 18 -29.20 -3.44 -20.45
C ALA B 18 -29.67 -2.76 -19.16
N ASP B 19 -29.41 -3.41 -18.04
CA ASP B 19 -29.81 -2.90 -16.74
C ASP B 19 -28.97 -3.55 -15.64
N THR B 20 -28.61 -4.79 -15.85
CA THR B 20 -27.81 -5.53 -14.88
C THR B 20 -26.33 -5.53 -15.31
N TYR B 21 -25.44 -5.45 -14.33
CA TYR B 21 -24.01 -5.42 -14.61
C TYR B 21 -23.51 -6.79 -15.04
N ILE B 22 -22.45 -6.80 -15.84
CA ILE B 22 -21.86 -8.02 -16.37
C ILE B 22 -21.40 -8.98 -15.27
N LEU B 23 -20.86 -8.45 -14.18
CA LEU B 23 -20.38 -9.26 -13.08
C LEU B 23 -21.48 -10.08 -12.40
N ASP B 24 -22.71 -9.61 -12.49
CA ASP B 24 -23.84 -10.30 -11.88
C ASP B 24 -24.14 -11.60 -12.61
N ALA B 25 -24.18 -11.52 -13.93
CA ALA B 25 -24.46 -12.69 -14.75
C ALA B 25 -23.25 -13.62 -14.78
N ALA B 26 -22.07 -13.04 -14.53
CA ALA B 26 -20.83 -13.80 -14.51
C ALA B 26 -20.82 -14.83 -13.40
N GLU B 27 -21.23 -14.43 -12.20
CA GLU B 27 -21.27 -15.34 -11.06
C GLU B 27 -22.35 -16.40 -11.27
N GLU B 28 -23.36 -16.05 -12.05
CA GLU B 28 -24.46 -16.96 -12.34
C GLU B 28 -23.98 -18.13 -13.20
N ALA B 29 -22.94 -17.91 -13.98
CA ALA B 29 -22.41 -18.94 -14.85
C ALA B 29 -21.12 -19.54 -14.27
N GLY B 30 -20.75 -19.09 -13.07
CA GLY B 30 -19.56 -19.60 -12.43
C GLY B 30 -18.30 -19.03 -13.03
N LEU B 31 -18.02 -17.78 -12.73
CA LEU B 31 -16.83 -17.11 -13.24
C LEU B 31 -16.07 -16.40 -12.13
N ASP B 32 -14.84 -16.01 -12.42
CA ASP B 32 -13.99 -15.33 -11.46
C ASP B 32 -14.06 -13.82 -11.65
N LEU B 33 -14.65 -13.13 -10.69
CA LEU B 33 -14.79 -11.68 -10.75
C LEU B 33 -14.88 -11.09 -9.35
N PRO B 34 -14.08 -10.04 -9.06
CA PRO B 34 -14.09 -9.38 -7.75
C PRO B 34 -15.27 -8.42 -7.58
N TYR B 35 -16.48 -8.98 -7.43
CA TYR B 35 -17.68 -8.18 -7.25
C TYR B 35 -17.75 -7.63 -5.83
N SER B 36 -17.40 -6.37 -5.66
CA SER B 36 -17.43 -5.72 -4.36
C SER B 36 -18.65 -4.80 -4.21
N CYS B 37 -18.42 -3.60 -3.69
CA CYS B 37 -19.48 -2.61 -3.47
C CYS B 37 -20.19 -2.21 -4.77
N ARG B 38 -19.41 -2.13 -5.85
CA ARG B 38 -19.94 -1.75 -7.17
C ARG B 38 -20.35 -0.29 -7.23
N ALA B 39 -19.94 0.49 -6.23
CA ALA B 39 -20.29 1.91 -6.18
C ALA B 39 -19.19 2.77 -6.78
N GLY B 40 -18.56 2.28 -7.85
CA GLY B 40 -17.50 3.01 -8.53
C GLY B 40 -16.40 3.47 -7.58
N ALA B 41 -15.98 2.59 -6.69
CA ALA B 41 -14.94 2.91 -5.74
C ALA B 41 -13.62 2.21 -6.08
N CYS B 42 -13.69 0.91 -6.34
CA CYS B 42 -12.51 0.13 -6.67
C CYS B 42 -12.18 0.18 -8.15
N SER B 43 -10.97 -0.23 -8.51
CA SER B 43 -10.55 -0.26 -9.90
C SER B 43 -10.04 -1.64 -10.27
N SER B 44 -10.20 -2.58 -9.34
CA SER B 44 -9.77 -3.95 -9.55
C SER B 44 -10.74 -4.70 -10.46
N CYS B 45 -11.97 -4.19 -10.54
CA CYS B 45 -13.00 -4.77 -11.39
C CYS B 45 -13.11 -3.98 -12.69
N ALA B 46 -11.97 -3.53 -13.20
CA ALA B 46 -11.93 -2.77 -14.43
C ALA B 46 -11.78 -3.69 -15.63
N GLY B 47 -12.90 -4.05 -16.25
CA GLY B 47 -12.88 -4.92 -17.40
C GLY B 47 -12.28 -4.26 -18.62
N LYS B 48 -11.78 -5.07 -19.54
CA LYS B 48 -11.17 -4.56 -20.76
C LYS B 48 -12.05 -4.87 -21.97
N VAL B 49 -12.31 -3.86 -22.78
CA VAL B 49 -13.13 -4.04 -23.97
C VAL B 49 -12.28 -4.54 -25.12
N ALA B 50 -12.55 -5.77 -25.54
CA ALA B 50 -11.81 -6.37 -26.65
C ALA B 50 -12.46 -5.96 -27.97
N ALA B 51 -13.79 -5.90 -27.95
CA ALA B 51 -14.58 -5.53 -29.12
C ALA B 51 -15.98 -5.15 -28.66
N GLY B 52 -16.65 -4.30 -29.44
CA GLY B 52 -17.98 -3.88 -29.09
C GLY B 52 -17.98 -2.59 -28.30
N THR B 53 -19.10 -2.28 -27.64
CA THR B 53 -19.22 -1.06 -26.85
C THR B 53 -20.03 -1.30 -25.59
N VAL B 54 -19.64 -0.65 -24.51
CA VAL B 54 -20.33 -0.76 -23.23
C VAL B 54 -20.62 0.63 -22.68
N ASP B 55 -21.69 0.77 -21.92
CA ASP B 55 -22.07 2.05 -21.35
C ASP B 55 -21.54 2.21 -19.94
N GLN B 56 -20.69 3.21 -19.75
CA GLN B 56 -20.11 3.49 -18.44
C GLN B 56 -20.70 4.77 -17.85
N SER B 57 -21.13 4.70 -16.60
CA SER B 57 -21.72 5.85 -15.95
C SER B 57 -20.67 6.67 -15.21
N ASP B 58 -19.97 6.03 -14.28
CA ASP B 58 -18.95 6.69 -13.48
C ASP B 58 -17.76 5.80 -13.25
N GLN B 59 -16.61 6.22 -13.74
CA GLN B 59 -15.38 5.45 -13.58
C GLN B 59 -14.59 5.96 -12.38
N SER B 60 -13.72 5.12 -11.85
CA SER B 60 -12.92 5.47 -10.69
C SER B 60 -11.79 6.44 -11.08
N PHE B 61 -10.57 5.93 -11.18
CA PHE B 61 -9.43 6.78 -11.52
C PHE B 61 -9.30 6.90 -13.03
N LEU B 62 -10.10 6.11 -13.74
CA LEU B 62 -10.11 6.14 -15.20
C LEU B 62 -11.03 7.25 -15.66
N ASP B 63 -11.06 7.50 -16.97
CA ASP B 63 -11.91 8.55 -17.52
C ASP B 63 -12.48 8.14 -18.87
N ASP B 64 -13.38 8.97 -19.39
CA ASP B 64 -14.05 8.73 -20.67
C ASP B 64 -13.10 8.33 -21.79
N ALA B 65 -11.91 8.93 -21.80
CA ALA B 65 -10.91 8.66 -22.83
C ALA B 65 -10.49 7.19 -22.88
N GLN B 66 -10.69 6.47 -21.77
CA GLN B 66 -10.31 5.08 -21.69
C GLN B 66 -11.37 4.15 -22.29
N MET B 67 -12.54 4.69 -22.59
CA MET B 67 -13.62 3.90 -23.18
C MET B 67 -13.18 3.31 -24.52
N GLY B 68 -12.69 4.17 -25.40
CA GLY B 68 -12.24 3.73 -26.71
C GLY B 68 -10.95 2.97 -26.62
N ASN B 69 -10.21 3.19 -25.55
CA ASN B 69 -8.93 2.51 -25.33
C ASN B 69 -9.19 1.05 -24.94
N GLY B 70 -10.39 0.81 -24.42
CA GLY B 70 -10.77 -0.52 -24.03
C GLY B 70 -10.66 -0.75 -22.53
N PHE B 71 -10.73 0.32 -21.76
CA PHE B 71 -10.64 0.23 -20.30
C PHE B 71 -11.92 0.76 -19.65
N VAL B 72 -12.71 -0.14 -19.10
CA VAL B 72 -13.96 0.25 -18.45
C VAL B 72 -14.05 -0.38 -17.05
N LEU B 73 -15.21 -0.26 -16.42
CA LEU B 73 -15.42 -0.83 -15.09
C LEU B 73 -16.65 -1.71 -15.12
N THR B 74 -16.44 -3.01 -14.92
CA THR B 74 -17.51 -3.99 -14.94
C THR B 74 -18.54 -3.76 -13.83
N CYS B 75 -18.16 -2.96 -12.85
CA CYS B 75 -19.04 -2.67 -11.73
C CYS B 75 -19.93 -1.46 -12.01
N VAL B 76 -19.56 -0.66 -13.01
CA VAL B 76 -20.35 0.54 -13.35
C VAL B 76 -20.50 0.69 -14.86
N ALA B 77 -20.55 -0.43 -15.56
CA ALA B 77 -20.70 -0.42 -17.01
C ALA B 77 -21.44 -1.66 -17.48
N TYR B 78 -22.36 -1.47 -18.40
CA TYR B 78 -23.15 -2.57 -18.94
C TYR B 78 -23.06 -2.58 -20.46
N PRO B 79 -23.11 -3.76 -21.08
CA PRO B 79 -23.02 -3.88 -22.53
C PRO B 79 -24.26 -3.32 -23.25
N THR B 80 -24.05 -2.33 -24.10
CA THR B 80 -25.14 -1.72 -24.84
C THR B 80 -25.53 -2.64 -25.99
N SER B 81 -24.63 -3.56 -26.30
CA SER B 81 -24.82 -4.54 -27.36
C SER B 81 -23.88 -5.72 -27.12
N ASP B 82 -23.97 -6.74 -27.95
CA ASP B 82 -23.10 -7.91 -27.82
C ASP B 82 -21.64 -7.52 -28.03
N CYS B 83 -20.78 -7.92 -27.10
CA CYS B 83 -19.37 -7.57 -27.18
C CYS B 83 -18.49 -8.58 -26.45
N THR B 84 -17.18 -8.29 -26.42
CA THR B 84 -16.22 -9.15 -25.74
C THR B 84 -15.50 -8.36 -24.66
N ILE B 85 -15.56 -8.84 -23.41
CA ILE B 85 -14.92 -8.14 -22.30
C ILE B 85 -13.95 -9.05 -21.56
N GLN B 86 -12.76 -8.52 -21.26
CA GLN B 86 -11.74 -9.26 -20.53
C GLN B 86 -11.88 -8.93 -19.05
N THR B 87 -11.80 -9.95 -18.20
CA THR B 87 -11.96 -9.75 -16.75
C THR B 87 -10.65 -9.47 -16.02
N HIS B 88 -9.83 -10.50 -15.86
CA HIS B 88 -8.57 -10.40 -15.14
C HIS B 88 -7.55 -9.50 -15.82
N GLN B 89 -7.47 -8.25 -15.37
CA GLN B 89 -6.53 -7.29 -15.91
C GLN B 89 -6.52 -5.99 -15.11
N GLU B 90 -5.75 -5.94 -14.04
CA GLU B 90 -5.67 -4.75 -13.21
C GLU B 90 -4.35 -4.01 -13.44
N GLU B 91 -3.63 -4.43 -14.48
CA GLU B 91 -2.35 -3.83 -14.83
C GLU B 91 -2.50 -2.82 -15.98
N ALA B 92 -3.35 -3.17 -16.94
CA ALA B 92 -3.59 -2.32 -18.11
C ALA B 92 -4.44 -1.09 -17.74
N LEU B 93 -3.82 -0.16 -17.04
CA LEU B 93 -4.47 1.08 -16.63
C LEU B 93 -3.42 2.03 -16.03
N TYR B 94 -2.16 1.80 -16.38
CA TYR B 94 -1.06 2.62 -15.88
C TYR B 94 -0.22 3.10 -17.06
N LEU A 10 10.06 -11.74 -21.31
CA LEU A 10 10.16 -12.33 -19.96
C LEU A 10 9.26 -11.58 -18.98
N SER A 11 8.38 -12.30 -18.31
CA SER A 11 7.48 -11.69 -17.35
C SER A 11 8.23 -11.31 -16.08
N HIS A 12 7.59 -10.53 -15.22
CA HIS A 12 8.21 -10.07 -13.97
C HIS A 12 8.68 -11.25 -13.13
N VAL A 13 7.89 -12.32 -13.12
CA VAL A 13 8.22 -13.52 -12.34
C VAL A 13 9.39 -14.28 -12.97
N GLN A 14 9.31 -14.54 -14.27
CA GLN A 14 10.35 -15.27 -14.98
C GLN A 14 11.68 -14.53 -14.95
N GLN A 15 11.62 -13.20 -14.83
CA GLN A 15 12.82 -12.37 -14.76
C GLN A 15 13.60 -12.64 -13.49
N ALA A 16 12.97 -13.33 -12.54
CA ALA A 16 13.61 -13.68 -11.28
C ALA A 16 13.95 -15.16 -11.24
N LEU A 17 13.11 -15.97 -11.89
CA LEU A 17 13.31 -17.42 -11.92
C LEU A 17 14.63 -17.80 -12.57
N ALA A 18 15.06 -17.01 -13.55
CA ALA A 18 16.31 -17.26 -14.25
C ALA A 18 17.50 -17.26 -13.28
N GLU A 19 17.48 -16.34 -12.33
CA GLU A 19 18.56 -16.24 -11.35
C GLU A 19 18.43 -17.35 -10.30
N LEU A 20 17.20 -17.64 -9.92
CA LEU A 20 16.93 -18.68 -8.92
C LEU A 20 17.34 -20.06 -9.41
N ALA A 21 17.20 -20.27 -10.72
CA ALA A 21 17.56 -21.55 -11.32
C ALA A 21 19.06 -21.81 -11.24
N LYS A 22 19.83 -20.73 -11.21
CA LYS A 22 21.28 -20.83 -11.13
C LYS A 22 21.73 -21.23 -9.73
N PRO A 23 22.56 -22.28 -9.64
CA PRO A 23 23.07 -22.78 -8.36
C PRO A 23 23.97 -21.75 -7.66
N LYS A 24 24.10 -21.89 -6.36
CA LYS A 24 24.93 -20.97 -5.57
C LYS A 24 26.41 -21.01 -5.99
N ASP A 25 26.82 -22.10 -6.64
CA ASP A 25 28.20 -22.25 -7.08
C ASP A 25 28.38 -21.86 -8.54
N ASP A 26 27.39 -21.18 -9.10
CA ASP A 26 27.45 -20.74 -10.49
C ASP A 26 27.99 -19.32 -10.57
N PRO A 27 28.98 -19.09 -11.44
CA PRO A 27 29.59 -17.76 -11.62
C PRO A 27 28.60 -16.68 -12.07
N THR A 28 27.50 -17.10 -12.69
CA THR A 28 26.50 -16.15 -13.17
C THR A 28 25.39 -15.94 -12.14
N ARG A 29 25.54 -16.58 -10.98
CA ARG A 29 24.55 -16.47 -9.92
C ARG A 29 24.83 -15.28 -9.02
N LYS A 30 23.82 -14.46 -8.80
CA LYS A 30 23.93 -13.29 -7.94
C LYS A 30 23.13 -13.51 -6.67
N HIS A 31 23.07 -12.49 -5.82
CA HIS A 31 22.31 -12.59 -4.58
C HIS A 31 20.87 -12.17 -4.81
N VAL A 32 19.95 -13.11 -4.74
CA VAL A 32 18.55 -12.84 -4.96
C VAL A 32 17.80 -12.73 -3.63
N CYS A 33 17.55 -11.50 -3.21
CA CYS A 33 16.84 -11.24 -1.97
C CYS A 33 15.37 -11.02 -2.25
N VAL A 34 14.51 -11.54 -1.39
CA VAL A 34 13.07 -11.40 -1.56
C VAL A 34 12.42 -10.83 -0.31
N GLN A 35 11.40 -10.01 -0.52
CA GLN A 35 10.66 -9.40 0.58
C GLN A 35 9.17 -9.65 0.40
N VAL A 36 8.51 -10.15 1.42
CA VAL A 36 7.09 -10.46 1.34
C VAL A 36 6.29 -9.54 2.27
N ALA A 37 5.06 -9.27 1.89
CA ALA A 37 4.18 -8.43 2.68
C ALA A 37 3.22 -9.30 3.48
N PRO A 38 2.94 -8.91 4.74
CA PRO A 38 2.02 -9.65 5.62
C PRO A 38 0.66 -9.91 4.97
N ALA A 39 0.23 -8.97 4.13
CA ALA A 39 -1.04 -9.07 3.44
C ALA A 39 -1.07 -10.24 2.46
N VAL A 40 0.11 -10.67 2.04
CA VAL A 40 0.24 -11.79 1.12
C VAL A 40 0.33 -13.10 1.90
N ARG A 41 1.04 -13.04 3.01
CA ARG A 41 1.25 -14.21 3.87
C ARG A 41 -0.08 -14.80 4.36
N VAL A 42 -1.09 -13.98 4.50
CA VAL A 42 -2.38 -14.44 4.97
C VAL A 42 -3.24 -15.03 3.85
N ALA A 43 -3.17 -14.46 2.66
CA ALA A 43 -3.97 -14.91 1.53
C ALA A 43 -3.29 -16.01 0.72
N ILE A 44 -2.00 -16.21 0.93
CA ILE A 44 -1.24 -17.23 0.21
C ILE A 44 -1.82 -18.64 0.41
N ALA A 45 -2.49 -18.84 1.55
CA ALA A 45 -3.08 -20.14 1.86
C ALA A 45 -4.26 -20.45 0.94
N GLU A 46 -4.92 -19.42 0.44
CA GLU A 46 -6.06 -19.59 -0.44
C GLU A 46 -5.64 -20.17 -1.80
N THR A 47 -4.41 -19.87 -2.21
CA THR A 47 -3.87 -20.37 -3.47
C THR A 47 -3.68 -21.88 -3.41
N LEU A 48 -3.67 -22.42 -2.19
CA LEU A 48 -3.51 -23.85 -1.98
C LEU A 48 -4.87 -24.50 -1.72
N GLY A 49 -5.87 -23.66 -1.50
CA GLY A 49 -7.21 -24.14 -1.23
C GLY A 49 -7.49 -24.24 0.26
N LEU A 50 -6.80 -23.42 1.04
CA LEU A 50 -6.98 -23.42 2.49
C LEU A 50 -7.63 -22.11 2.93
N ALA A 51 -7.76 -21.95 4.25
CA ALA A 51 -8.36 -20.75 4.80
C ALA A 51 -7.29 -19.68 5.05
N PRO A 52 -7.65 -18.39 4.94
CA PRO A 52 -6.72 -17.28 5.16
C PRO A 52 -6.12 -17.33 6.56
N GLY A 53 -4.80 -17.49 6.62
CA GLY A 53 -4.11 -17.53 7.89
C GLY A 53 -3.71 -18.94 8.31
N ALA A 54 -3.96 -19.91 7.43
CA ALA A 54 -3.61 -21.30 7.71
C ALA A 54 -2.09 -21.51 7.66
N THR A 55 -1.42 -20.73 6.83
CA THR A 55 0.02 -20.82 6.68
C THR A 55 0.71 -19.83 7.60
N THR A 56 1.64 -20.31 8.42
CA THR A 56 2.36 -19.45 9.34
C THR A 56 3.49 -18.70 8.64
N PRO A 57 3.90 -17.54 9.20
CA PRO A 57 4.97 -16.72 8.63
C PRO A 57 6.27 -17.49 8.41
N LYS A 58 6.64 -18.33 9.37
CA LYS A 58 7.87 -19.11 9.28
C LYS A 58 7.80 -20.15 8.15
N GLN A 59 6.61 -20.69 7.92
CA GLN A 59 6.41 -21.68 6.87
C GLN A 59 6.61 -21.05 5.50
N LEU A 60 6.15 -19.81 5.36
CA LEU A 60 6.28 -19.08 4.11
C LEU A 60 7.76 -18.85 3.80
N ALA A 61 8.50 -18.39 4.81
CA ALA A 61 9.93 -18.12 4.65
C ALA A 61 10.68 -19.38 4.27
N GLU A 62 10.28 -20.51 4.86
CA GLU A 62 10.89 -21.79 4.57
C GLU A 62 10.72 -22.16 3.10
N GLY A 63 9.49 -22.00 2.61
CA GLY A 63 9.19 -22.30 1.22
C GLY A 63 9.92 -21.38 0.27
N LEU A 64 10.01 -20.10 0.62
CA LEU A 64 10.69 -19.11 -0.20
C LEU A 64 12.16 -19.43 -0.35
N ARG A 65 12.80 -19.81 0.75
CA ARG A 65 14.21 -20.14 0.74
C ARG A 65 14.45 -21.40 -0.10
N ARG A 66 13.45 -22.25 -0.18
CA ARG A 66 13.53 -23.49 -0.95
C ARG A 66 13.39 -23.22 -2.44
N LEU A 67 12.98 -22.01 -2.79
CA LEU A 67 12.83 -21.63 -4.19
C LEU A 67 14.19 -21.26 -4.76
N GLY A 68 15.15 -21.05 -3.86
CA GLY A 68 16.49 -20.69 -4.28
C GLY A 68 16.84 -19.28 -3.88
N PHE A 69 15.97 -18.64 -3.10
CA PHE A 69 16.21 -17.28 -2.65
C PHE A 69 17.36 -17.21 -1.64
N ASP A 70 18.12 -16.13 -1.69
CA ASP A 70 19.25 -15.95 -0.80
C ASP A 70 18.79 -15.45 0.57
N GLU A 71 18.24 -14.24 0.60
CA GLU A 71 17.77 -13.64 1.83
C GLU A 71 16.27 -13.36 1.74
N VAL A 72 15.56 -13.69 2.81
CA VAL A 72 14.12 -13.49 2.86
C VAL A 72 13.77 -12.43 3.91
N PHE A 73 13.31 -11.28 3.45
CA PHE A 73 12.95 -10.18 4.34
C PHE A 73 11.44 -9.96 4.35
N ASP A 74 10.95 -9.26 5.36
CA ASP A 74 9.53 -8.95 5.47
C ASP A 74 9.32 -7.46 5.26
N THR A 75 8.20 -7.09 4.67
CA THR A 75 7.88 -5.69 4.39
C THR A 75 7.69 -4.89 5.69
N LEU A 76 7.43 -5.60 6.79
CA LEU A 76 7.23 -4.96 8.08
C LEU A 76 8.45 -4.13 8.49
N PHE A 77 9.64 -4.61 8.16
CA PHE A 77 10.86 -3.89 8.48
C PHE A 77 10.94 -2.60 7.67
N GLY A 78 10.50 -2.68 6.42
CA GLY A 78 10.50 -1.52 5.56
C GLY A 78 9.45 -0.52 6.01
N ALA A 79 8.32 -1.04 6.47
CA ALA A 79 7.23 -0.22 6.95
C ALA A 79 7.65 0.54 8.20
N ASP A 80 8.46 -0.11 9.03
CA ASP A 80 8.96 0.49 10.26
C ASP A 80 9.74 1.76 9.93
N LEU A 81 10.46 1.72 8.81
CA LEU A 81 11.24 2.86 8.35
C LEU A 81 10.30 3.93 7.82
N THR A 82 9.27 3.50 7.10
CA THR A 82 8.29 4.42 6.53
C THR A 82 7.57 5.18 7.64
N ILE A 83 7.19 4.45 8.69
CA ILE A 83 6.49 5.05 9.82
C ILE A 83 7.34 6.15 10.46
N MET A 84 8.64 5.91 10.56
CA MET A 84 9.57 6.86 11.14
C MET A 84 9.60 8.16 10.34
N GLU A 85 9.84 8.03 9.04
CA GLU A 85 9.91 9.19 8.17
C GLU A 85 8.55 9.87 8.02
N GLU A 86 7.49 9.07 7.92
CA GLU A 86 6.14 9.59 7.79
C GLU A 86 5.76 10.42 9.00
N GLY A 87 6.05 9.89 10.19
CA GLY A 87 5.75 10.60 11.41
C GLY A 87 6.53 11.90 11.49
N SER A 88 7.74 11.87 10.96
CA SER A 88 8.60 13.04 10.95
C SER A 88 8.07 14.08 9.96
N GLU A 89 7.64 13.62 8.80
CA GLU A 89 7.08 14.51 7.77
C GLU A 89 5.84 15.20 8.31
N LEU A 90 4.95 14.41 8.92
CA LEU A 90 3.73 14.94 9.49
C LEU A 90 4.02 15.97 10.58
N LEU A 91 4.88 15.59 11.54
CA LEU A 91 5.25 16.49 12.62
C LEU A 91 5.91 17.75 12.06
N HIS A 92 6.70 17.56 11.02
CA HIS A 92 7.39 18.66 10.36
C HIS A 92 6.37 19.64 9.76
N ARG A 93 5.44 19.12 8.98
CA ARG A 93 4.41 19.94 8.34
C ARG A 93 3.54 20.64 9.38
N LEU A 94 3.33 19.97 10.50
CA LEU A 94 2.54 20.54 11.59
C LEU A 94 3.29 21.67 12.27
N THR A 95 4.54 21.41 12.64
CA THR A 95 5.38 22.39 13.32
C THR A 95 5.55 23.66 12.47
N GLU A 96 5.82 23.48 11.19
CA GLU A 96 5.99 24.62 10.27
C GLU A 96 4.75 25.51 10.28
N HIS A 97 3.58 24.87 10.37
CA HIS A 97 2.32 25.60 10.37
C HIS A 97 2.05 26.25 11.72
N LEU A 98 2.58 25.64 12.78
CA LEU A 98 2.41 26.18 14.13
C LEU A 98 3.22 27.47 14.24
N GLU A 99 4.40 27.45 13.63
CA GLU A 99 5.29 28.61 13.64
C GLU A 99 4.72 29.70 12.73
N ALA A 100 4.19 29.27 11.59
CA ALA A 100 3.60 30.18 10.61
C ALA A 100 4.59 31.24 10.14
N GLU A 106 6.08 22.34 2.25
CA GLU A 106 5.19 21.24 2.66
C GLU A 106 3.93 21.77 3.31
N PRO A 107 2.85 21.93 2.53
CA PRO A 107 1.58 22.44 3.02
C PRO A 107 0.65 21.34 3.53
N LEU A 108 -0.56 21.74 3.89
CA LEU A 108 -1.58 20.83 4.40
C LEU A 108 -2.87 21.10 3.62
N PRO A 109 -3.82 20.14 3.56
CA PRO A 109 -3.71 18.82 4.22
C PRO A 109 -2.59 17.95 3.66
N MET A 110 -2.29 16.88 4.39
CA MET A 110 -1.22 15.97 4.00
C MET A 110 -1.81 14.62 3.59
N PHE A 111 -1.36 14.13 2.45
CA PHE A 111 -1.82 12.84 1.93
C PHE A 111 -0.68 11.83 1.98
N THR A 112 -0.98 10.60 2.35
CA THR A 112 0.04 9.55 2.43
C THR A 112 0.38 9.04 1.02
N SER A 113 1.61 8.56 0.85
CA SER A 113 2.06 8.06 -0.44
C SER A 113 2.28 6.54 -0.40
N CYS A 114 1.49 5.84 0.39
CA CYS A 114 1.64 4.40 0.52
C CYS A 114 0.75 3.63 -0.45
N CYS A 115 0.26 4.29 -1.50
CA CYS A 115 -0.61 3.62 -2.47
C CYS A 115 -0.24 4.00 -3.91
N PRO A 116 0.11 2.99 -4.72
CA PRO A 116 0.49 3.19 -6.13
C PRO A 116 -0.64 3.79 -6.96
N GLY A 117 -1.85 3.32 -6.71
CA GLY A 117 -3.01 3.82 -7.43
C GLY A 117 -3.22 5.30 -7.21
N TRP A 118 -3.02 5.73 -5.98
CA TRP A 118 -3.17 7.13 -5.62
C TRP A 118 -2.12 7.97 -6.32
N ILE A 119 -0.87 7.53 -6.24
CA ILE A 119 0.24 8.24 -6.88
C ILE A 119 0.01 8.37 -8.38
N ALA A 120 -0.44 7.29 -9.00
CA ALA A 120 -0.71 7.27 -10.44
C ALA A 120 -1.80 8.28 -10.82
N MET A 121 -2.89 8.27 -10.06
CA MET A 121 -4.00 9.18 -10.32
C MET A 121 -3.60 10.61 -10.00
N LEU A 122 -2.72 10.75 -9.02
CA LEU A 122 -2.23 12.06 -8.60
C LEU A 122 -1.38 12.71 -9.69
N GLU A 123 -0.31 12.02 -10.07
CA GLU A 123 0.61 12.54 -11.09
C GLU A 123 -0.06 12.83 -12.42
N LYS A 124 -1.23 12.22 -12.66
CA LYS A 124 -1.92 12.40 -13.91
C LYS A 124 -3.13 13.35 -13.81
N SER A 125 -4.07 13.03 -12.94
CA SER A 125 -5.28 13.82 -12.81
C SER A 125 -5.18 14.99 -11.83
N TYR A 126 -4.34 14.87 -10.81
CA TYR A 126 -4.21 15.93 -9.81
C TYR A 126 -2.76 16.38 -9.61
N PRO A 127 -2.15 17.00 -10.64
CA PRO A 127 -0.75 17.46 -10.55
C PRO A 127 -0.63 18.68 -9.63
N ASP A 128 -1.78 19.25 -9.28
CA ASP A 128 -1.82 20.43 -8.42
C ASP A 128 -1.88 20.03 -6.95
N LEU A 129 -2.15 18.76 -6.68
CA LEU A 129 -2.25 18.28 -5.32
C LEU A 129 -0.99 17.53 -4.89
N ILE A 130 0.00 17.49 -5.77
CA ILE A 130 1.26 16.80 -5.49
C ILE A 130 1.95 17.27 -4.19
N PRO A 131 2.16 18.60 -4.01
CA PRO A 131 2.81 19.13 -2.80
C PRO A 131 2.09 18.75 -1.50
N TYR A 132 0.82 18.40 -1.61
CA TYR A 132 0.03 18.03 -0.43
C TYR A 132 0.32 16.59 -0.01
N VAL A 133 0.91 15.83 -0.91
CA VAL A 133 1.25 14.44 -0.65
C VAL A 133 2.63 14.36 0.00
N SER A 134 2.83 13.32 0.80
CA SER A 134 4.09 13.09 1.48
C SER A 134 5.20 12.80 0.48
N SER A 135 6.44 12.99 0.93
CA SER A 135 7.60 12.74 0.09
C SER A 135 8.21 11.39 0.43
N CYS A 136 7.59 10.68 1.37
CA CYS A 136 8.07 9.37 1.78
C CYS A 136 7.75 8.30 0.74
N LYS A 137 8.71 7.41 0.52
CA LYS A 137 8.54 6.33 -0.43
C LYS A 137 7.75 5.18 0.20
N SER A 138 7.34 4.24 -0.64
CA SER A 138 6.58 3.09 -0.18
C SER A 138 7.47 2.18 0.69
N PRO A 139 6.88 1.47 1.68
CA PRO A 139 7.60 0.58 2.58
C PRO A 139 8.57 -0.38 1.85
N GLN A 140 8.05 -1.07 0.84
CA GLN A 140 8.88 -2.02 0.08
C GLN A 140 9.99 -1.31 -0.70
N MET A 141 9.71 -0.10 -1.17
CA MET A 141 10.69 0.68 -1.92
C MET A 141 11.77 1.23 -0.99
N MET A 142 11.43 1.37 0.28
CA MET A 142 12.37 1.84 1.28
C MET A 142 13.34 0.73 1.61
N LEU A 143 12.80 -0.46 1.87
CA LEU A 143 13.60 -1.62 2.20
C LEU A 143 14.50 -2.01 1.04
N ALA A 144 13.96 -1.96 -0.17
CA ALA A 144 14.71 -2.30 -1.38
C ALA A 144 15.92 -1.39 -1.55
N ALA A 145 15.75 -0.12 -1.23
CA ALA A 145 16.83 0.85 -1.35
C ALA A 145 17.84 0.67 -0.23
N MET A 146 17.33 0.34 0.96
CA MET A 146 18.16 0.14 2.14
C MET A 146 19.07 -1.08 2.00
N VAL A 147 18.54 -2.17 1.48
CA VAL A 147 19.32 -3.39 1.31
C VAL A 147 20.39 -3.25 0.23
N LYS A 148 20.12 -2.42 -0.77
CA LYS A 148 21.08 -2.23 -1.85
C LYS A 148 22.12 -1.16 -1.52
N SER A 149 22.04 -0.61 -0.32
CA SER A 149 22.99 0.41 0.11
C SER A 149 23.69 -0.01 1.39
N TYR A 150 22.98 0.08 2.51
CA TYR A 150 23.55 -0.30 3.81
C TYR A 150 23.93 -1.76 3.86
N LEU A 151 22.99 -2.63 3.51
CA LEU A 151 23.24 -4.07 3.52
C LEU A 151 24.36 -4.43 2.56
N ALA A 152 24.37 -3.81 1.39
CA ALA A 152 25.40 -4.08 0.39
C ALA A 152 26.79 -3.74 0.94
N GLU A 153 26.91 -2.55 1.52
CA GLU A 153 28.18 -2.10 2.08
C GLU A 153 28.58 -2.93 3.30
N LYS A 154 27.59 -3.37 4.07
CA LYS A 154 27.86 -4.16 5.26
C LYS A 154 28.22 -5.60 4.91
N LYS A 155 27.59 -6.14 3.88
CA LYS A 155 27.85 -7.51 3.46
C LYS A 155 29.12 -7.59 2.61
N GLY A 156 29.52 -6.44 2.05
CA GLY A 156 30.72 -6.39 1.25
C GLY A 156 30.48 -6.75 -0.21
N ILE A 157 29.21 -6.77 -0.60
CA ILE A 157 28.85 -7.10 -1.97
C ILE A 157 28.50 -5.85 -2.77
N ALA A 158 28.38 -6.00 -4.08
CA ALA A 158 28.04 -4.89 -4.95
C ALA A 158 26.56 -4.93 -5.31
N PRO A 159 25.90 -3.77 -5.40
CA PRO A 159 24.48 -3.67 -5.73
C PRO A 159 24.13 -4.29 -7.08
N LYS A 160 25.14 -4.44 -7.93
CA LYS A 160 24.95 -5.02 -9.26
C LYS A 160 24.83 -6.54 -9.17
N ASP A 161 25.30 -7.08 -8.06
CA ASP A 161 25.26 -8.52 -7.83
C ASP A 161 24.09 -8.86 -6.91
N MET A 162 23.15 -7.92 -6.80
CA MET A 162 22.00 -8.10 -5.93
C MET A 162 20.70 -7.91 -6.70
N VAL A 163 19.86 -8.94 -6.65
CA VAL A 163 18.57 -8.90 -7.31
C VAL A 163 17.48 -8.85 -6.23
N MET A 164 16.67 -7.81 -6.24
CA MET A 164 15.63 -7.66 -5.24
C MET A 164 14.24 -7.98 -5.80
N VAL A 165 13.57 -8.92 -5.17
CA VAL A 165 12.24 -9.33 -5.57
C VAL A 165 11.26 -9.05 -4.43
N SER A 166 10.11 -8.50 -4.75
CA SER A 166 9.11 -8.20 -3.75
C SER A 166 7.79 -8.87 -4.05
N ILE A 167 7.15 -9.40 -3.02
CA ILE A 167 5.85 -10.05 -3.17
C ILE A 167 4.75 -9.09 -2.72
N MET A 168 4.08 -8.49 -3.68
CA MET A 168 3.03 -7.52 -3.39
C MET A 168 1.66 -8.03 -3.83
N PRO A 169 0.59 -7.61 -3.15
CA PRO A 169 -0.78 -8.04 -3.46
C PRO A 169 -1.40 -7.24 -4.61
N CYS A 170 -0.57 -6.56 -5.39
CA CYS A 170 -1.04 -5.75 -6.51
C CYS A 170 0.02 -5.72 -7.60
N THR A 171 -0.38 -6.02 -8.83
CA THR A 171 0.54 -6.06 -9.97
C THR A 171 1.08 -4.67 -10.31
N ARG A 172 0.27 -3.64 -10.05
CA ARG A 172 0.66 -2.25 -10.34
C ARG A 172 1.86 -1.79 -9.52
N LYS A 173 2.27 -2.59 -8.54
CA LYS A 173 3.40 -2.25 -7.71
C LYS A 173 4.70 -2.26 -8.52
N GLN A 174 4.72 -3.09 -9.56
CA GLN A 174 5.90 -3.18 -10.42
C GLN A 174 6.08 -1.89 -11.20
N SER A 175 4.97 -1.29 -11.60
CA SER A 175 4.98 -0.04 -12.35
C SER A 175 5.40 1.12 -11.46
N GLU A 176 5.04 1.04 -10.18
CA GLU A 176 5.36 2.08 -9.22
C GLU A 176 6.86 2.08 -8.91
N ALA A 177 7.41 0.88 -8.77
CA ALA A 177 8.83 0.71 -8.46
C ALA A 177 9.74 0.98 -9.66
N ASP A 178 9.24 0.72 -10.86
CA ASP A 178 10.04 0.92 -12.06
C ASP A 178 10.06 2.38 -12.51
N ARG A 179 10.76 3.21 -11.74
CA ARG A 179 10.90 4.62 -12.06
C ARG A 179 12.35 4.97 -12.37
N ASP A 180 12.54 5.93 -13.26
CA ASP A 180 13.88 6.37 -13.68
C ASP A 180 14.84 6.64 -12.53
N TRP A 181 14.50 7.62 -11.70
CA TRP A 181 15.34 8.02 -10.58
C TRP A 181 15.47 6.97 -9.47
N PHE A 182 14.78 5.85 -9.62
CA PHE A 182 14.85 4.79 -8.62
C PHE A 182 16.08 3.92 -8.81
N CYS A 183 17.25 4.54 -8.67
CA CYS A 183 18.51 3.84 -8.81
C CYS A 183 19.25 3.80 -7.48
N VAL A 184 20.30 3.00 -7.41
CA VAL A 184 21.10 2.89 -6.19
C VAL A 184 22.07 4.07 -6.10
N ASP A 185 21.57 5.19 -5.58
CA ASP A 185 22.36 6.41 -5.41
C ASP A 185 22.95 6.89 -6.74
N THR A 189 20.62 -0.75 -15.52
CA THR A 189 21.08 0.23 -14.52
C THR A 189 20.84 -0.31 -13.11
C LEU A 190 20.01 0.19 -10.19
N ARG A 191 19.04 -0.70 -10.28
CA ARG A 191 17.70 -0.42 -9.78
C ARG A 191 17.58 -0.80 -8.31
N GLN A 192 16.80 -0.02 -7.56
CA GLN A 192 16.60 -0.28 -6.13
C GLN A 192 15.81 -1.58 -5.97
N LEU A 193 14.82 -1.75 -6.82
CA LEU A 193 13.99 -2.94 -6.82
C LEU A 193 14.02 -3.51 -8.22
N ASP A 194 14.13 -4.82 -8.35
CA ASP A 194 14.21 -5.44 -9.65
C ASP A 194 12.90 -6.02 -10.14
N HIS A 195 12.31 -6.94 -9.37
CA HIS A 195 11.07 -7.58 -9.81
C HIS A 195 10.03 -7.65 -8.70
N VAL A 196 8.77 -7.68 -9.11
CA VAL A 196 7.64 -7.77 -8.20
C VAL A 196 6.75 -8.94 -8.61
N ILE A 197 6.39 -9.77 -7.63
CA ILE A 197 5.54 -10.94 -7.88
C ILE A 197 4.30 -10.84 -7.01
N THR A 198 3.14 -11.20 -7.55
CA THR A 198 1.90 -11.14 -6.79
C THR A 198 1.58 -12.47 -6.10
N THR A 199 0.63 -12.44 -5.18
CA THR A 199 0.22 -13.62 -4.42
C THR A 199 -0.13 -14.80 -5.34
N VAL A 200 -1.01 -14.56 -6.31
CA VAL A 200 -1.43 -15.60 -7.24
C VAL A 200 -0.25 -16.20 -8.01
N GLU A 201 0.73 -15.37 -8.34
CA GLU A 201 1.89 -15.83 -9.08
C GLU A 201 2.81 -16.65 -8.19
N LEU A 202 3.06 -16.15 -6.98
CA LEU A 202 3.92 -16.84 -6.03
C LEU A 202 3.34 -18.20 -5.66
N GLY A 203 2.04 -18.22 -5.37
CA GLY A 203 1.37 -19.46 -5.01
C GLY A 203 1.41 -20.46 -6.13
N ASN A 204 1.40 -19.96 -7.36
CA ASN A 204 1.45 -20.83 -8.53
C ASN A 204 2.80 -21.52 -8.61
N ILE A 205 3.86 -20.76 -8.34
CA ILE A 205 5.22 -21.30 -8.37
C ILE A 205 5.36 -22.47 -7.39
N PHE A 206 4.78 -22.30 -6.21
CA PHE A 206 4.82 -23.35 -5.19
C PHE A 206 4.10 -24.59 -5.68
N LYS A 207 2.92 -24.40 -6.29
CA LYS A 207 2.12 -25.51 -6.79
C LYS A 207 2.80 -26.20 -7.97
N GLU A 208 3.33 -25.40 -8.90
CA GLU A 208 4.01 -25.95 -10.08
C GLU A 208 5.28 -26.71 -9.69
N ARG A 209 5.84 -26.37 -8.54
CA ARG A 209 7.04 -27.01 -8.04
C ARG A 209 6.70 -28.17 -7.11
N GLY A 210 5.41 -28.35 -6.84
CA GLY A 210 4.99 -29.40 -5.95
C GLY A 210 5.40 -29.16 -4.51
N ILE A 211 5.32 -27.90 -4.09
CA ILE A 211 5.70 -27.52 -2.73
C ILE A 211 4.49 -26.99 -1.97
N ASN A 212 4.03 -27.76 -0.99
CA ASN A 212 2.88 -27.35 -0.19
C ASN A 212 3.36 -26.71 1.11
N LEU A 213 3.09 -25.41 1.24
CA LEU A 213 3.50 -24.64 2.42
C LEU A 213 2.92 -25.21 3.70
N ALA A 214 1.75 -25.84 3.60
CA ALA A 214 1.09 -26.41 4.77
C ALA A 214 1.84 -27.64 5.30
N GLU A 215 2.69 -28.21 4.46
CA GLU A 215 3.46 -29.39 4.85
C GLU A 215 4.95 -29.05 4.99
N LEU A 216 5.24 -27.77 5.15
CA LEU A 216 6.61 -27.32 5.30
C LEU A 216 6.89 -26.97 6.77
N PRO A 217 8.15 -27.12 7.19
CA PRO A 217 8.55 -26.81 8.56
C PRO A 217 8.61 -25.30 8.81
N GLU A 218 8.80 -24.92 10.06
CA GLU A 218 8.88 -23.52 10.42
C GLU A 218 10.29 -22.99 10.18
N GLY A 219 10.46 -22.26 9.09
CA GLY A 219 11.76 -21.70 8.76
C GLY A 219 12.00 -20.39 9.48
N GLU A 220 12.85 -19.54 8.91
CA GLU A 220 13.16 -18.26 9.50
C GLU A 220 13.48 -17.22 8.43
N TRP A 221 13.31 -15.96 8.78
CA TRP A 221 13.56 -14.86 7.87
C TRP A 221 15.00 -14.36 8.02
N ASP A 222 15.33 -13.28 7.33
CA ASP A 222 16.65 -12.69 7.39
C ASP A 222 16.56 -11.28 7.94
N ASN A 223 17.59 -10.87 8.65
CA ASN A 223 17.63 -9.52 9.23
C ASN A 223 18.34 -8.57 8.28
N PRO A 224 17.64 -7.51 7.82
CA PRO A 224 18.20 -6.51 6.91
C PRO A 224 19.37 -5.75 7.53
N MET A 225 19.52 -5.85 8.84
CA MET A 225 20.61 -5.18 9.54
C MET A 225 21.92 -5.93 9.40
N GLY A 226 21.88 -7.04 8.67
CA GLY A 226 23.06 -7.83 8.45
C GLY A 226 23.10 -9.08 9.29
N VAL A 227 23.29 -8.90 10.60
CA VAL A 227 23.36 -10.03 11.51
C VAL A 227 22.19 -10.04 12.47
N GLY A 228 22.05 -11.15 13.20
CA GLY A 228 20.96 -11.28 14.14
C GLY A 228 19.89 -12.21 13.62
N SER A 229 19.39 -13.09 14.48
CA SER A 229 18.35 -14.03 14.09
C SER A 229 17.00 -13.34 14.11
N GLY A 230 16.24 -13.49 13.03
CA GLY A 230 14.94 -12.88 12.94
C GLY A 230 14.85 -11.92 11.78
N ALA A 231 13.71 -11.30 11.59
CA ALA A 231 13.51 -10.36 10.49
C ALA A 231 13.74 -8.93 10.94
N GLY A 232 14.04 -8.75 12.22
CA GLY A 232 14.27 -7.43 12.76
C GLY A 232 13.00 -6.76 13.22
N VAL A 233 11.90 -7.48 13.14
CA VAL A 233 10.61 -6.96 13.55
C VAL A 233 10.18 -7.57 14.87
N LEU A 234 10.01 -6.72 15.87
CA LEU A 234 9.61 -7.17 17.19
C LEU A 234 8.13 -7.52 17.21
N PHE A 235 7.76 -8.46 18.07
CA PHE A 235 6.37 -8.88 18.18
C PHE A 235 5.50 -7.77 18.74
N GLY A 236 4.71 -7.17 17.86
CA GLY A 236 3.83 -6.10 18.26
C GLY A 236 3.30 -5.35 17.05
N THR A 237 2.00 -5.21 16.96
CA THR A 237 1.37 -4.53 15.85
C THR A 237 1.53 -3.02 15.95
N THR A 238 1.63 -2.37 14.79
CA THR A 238 1.77 -0.93 14.73
C THR A 238 0.41 -0.29 14.46
N GLY A 239 -0.57 -1.15 14.16
CA GLY A 239 -1.91 -0.68 13.89
C GLY A 239 -2.13 -0.35 12.42
N GLY A 240 -1.08 0.10 11.76
CA GLY A 240 -1.15 0.45 10.36
C GLY A 240 -0.14 1.53 10.04
N VAL A 241 0.06 1.82 8.76
CA VAL A 241 1.02 2.84 8.36
C VAL A 241 0.57 4.21 8.84
N MET A 242 -0.64 4.59 8.45
CA MET A 242 -1.22 5.88 8.83
C MET A 242 -1.31 6.02 10.34
N GLU A 243 -1.84 5.00 11.00
CA GLU A 243 -2.01 5.02 12.45
C GLU A 243 -0.68 5.15 13.18
N ALA A 244 0.31 4.37 12.77
CA ALA A 244 1.61 4.42 13.41
C ALA A 244 2.30 5.76 13.19
N ALA A 245 2.09 6.33 12.00
CA ALA A 245 2.66 7.63 11.66
C ALA A 245 2.04 8.71 12.52
N LEU A 246 0.71 8.69 12.61
CA LEU A 246 -0.03 9.64 13.42
C LEU A 246 0.35 9.49 14.88
N ARG A 247 0.45 8.24 15.32
CA ARG A 247 0.81 7.92 16.71
C ARG A 247 2.17 8.51 17.06
N THR A 248 3.16 8.28 16.19
CA THR A 248 4.51 8.78 16.42
C THR A 248 4.51 10.30 16.64
N ALA A 249 3.76 11.02 15.83
CA ALA A 249 3.69 12.47 15.95
C ALA A 249 2.87 12.89 17.17
N TYR A 250 1.74 12.22 17.37
CA TYR A 250 0.86 12.52 18.49
C TYR A 250 1.53 12.29 19.83
N GLU A 251 2.20 11.15 19.96
CA GLU A 251 2.87 10.78 21.21
C GLU A 251 4.01 11.73 21.55
N LEU A 252 4.57 12.41 20.55
CA LEU A 252 5.65 13.35 20.77
C LEU A 252 5.10 14.75 21.03
N PHE A 253 4.00 15.07 20.36
CA PHE A 253 3.35 16.36 20.50
C PHE A 253 2.64 16.49 21.85
N THR A 254 1.95 15.44 22.25
CA THR A 254 1.19 15.45 23.50
C THR A 254 1.98 14.82 24.64
N GLY A 255 2.79 13.82 24.32
CA GLY A 255 3.54 13.13 25.35
C GLY A 255 2.72 12.04 25.99
N THR A 256 1.56 11.76 25.39
CA THR A 256 0.66 10.74 25.90
C THR A 256 0.57 9.57 24.92
N PRO A 257 0.40 8.35 25.43
CA PRO A 257 0.29 7.15 24.60
C PRO A 257 -1.03 7.11 23.83
N LEU A 258 -0.95 6.85 22.53
CA LEU A 258 -2.13 6.80 21.68
C LEU A 258 -2.51 5.36 21.36
N PRO A 259 -3.73 4.95 21.72
CA PRO A 259 -4.24 3.59 21.45
C PRO A 259 -4.63 3.41 19.99
N ARG A 260 -5.52 2.46 19.73
CA ARG A 260 -5.98 2.18 18.38
C ARG A 260 -7.02 3.20 17.95
N LEU A 261 -6.96 3.62 16.68
CA LEU A 261 -7.90 4.59 16.15
C LEU A 261 -9.12 3.92 15.57
N SER A 262 -10.28 4.52 15.78
CA SER A 262 -11.52 3.98 15.27
C SER A 262 -12.02 4.79 14.08
N LEU A 263 -11.87 4.23 12.88
CA LEU A 263 -12.31 4.90 11.67
C LEU A 263 -13.83 4.80 11.50
N SER A 264 -14.49 5.93 11.59
CA SER A 264 -15.94 5.98 11.45
C SER A 264 -16.33 6.17 9.98
N GLU A 265 -17.51 5.69 9.62
CA GLU A 265 -17.99 5.81 8.25
C GLU A 265 -18.55 7.21 8.02
N VAL A 266 -18.04 7.92 7.03
CA VAL A 266 -18.51 9.26 6.72
C VAL A 266 -19.91 9.22 6.11
N ARG A 267 -20.86 9.74 6.86
CA ARG A 267 -22.25 9.77 6.42
C ARG A 267 -22.41 10.70 5.23
N GLY A 268 -22.64 10.12 4.07
CA GLY A 268 -22.80 10.91 2.87
C GLY A 268 -21.81 10.51 1.79
N MET A 269 -20.73 9.85 2.19
CA MET A 269 -19.71 9.40 1.26
C MET A 269 -19.23 8.00 1.61
N ASP A 270 -19.70 7.02 0.86
CA ASP A 270 -19.32 5.64 1.09
C ASP A 270 -17.88 5.39 0.68
N GLY A 271 -17.18 4.61 1.49
CA GLY A 271 -15.79 4.30 1.21
C GLY A 271 -14.85 5.25 1.93
N ILE A 272 -15.42 6.33 2.43
CA ILE A 272 -14.64 7.34 3.15
C ILE A 272 -14.79 7.14 4.66
N LYS A 273 -13.67 7.06 5.34
CA LYS A 273 -13.64 6.88 6.78
C LYS A 273 -13.01 8.12 7.41
N GLU A 274 -13.29 8.37 8.67
CA GLU A 274 -12.72 9.54 9.35
C GLU A 274 -12.56 9.31 10.85
N THR A 275 -11.68 10.12 11.44
CA THR A 275 -11.42 10.07 12.86
C THR A 275 -10.88 11.43 13.33
N ASN A 276 -11.11 11.76 14.59
CA ASN A 276 -10.66 13.02 15.13
C ASN A 276 -9.87 12.82 16.42
N ILE A 277 -8.64 13.31 16.43
CA ILE A 277 -7.77 13.16 17.59
C ILE A 277 -7.49 14.51 18.24
N THR A 278 -7.90 14.67 19.49
CA THR A 278 -7.69 15.92 20.21
C THR A 278 -6.23 16.04 20.66
N MET A 279 -5.44 16.77 19.88
CA MET A 279 -4.03 16.95 20.17
C MET A 279 -3.80 18.13 21.12
N VAL A 280 -3.35 17.82 22.32
CA VAL A 280 -3.06 18.83 23.32
C VAL A 280 -1.56 18.88 23.56
N PRO A 281 -0.92 20.04 23.32
CA PRO A 281 0.52 20.22 23.50
C PRO A 281 0.98 19.97 24.93
N ALA A 282 2.07 19.23 25.08
CA ALA A 282 2.63 18.91 26.39
C ALA A 282 3.16 20.17 27.07
N PRO A 283 2.80 20.37 28.34
CA PRO A 283 3.24 21.55 29.13
C PRO A 283 4.75 21.64 29.23
N GLY A 284 5.31 22.68 28.63
CA GLY A 284 6.75 22.87 28.67
C GLY A 284 7.43 22.58 27.35
N SER A 285 6.71 21.97 26.43
CA SER A 285 7.28 21.64 25.12
C SER A 285 7.19 22.84 24.18
N LYS A 286 7.97 22.80 23.11
CA LYS A 286 7.98 23.87 22.13
C LYS A 286 6.61 23.95 21.43
N PHE A 287 5.91 22.83 21.39
CA PHE A 287 4.61 22.75 20.77
C PHE A 287 3.61 23.63 21.52
N GLU A 288 3.71 23.62 22.85
CA GLU A 288 2.84 24.42 23.69
C GLU A 288 3.22 25.89 23.58
N GLU A 289 4.51 26.15 23.66
CA GLU A 289 5.04 27.50 23.59
C GLU A 289 4.62 28.18 22.29
N LEU A 290 4.78 27.47 21.18
CA LEU A 290 4.43 28.02 19.87
C LEU A 290 2.94 28.35 19.77
N LEU A 291 2.10 27.37 20.07
CA LEU A 291 0.65 27.53 20.00
C LEU A 291 0.16 28.65 20.92
N LYS A 292 0.76 28.74 22.10
CA LYS A 292 0.37 29.75 23.08
C LYS A 292 0.90 31.13 22.69
N HIS A 293 2.07 31.16 22.07
CA HIS A 293 2.68 32.42 21.67
C HIS A 293 2.00 33.02 20.44
N ARG A 294 1.78 32.20 19.43
CA ARG A 294 1.16 32.67 18.20
C ARG A 294 -0.10 31.88 17.85
N ALA A 295 -1.24 32.47 18.17
CA ALA A 295 -2.52 31.84 17.89
C ALA A 295 -3.25 32.59 16.77
N ALA A 296 -2.64 33.65 16.27
CA ALA A 296 -3.21 34.44 15.21
C ALA A 296 -2.17 34.77 14.16
N GLY A 308 -2.38 27.70 -3.22
CA GLY A 308 -2.64 26.26 -3.36
C GLY A 308 -4.13 25.98 -3.51
N PRO A 309 -4.51 24.91 -4.22
CA PRO A 309 -5.92 24.54 -4.43
C PRO A 309 -6.64 24.28 -3.11
N LEU A 310 -5.91 23.78 -2.13
CA LEU A 310 -6.48 23.48 -0.82
C LEU A 310 -5.96 24.48 0.20
N ALA A 311 -6.85 25.34 0.67
CA ALA A 311 -6.50 26.34 1.66
C ALA A 311 -6.79 25.85 3.07
N TRP A 312 -5.76 25.79 3.89
CA TRP A 312 -5.93 25.34 5.27
C TRP A 312 -6.74 26.35 6.06
N ASP A 313 -7.73 25.87 6.78
CA ASP A 313 -8.62 26.73 7.57
C ASP A 313 -7.97 27.16 8.87
N GLY A 314 -6.76 26.67 9.11
CA GLY A 314 -6.05 27.01 10.32
C GLY A 314 -6.08 25.87 11.31
N GLY A 315 -6.85 24.84 11.00
CA GLY A 315 -6.96 23.69 11.86
C GLY A 315 -8.13 23.83 12.82
N ALA A 316 -8.65 22.70 13.27
CA ALA A 316 -9.77 22.69 14.20
C ALA A 316 -9.26 22.85 15.63
N GLY A 317 -9.00 24.08 16.02
CA GLY A 317 -8.50 24.34 17.36
C GLY A 317 -9.59 24.76 18.33
N PHE A 318 -9.35 24.53 19.60
CA PHE A 318 -10.30 24.89 20.65
C PHE A 318 -9.55 25.38 21.89
N THR A 319 -10.24 26.10 22.77
CA THR A 319 -9.62 26.62 23.97
C THR A 319 -10.60 26.54 25.14
N SER A 320 -10.09 26.23 26.32
CA SER A 320 -10.92 26.13 27.51
C SER A 320 -10.77 27.38 28.37
N GLU A 321 -11.63 27.52 29.38
CA GLU A 321 -11.60 28.67 30.27
C GLU A 321 -10.53 28.54 31.36
N ASP A 322 -9.52 27.74 31.07
CA ASP A 322 -8.42 27.53 32.00
C ASP A 322 -7.15 28.15 31.45
N GLY A 323 -7.23 28.59 30.20
CA GLY A 323 -6.08 29.20 29.56
C GLY A 323 -5.39 28.26 28.59
N ARG A 324 -5.80 27.00 28.60
CA ARG A 324 -5.21 26.02 27.71
C ARG A 324 -6.10 25.76 26.50
N GLY A 325 -5.63 24.92 25.60
CA GLY A 325 -6.38 24.59 24.42
C GLY A 325 -5.69 23.51 23.62
N GLY A 326 -6.24 23.19 22.46
CA GLY A 326 -5.65 22.15 21.62
C GLY A 326 -6.25 22.16 20.25
N ILE A 327 -5.89 21.18 19.44
CA ILE A 327 -6.40 21.07 18.09
C ILE A 327 -6.79 19.64 17.77
N THR A 328 -7.98 19.44 17.23
CA THR A 328 -8.43 18.11 16.87
C THR A 328 -8.05 17.78 15.42
N LEU A 329 -7.07 16.92 15.28
CA LEU A 329 -6.58 16.51 13.97
C LEU A 329 -7.67 15.77 13.20
N ARG A 330 -8.10 16.37 12.09
CA ARG A 330 -9.13 15.79 11.26
C ARG A 330 -8.50 14.83 10.26
N VAL A 331 -8.65 13.54 10.50
CA VAL A 331 -8.09 12.52 9.62
C VAL A 331 -9.18 11.83 8.81
N ALA A 332 -8.96 11.74 7.51
CA ALA A 332 -9.92 11.10 6.62
C ALA A 332 -9.23 10.03 5.77
N VAL A 333 -9.88 8.91 5.59
CA VAL A 333 -9.33 7.81 4.81
C VAL A 333 -10.24 7.51 3.63
N ALA A 334 -9.73 7.75 2.44
CA ALA A 334 -10.48 7.51 1.22
C ALA A 334 -10.10 6.18 0.61
N ASN A 335 -10.97 5.20 0.75
CA ASN A 335 -10.72 3.87 0.20
C ASN A 335 -11.39 3.73 -1.15
N GLY A 336 -10.58 3.69 -2.20
CA GLY A 336 -11.09 3.57 -3.54
C GLY A 336 -10.85 4.84 -4.33
N LEU A 337 -10.21 4.73 -5.48
CA LEU A 337 -9.92 5.89 -6.32
C LEU A 337 -11.19 6.62 -6.73
N GLY A 338 -12.25 5.87 -6.99
CA GLY A 338 -13.51 6.46 -7.37
C GLY A 338 -14.15 7.21 -6.22
N ASN A 339 -13.83 6.78 -5.01
CA ASN A 339 -14.36 7.40 -3.81
C ASN A 339 -13.52 8.61 -3.42
N ALA A 340 -12.20 8.46 -3.56
CA ALA A 340 -11.27 9.54 -3.26
C ALA A 340 -11.53 10.74 -4.14
N LYS A 341 -11.82 10.47 -5.41
CA LYS A 341 -12.11 11.52 -6.38
C LYS A 341 -13.27 12.40 -5.89
N LYS A 342 -14.26 11.76 -5.29
CA LYS A 342 -15.42 12.47 -4.77
C LYS A 342 -15.06 13.28 -3.54
N LEU A 343 -14.26 12.68 -2.66
CA LEU A 343 -13.82 13.35 -1.44
C LEU A 343 -12.97 14.57 -1.76
N ILE A 344 -12.02 14.39 -2.67
CA ILE A 344 -11.13 15.48 -3.09
C ILE A 344 -11.93 16.68 -3.61
N THR A 345 -12.92 16.39 -4.44
CA THR A 345 -13.76 17.44 -5.01
C THR A 345 -14.49 18.20 -3.90
N LYS A 346 -15.05 17.46 -2.94
CA LYS A 346 -15.78 18.06 -1.84
C LYS A 346 -14.85 18.87 -0.94
N MET A 347 -13.60 18.42 -0.82
CA MET A 347 -12.61 19.12 -0.02
C MET A 347 -12.25 20.46 -0.66
N GLN A 348 -12.08 20.43 -1.98
CA GLN A 348 -11.74 21.64 -2.73
C GLN A 348 -12.92 22.61 -2.76
N ALA A 349 -14.12 22.07 -2.59
CA ALA A 349 -15.33 22.89 -2.57
C ALA A 349 -15.61 23.44 -1.18
N GLY A 350 -14.84 22.98 -0.20
CA GLY A 350 -15.02 23.45 1.17
C GLY A 350 -16.16 22.76 1.88
N GLU A 351 -16.63 21.66 1.33
CA GLU A 351 -17.72 20.90 1.93
C GLU A 351 -17.19 20.07 3.09
N ALA A 352 -16.00 19.53 2.91
CA ALA A 352 -15.35 18.72 3.93
C ALA A 352 -13.89 19.14 4.05
N LYS A 353 -13.46 19.47 5.26
CA LYS A 353 -12.09 19.89 5.49
C LYS A 353 -11.39 18.95 6.48
N TYR A 354 -10.25 18.42 6.05
CA TYR A 354 -9.48 17.52 6.89
C TYR A 354 -8.00 17.91 6.82
N ASP A 355 -7.23 17.49 7.81
CA ASP A 355 -5.81 17.83 7.86
C ASP A 355 -4.95 16.69 7.32
N PHE A 356 -5.37 15.47 7.57
CA PHE A 356 -4.64 14.30 7.10
C PHE A 356 -5.58 13.41 6.31
N VAL A 357 -5.20 13.05 5.09
CA VAL A 357 -6.03 12.22 4.26
C VAL A 357 -5.25 11.06 3.66
N GLU A 358 -5.68 9.84 4.00
CA GLU A 358 -5.06 8.64 3.49
C GLU A 358 -5.89 8.16 2.30
N ILE A 359 -5.25 7.88 1.18
CA ILE A 359 -5.97 7.44 0.00
C ILE A 359 -5.49 6.07 -0.48
N MET A 360 -6.43 5.16 -0.60
CA MET A 360 -6.15 3.81 -1.07
C MET A 360 -6.84 3.56 -2.40
N ALA A 361 -6.21 2.79 -3.27
CA ALA A 361 -6.77 2.49 -4.58
C ALA A 361 -7.86 1.43 -4.48
N CYS A 362 -7.76 0.59 -3.45
CA CYS A 362 -8.73 -0.48 -3.25
C CYS A 362 -9.41 -0.32 -1.88
N PRO A 363 -10.75 -0.19 -1.87
CA PRO A 363 -11.53 -0.04 -0.64
C PRO A 363 -11.48 -1.28 0.24
N ALA A 364 -10.94 -2.36 -0.30
CA ALA A 364 -10.82 -3.61 0.43
C ALA A 364 -9.44 -3.74 1.06
N GLY A 365 -8.68 -2.65 1.02
CA GLY A 365 -7.35 -2.66 1.59
C GLY A 365 -6.36 -3.44 0.75
N CYS A 366 -5.33 -3.97 1.39
CA CYS A 366 -4.31 -4.73 0.69
C CYS A 366 -4.68 -6.20 0.62
N VAL A 367 -5.66 -6.60 1.42
CA VAL A 367 -6.11 -8.00 1.44
C VAL A 367 -7.03 -8.28 0.25
N GLY A 368 -7.49 -7.23 -0.40
CA GLY A 368 -8.36 -7.38 -1.55
C GLY A 368 -7.73 -6.85 -2.82
N GLY A 369 -6.40 -6.82 -2.85
CA GLY A 369 -5.68 -6.32 -4.00
C GLY A 369 -5.87 -7.19 -5.24
N GLY A 370 -5.44 -6.67 -6.38
CA GLY A 370 -5.59 -7.40 -7.63
C GLY A 370 -4.71 -8.63 -7.73
N GLY A 371 -3.62 -8.64 -6.98
CA GLY A 371 -2.70 -9.78 -7.02
C GLY A 371 -3.12 -10.89 -6.06
N GLN A 372 -4.14 -10.61 -5.26
CA GLN A 372 -4.65 -11.58 -4.30
C GLN A 372 -5.60 -12.55 -4.98
N PRO A 373 -5.76 -13.76 -4.42
CA PRO A 373 -6.66 -14.77 -4.99
C PRO A 373 -8.12 -14.35 -4.81
N ARG A 374 -9.02 -15.00 -5.52
CA ARG A 374 -10.44 -14.66 -5.41
C ARG A 374 -11.28 -15.90 -5.16
N SER A 375 -12.01 -15.88 -4.05
CA SER A 375 -12.87 -16.98 -3.69
C SER A 375 -14.34 -16.57 -3.83
N THR A 376 -15.25 -17.53 -3.72
CA THR A 376 -16.67 -17.27 -3.84
C THR A 376 -17.21 -16.51 -2.63
N ASP A 377 -16.45 -16.53 -1.55
CA ASP A 377 -16.85 -15.84 -0.33
C ASP A 377 -16.70 -14.34 -0.48
N LYS A 378 -17.76 -13.62 -0.20
CA LYS A 378 -17.77 -12.17 -0.33
C LYS A 378 -17.26 -11.48 0.94
N ALA A 379 -16.99 -12.27 1.96
CA ALA A 379 -16.48 -11.74 3.22
C ALA A 379 -15.04 -12.17 3.42
N ILE A 380 -14.43 -12.64 2.34
CA ILE A 380 -13.05 -13.13 2.37
C ILE A 380 -12.07 -12.00 2.73
N THR A 381 -12.45 -10.77 2.41
CA THR A 381 -11.62 -9.61 2.70
C THR A 381 -11.44 -9.45 4.20
N GLN A 382 -12.55 -9.56 4.93
CA GLN A 382 -12.54 -9.44 6.38
C GLN A 382 -11.81 -10.60 7.02
N LYS A 383 -11.95 -11.79 6.42
CA LYS A 383 -11.29 -12.98 6.92
C LYS A 383 -9.77 -12.81 6.86
N ARG A 384 -9.29 -12.27 5.76
CA ARG A 384 -7.86 -12.04 5.57
C ARG A 384 -7.36 -10.96 6.53
N GLN A 385 -8.14 -9.91 6.69
CA GLN A 385 -7.79 -8.80 7.57
C GLN A 385 -7.73 -9.25 9.03
N ALA A 386 -8.66 -10.12 9.42
CA ALA A 386 -8.72 -10.62 10.79
C ALA A 386 -7.57 -11.57 11.11
N ALA A 387 -7.02 -12.20 10.08
CA ALA A 387 -5.93 -13.16 10.27
C ALA A 387 -4.56 -12.57 9.95
N LEU A 388 -4.50 -11.24 9.83
CA LEU A 388 -3.23 -10.57 9.53
C LEU A 388 -2.26 -10.71 10.69
N TYR A 389 -2.79 -10.64 11.90
CA TYR A 389 -2.00 -10.75 13.11
C TYR A 389 -2.72 -11.66 14.10
N ASN A 390 -1.97 -12.30 14.98
CA ASN A 390 -2.56 -13.16 15.98
C ASN A 390 -3.03 -12.33 17.16
N LEU A 391 -3.85 -12.93 18.02
CA LEU A 391 -4.40 -12.24 19.20
C LEU A 391 -3.29 -11.64 20.05
N ASP A 392 -2.14 -12.31 20.10
CA ASP A 392 -1.00 -11.84 20.87
C ASP A 392 -0.49 -10.51 20.33
N GLU A 393 -0.19 -10.50 19.03
CA GLU A 393 0.32 -9.30 18.37
C GLU A 393 -0.71 -8.17 18.40
N LYS A 394 -1.98 -8.54 18.32
CA LYS A 394 -3.07 -7.56 18.34
C LYS A 394 -3.17 -6.86 19.70
N SER A 395 -2.80 -7.56 20.76
CA SER A 395 -2.86 -6.99 22.10
C SER A 395 -1.53 -6.38 22.50
N THR A 396 -0.61 -6.30 21.56
CA THR A 396 0.70 -5.74 21.82
C THR A 396 0.97 -4.56 20.88
N LEU A 397 0.83 -3.35 21.40
CA LEU A 397 1.07 -2.15 20.62
C LEU A 397 2.55 -1.81 20.60
N ARG A 398 3.13 -1.73 19.42
CA ARG A 398 4.55 -1.45 19.28
C ARG A 398 4.79 -0.21 18.41
N ARG A 399 5.86 0.50 18.70
CA ARG A 399 6.22 1.69 17.93
C ARG A 399 7.56 1.49 17.23
N SER A 400 7.64 1.90 15.97
CA SER A 400 8.85 1.75 15.19
C SER A 400 10.02 2.56 15.76
N HIS A 401 9.70 3.67 16.43
CA HIS A 401 10.73 4.53 17.01
C HIS A 401 11.38 3.90 18.26
N GLU A 402 10.99 2.67 18.56
CA GLU A 402 11.53 1.96 19.70
C GLU A 402 12.17 0.64 19.27
N ASN A 403 12.39 0.50 17.96
CA ASN A 403 12.99 -0.70 17.41
C ASN A 403 14.51 -0.58 17.41
N PRO A 404 15.20 -1.47 18.16
CA PRO A 404 16.66 -1.46 18.25
C PRO A 404 17.34 -1.57 16.88
N SER A 405 16.73 -2.32 15.97
CA SER A 405 17.29 -2.49 14.64
C SER A 405 17.17 -1.20 13.83
N ILE A 406 16.04 -0.51 14.00
CA ILE A 406 15.81 0.74 13.28
C ILE A 406 16.71 1.84 13.82
N ARG A 407 16.84 1.90 15.14
CA ARG A 407 17.68 2.89 15.80
C ARG A 407 19.14 2.74 15.39
N GLU A 408 19.58 1.50 15.21
CA GLU A 408 20.95 1.21 14.80
C GLU A 408 21.22 1.80 13.41
N LEU A 409 20.32 1.50 12.48
CA LEU A 409 20.45 1.98 11.10
C LEU A 409 20.39 3.51 11.05
N TYR A 410 19.53 4.09 11.88
CA TYR A 410 19.37 5.53 11.93
C TYR A 410 20.55 6.19 12.64
N ASP A 411 21.39 5.41 13.29
CA ASP A 411 22.51 5.97 14.01
C ASP A 411 23.81 5.92 13.22
N THR A 412 24.18 4.76 12.71
CA THR A 412 25.44 4.62 11.99
C THR A 412 25.31 4.68 10.47
N TYR A 413 24.19 5.19 9.95
CA TYR A 413 24.02 5.28 8.51
C TYR A 413 23.03 6.37 8.08
N LEU A 414 21.78 6.22 8.47
CA LEU A 414 20.75 7.18 8.09
C LEU A 414 20.95 8.55 8.74
N GLY A 415 21.13 8.56 10.05
CA GLY A 415 21.32 9.81 10.75
C GLY A 415 20.01 10.37 11.27
N GLU A 416 19.78 11.64 11.03
CA GLU A 416 18.55 12.28 11.48
C GLU A 416 17.44 12.10 10.46
N PRO A 417 16.19 11.94 10.93
CA PRO A 417 15.02 11.76 10.05
C PRO A 417 14.86 12.95 9.11
N LEU A 418 14.36 12.67 7.91
CA LEU A 418 14.15 13.70 6.88
C LEU A 418 15.48 14.34 6.46
N GLY A 419 16.58 13.66 6.77
CA GLY A 419 17.89 14.15 6.42
C GLY A 419 18.21 13.98 4.95
N HIS A 420 19.43 14.34 4.56
CA HIS A 420 19.86 14.25 3.17
C HIS A 420 19.84 12.79 2.68
N LYS A 421 20.46 11.90 3.44
CA LYS A 421 20.51 10.49 3.06
C LYS A 421 19.12 9.89 3.04
N ALA A 422 18.30 10.29 4.00
CA ALA A 422 16.92 9.81 4.08
C ALA A 422 16.12 10.32 2.88
N HIS A 423 16.47 11.52 2.44
CA HIS A 423 15.79 12.15 1.31
C HIS A 423 16.11 11.41 0.00
N GLU A 424 17.29 10.83 -0.08
CA GLU A 424 17.72 10.13 -1.27
C GLU A 424 17.21 8.68 -1.32
N LEU A 425 17.26 8.00 -0.18
CA LEU A 425 16.87 6.60 -0.12
C LEU A 425 15.42 6.36 0.33
N LEU A 426 14.98 7.09 1.36
CA LEU A 426 13.64 6.91 1.89
C LEU A 426 12.61 7.87 1.30
N HIS A 427 13.07 8.94 0.69
CA HIS A 427 12.15 9.92 0.10
C HIS A 427 12.31 9.95 -1.42
N THR A 428 11.41 10.66 -2.09
CA THR A 428 11.47 10.75 -3.55
C THR A 428 10.62 11.92 -4.05
N HIS A 429 10.53 12.06 -5.38
CA HIS A 429 9.76 13.12 -5.99
C HIS A 429 8.81 12.57 -7.04
N TYR A 430 7.75 13.31 -7.34
CA TYR A 430 6.78 12.89 -8.33
C TYR A 430 6.84 13.78 -9.57
N VAL A 431 6.26 13.34 -10.67
CA VAL A 431 6.27 14.12 -11.90
C VAL A 431 4.87 14.45 -12.38
N ALA A 432 4.51 15.73 -12.28
CA ALA A 432 3.20 16.20 -12.70
C ALA A 432 3.07 16.06 -14.22
N GLY A 433 2.15 15.21 -14.65
CA GLY A 433 1.95 14.99 -16.06
C GLY A 433 2.12 13.53 -16.43
N GLY A 434 2.73 12.78 -15.52
CA GLY A 434 2.95 11.36 -15.76
C GLY A 434 4.42 11.04 -15.89
N VAL A 435 4.80 9.87 -15.38
CA VAL A 435 6.19 9.43 -15.44
C VAL A 435 6.41 8.49 -16.62
N TYR B 1 -26.58 -9.70 -23.58
CA TYR B 1 -25.50 -9.52 -24.57
C TYR B 1 -24.40 -10.56 -24.37
N LYS B 2 -23.88 -11.07 -25.47
CA LYS B 2 -22.83 -12.07 -25.42
C LYS B 2 -21.47 -11.39 -25.43
N VAL B 3 -20.86 -11.31 -24.26
CA VAL B 3 -19.56 -10.67 -24.13
C VAL B 3 -18.47 -11.70 -23.82
N THR B 4 -17.46 -11.74 -24.66
CA THR B 4 -16.36 -12.67 -24.47
C THR B 4 -15.29 -12.03 -23.60
N LEU B 5 -15.03 -12.64 -22.45
CA LEU B 5 -14.02 -12.13 -21.55
C LEU B 5 -12.68 -12.77 -21.83
N LYS B 6 -11.68 -11.94 -22.04
CA LYS B 6 -10.33 -12.41 -22.33
C LYS B 6 -9.56 -12.67 -21.06
N THR B 7 -9.89 -13.77 -20.40
CA THR B 7 -9.22 -14.16 -19.18
C THR B 7 -7.85 -14.76 -19.50
N PRO B 8 -6.86 -14.58 -18.62
CA PRO B 8 -5.51 -15.12 -18.84
C PRO B 8 -5.51 -16.65 -18.87
N SER B 9 -6.62 -17.24 -18.45
CA SER B 9 -6.77 -18.68 -18.43
C SER B 9 -7.52 -19.16 -19.67
N GLY B 10 -7.92 -18.22 -20.52
CA GLY B 10 -8.64 -18.57 -21.72
C GLY B 10 -9.85 -17.68 -21.92
N ASP B 11 -10.25 -17.51 -23.17
CA ASP B 11 -11.41 -16.69 -23.50
C ASP B 11 -12.71 -17.42 -23.18
N LYS B 12 -13.69 -16.68 -22.66
CA LYS B 12 -14.98 -17.25 -22.31
C LYS B 12 -16.10 -16.25 -22.58
N THR B 13 -17.06 -16.65 -23.41
CA THR B 13 -18.19 -15.79 -23.73
C THR B 13 -19.28 -15.98 -22.69
N ILE B 14 -19.65 -14.91 -22.02
CA ILE B 14 -20.67 -14.96 -20.98
C ILE B 14 -21.92 -14.20 -21.37
N GLU B 15 -23.05 -14.66 -20.86
CA GLU B 15 -24.34 -14.04 -21.12
C GLU B 15 -24.64 -13.01 -20.04
N CYS B 16 -24.44 -11.74 -20.36
CA CYS B 16 -24.67 -10.66 -19.42
C CYS B 16 -25.83 -9.77 -19.86
N PRO B 17 -26.79 -9.53 -18.96
CA PRO B 17 -27.95 -8.68 -19.24
C PRO B 17 -27.54 -7.22 -19.33
N ALA B 18 -28.42 -6.37 -19.88
CA ALA B 18 -28.13 -4.95 -20.01
C ALA B 18 -28.38 -4.21 -18.70
N ASP B 19 -29.08 -4.87 -17.78
CA ASP B 19 -29.38 -4.26 -16.49
C ASP B 19 -28.49 -4.84 -15.41
N THR B 20 -27.45 -5.55 -15.83
CA THR B 20 -26.51 -6.15 -14.90
C THR B 20 -25.09 -5.95 -15.39
N TYR B 21 -24.16 -5.72 -14.47
CA TYR B 21 -22.77 -5.51 -14.81
C TYR B 21 -22.11 -6.82 -15.22
N ILE B 22 -21.11 -6.72 -16.10
CA ILE B 22 -20.38 -7.89 -16.61
C ILE B 22 -19.80 -8.74 -15.48
N LEU B 23 -19.42 -8.08 -14.39
CA LEU B 23 -18.85 -8.76 -13.23
C LEU B 23 -19.74 -9.90 -12.69
N ASP B 24 -21.04 -9.63 -12.61
CA ASP B 24 -21.98 -10.62 -12.08
C ASP B 24 -22.01 -11.89 -12.93
N ALA B 25 -21.98 -11.73 -14.24
CA ALA B 25 -22.00 -12.86 -15.15
C ALA B 25 -20.64 -13.57 -15.17
N ALA B 26 -19.58 -12.80 -14.94
CA ALA B 26 -18.22 -13.35 -14.93
C ALA B 26 -18.06 -14.39 -13.83
N GLU B 27 -18.48 -14.05 -12.62
CA GLU B 27 -18.37 -14.96 -11.50
C GLU B 27 -19.35 -16.12 -11.61
N GLU B 28 -20.47 -15.88 -12.31
CA GLU B 28 -21.48 -16.90 -12.51
C GLU B 28 -20.91 -18.01 -13.39
N ALA B 29 -20.10 -17.60 -14.37
CA ALA B 29 -19.47 -18.55 -15.28
C ALA B 29 -18.22 -19.17 -14.66
N GLY B 30 -17.82 -18.64 -13.51
CA GLY B 30 -16.66 -19.14 -12.81
C GLY B 30 -15.37 -18.57 -13.35
N LEU B 31 -15.40 -17.32 -13.77
CA LEU B 31 -14.22 -16.66 -14.30
C LEU B 31 -13.49 -15.88 -13.22
N ASP B 32 -12.21 -15.62 -13.46
CA ASP B 32 -11.38 -14.88 -12.51
C ASP B 32 -11.43 -13.38 -12.78
N LEU B 33 -12.02 -12.66 -11.85
CA LEU B 33 -12.13 -11.21 -11.96
C LEU B 33 -11.79 -10.57 -10.61
N PRO B 34 -10.83 -9.64 -10.60
CA PRO B 34 -10.39 -8.96 -9.38
C PRO B 34 -11.42 -7.96 -8.84
N TYR B 35 -12.56 -8.47 -8.40
CA TYR B 35 -13.61 -7.62 -7.84
C TYR B 35 -13.44 -7.45 -6.33
N SER B 36 -14.16 -6.50 -5.75
CA SER B 36 -14.06 -6.23 -4.33
C SER B 36 -15.36 -5.63 -3.74
N CYS B 37 -15.40 -4.29 -3.64
CA CYS B 37 -16.55 -3.60 -3.06
C CYS B 37 -17.78 -3.62 -3.97
N ARG B 38 -17.58 -3.85 -5.27
CA ARG B 38 -18.68 -3.90 -6.24
C ARG B 38 -19.33 -2.52 -6.43
N ALA B 39 -18.64 -1.46 -5.99
CA ALA B 39 -19.16 -0.10 -6.10
C ALA B 39 -18.61 0.64 -7.33
N GLY B 40 -17.67 0.01 -8.03
CA GLY B 40 -17.09 0.62 -9.21
C GLY B 40 -16.10 1.72 -8.90
N ALA B 41 -15.46 1.65 -7.73
CA ALA B 41 -14.49 2.65 -7.34
C ALA B 41 -13.05 2.13 -7.42
N CYS B 42 -12.91 0.91 -7.92
CA CYS B 42 -11.59 0.29 -8.05
C CYS B 42 -11.16 0.22 -9.52
N SER B 43 -9.95 0.69 -9.80
CA SER B 43 -9.42 0.68 -11.15
C SER B 43 -8.87 -0.71 -11.48
N SER B 44 -8.81 -1.57 -10.47
CA SER B 44 -8.34 -2.93 -10.64
C SER B 44 -9.40 -3.76 -11.36
N CYS B 45 -10.62 -3.26 -11.37
CA CYS B 45 -11.73 -3.93 -12.03
C CYS B 45 -12.04 -3.25 -13.35
N ALA B 46 -11.02 -2.62 -13.93
CA ALA B 46 -11.16 -1.94 -15.20
C ALA B 46 -10.66 -2.81 -16.34
N GLY B 47 -11.59 -3.34 -17.12
CA GLY B 47 -11.24 -4.19 -18.23
C GLY B 47 -10.74 -3.43 -19.44
N LYS B 48 -10.29 -4.16 -20.45
CA LYS B 48 -9.78 -3.55 -21.67
C LYS B 48 -10.67 -3.89 -22.85
N VAL B 49 -10.92 -2.89 -23.70
CA VAL B 49 -11.78 -3.06 -24.85
C VAL B 49 -11.03 -3.70 -26.02
N ALA B 50 -11.39 -4.95 -26.31
CA ALA B 50 -10.79 -5.67 -27.42
C ALA B 50 -11.64 -5.47 -28.66
N ALA B 51 -12.94 -5.28 -28.43
CA ALA B 51 -13.91 -5.07 -29.49
C ALA B 51 -15.21 -4.56 -28.88
N GLY B 52 -16.01 -3.86 -29.67
CA GLY B 52 -17.28 -3.34 -29.19
C GLY B 52 -17.11 -2.20 -28.18
N THR B 53 -18.20 -1.88 -27.49
CA THR B 53 -18.17 -0.81 -26.49
C THR B 53 -19.17 -1.11 -25.36
N VAL B 54 -18.90 -0.56 -24.18
CA VAL B 54 -19.78 -0.74 -23.03
C VAL B 54 -20.29 0.61 -22.55
N ASP B 55 -21.34 0.60 -21.74
CA ASP B 55 -21.91 1.85 -21.24
C ASP B 55 -21.35 2.23 -19.88
N GLN B 56 -20.57 3.30 -19.87
CA GLN B 56 -19.98 3.82 -18.65
C GLN B 56 -19.91 5.34 -18.73
N SER B 57 -20.09 6.01 -17.60
CA SER B 57 -20.07 7.46 -17.58
C SER B 57 -18.77 7.96 -16.93
N ASP B 58 -18.56 7.58 -15.67
CA ASP B 58 -17.38 7.98 -14.93
C ASP B 58 -17.18 7.02 -13.76
N GLN B 59 -15.93 6.69 -13.48
CA GLN B 59 -15.62 5.77 -12.40
C GLN B 59 -14.46 6.27 -11.53
N SER B 60 -13.27 5.73 -11.75
CA SER B 60 -12.12 6.13 -10.96
C SER B 60 -11.06 6.83 -11.82
N PHE B 61 -10.02 6.10 -12.17
CA PHE B 61 -8.94 6.63 -12.99
C PHE B 61 -9.08 6.15 -14.42
N LEU B 62 -10.02 6.76 -15.14
CA LEU B 62 -10.27 6.40 -16.53
C LEU B 62 -11.13 7.46 -17.20
N ASP B 63 -10.50 8.23 -18.09
CA ASP B 63 -11.19 9.28 -18.82
C ASP B 63 -11.66 8.75 -20.17
N ASP B 64 -12.58 9.48 -20.81
CA ASP B 64 -13.10 9.10 -22.12
C ASP B 64 -11.98 8.93 -23.14
N ALA B 65 -10.88 9.66 -22.95
CA ALA B 65 -9.72 9.58 -23.83
C ALA B 65 -9.13 8.18 -23.79
N GLN B 66 -9.30 7.53 -22.64
CA GLN B 66 -8.80 6.18 -22.45
C GLN B 66 -9.87 5.17 -22.86
N MET B 67 -11.13 5.57 -22.71
CA MET B 67 -12.27 4.71 -23.06
C MET B 67 -12.19 4.31 -24.53
N GLY B 68 -12.07 5.31 -25.40
CA GLY B 68 -11.97 5.04 -26.82
C GLY B 68 -10.65 4.41 -27.20
N ASN B 69 -9.69 4.49 -26.29
CA ASN B 69 -8.36 3.92 -26.51
C ASN B 69 -8.37 2.43 -26.22
N GLY B 70 -9.47 1.95 -25.64
CA GLY B 70 -9.59 0.54 -25.33
C GLY B 70 -9.56 0.24 -23.85
N PHE B 71 -10.02 1.17 -23.03
CA PHE B 71 -10.03 0.98 -21.58
C PHE B 71 -11.41 1.30 -21.01
N VAL B 72 -11.97 0.38 -20.21
CA VAL B 72 -13.28 0.59 -19.60
C VAL B 72 -13.32 -0.02 -18.20
N LEU B 73 -14.52 -0.17 -17.66
CA LEU B 73 -14.71 -0.75 -16.33
C LEU B 73 -15.59 -1.99 -16.44
N THR B 74 -15.29 -3.00 -15.64
CA THR B 74 -16.07 -4.23 -15.65
C THR B 74 -16.81 -4.43 -14.33
N CYS B 75 -16.57 -3.53 -13.38
CA CYS B 75 -17.19 -3.63 -12.07
C CYS B 75 -18.68 -3.29 -12.08
N VAL B 76 -19.04 -2.10 -12.54
CA VAL B 76 -20.43 -1.68 -12.58
C VAL B 76 -20.87 -1.23 -13.97
N ALA B 77 -20.18 -1.70 -14.98
CA ALA B 77 -20.51 -1.33 -16.35
C ALA B 77 -21.06 -2.53 -17.11
N TYR B 78 -21.89 -2.26 -18.11
CA TYR B 78 -22.49 -3.29 -18.92
C TYR B 78 -22.24 -2.99 -20.40
N PRO B 79 -22.16 -4.03 -21.25
CA PRO B 79 -21.92 -3.86 -22.67
C PRO B 79 -23.18 -3.41 -23.41
N THR B 80 -23.07 -2.34 -24.18
CA THR B 80 -24.19 -1.82 -24.94
C THR B 80 -24.46 -2.73 -26.14
N SER B 81 -23.47 -3.55 -26.48
CA SER B 81 -23.56 -4.48 -27.58
C SER B 81 -22.65 -5.68 -27.31
N ASP B 82 -22.80 -6.73 -28.10
CA ASP B 82 -21.96 -7.91 -27.96
C ASP B 82 -20.51 -7.53 -28.27
N CYS B 83 -19.60 -7.81 -27.36
CA CYS B 83 -18.22 -7.42 -27.54
C CYS B 83 -17.24 -8.37 -26.87
N THR B 84 -15.99 -7.95 -26.81
CA THR B 84 -14.92 -8.71 -26.19
C THR B 84 -14.14 -7.80 -25.23
N ILE B 85 -14.00 -8.22 -23.98
CA ILE B 85 -13.31 -7.41 -22.97
C ILE B 85 -12.25 -8.21 -22.23
N GLN B 86 -11.06 -7.63 -22.08
CA GLN B 86 -9.97 -8.29 -21.36
C GLN B 86 -10.16 -8.06 -19.87
N THR B 87 -9.77 -9.02 -19.05
CA THR B 87 -9.96 -8.90 -17.60
C THR B 87 -8.75 -8.36 -16.84
N HIS B 88 -7.93 -9.27 -16.33
CA HIS B 88 -6.75 -8.91 -15.52
C HIS B 88 -5.68 -8.14 -16.30
N GLN B 89 -5.79 -6.82 -16.31
CA GLN B 89 -4.83 -5.96 -16.97
C GLN B 89 -4.76 -4.62 -16.27
N GLU B 90 -3.77 -4.46 -15.39
CA GLU B 90 -3.58 -3.22 -14.65
C GLU B 90 -2.22 -2.60 -14.95
N GLU B 91 -1.61 -3.02 -16.06
CA GLU B 91 -0.31 -2.50 -16.45
C GLU B 91 -0.44 -1.56 -17.65
N ALA B 92 -1.62 -1.57 -18.27
CA ALA B 92 -1.88 -0.71 -19.41
C ALA B 92 -3.04 0.24 -19.15
N LEU B 93 -2.73 1.35 -18.47
CA LEU B 93 -3.69 2.39 -18.12
C LEU B 93 -3.03 3.50 -17.32
N TYR B 94 -2.47 4.47 -18.03
CA TYR B 94 -1.79 5.59 -17.40
C TYR B 94 -1.72 6.74 -18.38
#